data_2P2N
#
_entry.id   2P2N
#
_cell.length_a   90.315
_cell.length_b   89.757
_cell.length_c   93.083
_cell.angle_alpha   90.00
_cell.angle_beta   117.03
_cell.angle_gamma   90.00
#
_symmetry.space_group_name_H-M   'P 1 21 1'
#
loop_
_entity.id
_entity.type
_entity.pdbx_description
1 polymer 'L-ASPARAGINASE I'
2 non-polymer 'CHLORIDE ION'
3 non-polymer 'ASPARTIC ACID'
4 non-polymer ASPARAGINE
5 non-polymer 1,2-ETHANEDIOL
6 water water
#
_entity_poly.entity_id   1
_entity_poly.type   'polypeptide(L)'
_entity_poly.pdbx_seq_one_letter_code
;MGSSHHHHHHSSGLVPRGSHMQKKSIYVAYTGGTIGMQRSEQGYIPVSGHLQRQLALMPEFHRPEMPDFTIHEYTPLMDS
SDMTPEDWQHIAEDIKAHYDDYDGFVILHGTDTMAYTASALSFMLENLGKPVIVTGSQIPLAELRSDGQINLLNALYVAA
NYPINEVTLFFNNRLYRGNRTTKAHADGFDAFASPNLPPLLEAGIHIRRLNTPPAPHGEGELIVHPITPQPIGVVTIYPG
ISADVVRNFLRQPVKALILRSYGVGNAPQNKAFLQELQEASDRGIVVVNLTQCMSGKVNMGGYATGNALAHAGVIGGADM
TVEATLTKLHYLLSQELDTETIRKAMSQNLRGELTPDD
;
_entity_poly.pdbx_strand_id   A,B,C,D
#
loop_
_chem_comp.id
_chem_comp.type
_chem_comp.name
_chem_comp.formula
CL non-polymer 'CHLORIDE ION' 'Cl -1'
EDO non-polymer 1,2-ETHANEDIOL 'C2 H6 O2'
#
# COMPACT_ATOMS: atom_id res chain seq x y z
N LYS A 23 36.92 6.55 -11.11
CA LYS A 23 36.19 6.47 -9.81
C LYS A 23 35.54 7.81 -9.48
N LYS A 24 34.25 7.79 -9.13
CA LYS A 24 33.51 9.01 -8.81
C LYS A 24 33.93 9.58 -7.47
N SER A 25 33.73 10.89 -7.31
CA SER A 25 34.00 11.57 -6.04
C SER A 25 32.76 12.36 -5.62
N ILE A 26 32.26 12.07 -4.42
CA ILE A 26 31.00 12.65 -3.96
C ILE A 26 31.31 13.55 -2.77
N TYR A 27 30.72 14.75 -2.76
CA TYR A 27 30.83 15.65 -1.60
C TYR A 27 29.65 15.43 -0.66
N VAL A 28 29.95 15.34 0.63
CA VAL A 28 28.93 15.16 1.69
C VAL A 28 28.89 16.38 2.63
N ALA A 29 27.77 17.09 2.62
CA ALA A 29 27.58 18.18 3.58
C ALA A 29 26.85 17.61 4.78
N TYR A 30 27.58 17.49 5.90
CA TYR A 30 26.99 17.06 7.15
C TYR A 30 26.46 18.30 7.88
N THR A 31 25.18 18.58 7.70
CA THR A 31 24.58 19.83 8.19
C THR A 31 24.11 19.64 9.63
N GLY A 32 23.89 18.39 10.01
CA GLY A 32 23.46 18.02 11.34
C GLY A 32 22.40 16.95 11.32
N GLY A 33 21.55 16.99 12.34
CA GLY A 33 20.41 16.12 12.42
C GLY A 33 20.63 14.82 13.17
N THR A 34 19.55 14.04 13.24
CA THR A 34 19.51 12.81 14.03
C THR A 34 20.71 11.93 13.72
N ILE A 35 20.95 11.71 12.42
CA ILE A 35 22.02 10.83 11.96
C ILE A 35 23.34 10.92 12.75
N GLY A 36 23.69 12.12 13.19
CA GLY A 36 24.98 12.34 13.84
C GLY A 36 24.97 12.53 15.35
N MET A 37 23.80 12.35 15.95
CA MET A 37 23.62 12.57 17.39
C MET A 37 23.94 11.33 18.22
N GLU A 60 32.59 -1.22 4.92
CA GLU A 60 31.68 -1.18 3.77
C GLU A 60 31.78 0.16 3.05
N PHE A 61 31.98 1.23 3.81
CA PHE A 61 32.03 2.58 3.27
C PHE A 61 33.26 2.87 2.41
N HIS A 62 34.34 2.13 2.65
CA HIS A 62 35.60 2.37 1.93
C HIS A 62 35.98 1.21 0.99
N ARG A 63 35.05 0.28 0.78
CA ARG A 63 35.27 -0.85 -0.12
C ARG A 63 35.33 -0.42 -1.61
N PRO A 64 35.91 -1.27 -2.49
CA PRO A 64 36.19 -0.91 -3.90
C PRO A 64 35.00 -0.55 -4.80
N GLU A 65 33.78 -0.93 -4.41
CA GLU A 65 32.60 -0.61 -5.20
C GLU A 65 32.08 0.81 -4.93
N MET A 66 32.46 1.36 -3.78
CA MET A 66 32.00 2.69 -3.34
C MET A 66 32.72 3.86 -4.03
N PRO A 67 32.00 4.97 -4.25
CA PRO A 67 32.70 6.14 -4.74
C PRO A 67 33.61 6.72 -3.65
N ASP A 68 34.56 7.56 -4.04
CA ASP A 68 35.29 8.35 -3.07
C ASP A 68 34.32 9.39 -2.50
N PHE A 69 34.48 9.76 -1.24
CA PHE A 69 33.64 10.80 -0.66
C PHE A 69 34.38 11.59 0.41
N THR A 70 34.01 12.85 0.55
CA THR A 70 34.59 13.73 1.56
C THR A 70 33.44 14.32 2.36
N ILE A 71 33.60 14.33 3.67
CA ILE A 71 32.57 14.87 4.56
C ILE A 71 33.02 16.23 5.10
N HIS A 72 32.15 17.22 4.93
CA HIS A 72 32.30 18.51 5.55
C HIS A 72 31.28 18.64 6.66
N GLU A 73 31.77 18.61 7.90
CA GLU A 73 30.94 18.83 9.07
C GLU A 73 30.70 20.32 9.27
N TYR A 74 29.43 20.72 9.27
CA TYR A 74 29.06 22.11 9.44
C TYR A 74 29.38 22.58 10.86
N THR A 75 29.56 23.89 11.03
CA THR A 75 29.73 24.51 12.36
C THR A 75 28.87 25.79 12.46
N PRO A 76 27.84 25.79 13.33
CA PRO A 76 27.41 24.72 14.22
C PRO A 76 26.63 23.64 13.47
N LEU A 77 26.56 22.45 14.09
CA LEU A 77 25.66 21.39 13.64
C LEU A 77 24.27 21.71 14.14
N MET A 78 23.28 21.51 13.30
CA MET A 78 21.94 21.95 13.66
C MET A 78 20.90 20.83 13.70
N ASP A 79 20.04 20.90 14.71
CA ASP A 79 18.78 20.18 14.69
C ASP A 79 17.95 20.81 13.59
N SER A 80 17.42 20.00 12.68
CA SER A 80 16.68 20.58 11.56
C SER A 80 15.40 21.35 11.98
N SER A 81 14.86 21.07 13.17
CA SER A 81 13.72 21.84 13.69
C SER A 81 14.08 23.31 13.94
N ASP A 82 15.38 23.59 13.99
CA ASP A 82 15.92 24.94 14.27
C ASP A 82 16.23 25.75 12.99
N MET A 83 16.11 25.11 11.83
CA MET A 83 16.43 25.72 10.54
C MET A 83 15.58 26.93 10.24
N THR A 84 16.22 27.93 9.66
CA THR A 84 15.55 29.11 9.16
C THR A 84 15.82 29.14 7.66
N PRO A 85 15.05 29.96 6.92
CA PRO A 85 15.31 30.04 5.48
C PRO A 85 16.75 30.45 5.12
N GLU A 86 17.41 31.25 5.96
CA GLU A 86 18.82 31.59 5.74
C GLU A 86 19.77 30.37 5.75
N ASP A 87 19.37 29.30 6.45
CA ASP A 87 20.12 28.05 6.43
C ASP A 87 20.04 27.34 5.08
N TRP A 88 18.92 27.51 4.35
CA TRP A 88 18.85 27.02 2.96
C TRP A 88 19.90 27.71 2.12
N GLN A 89 20.03 29.03 2.33
CA GLN A 89 21.03 29.80 1.64
C GLN A 89 22.46 29.29 1.88
N HIS A 90 22.82 29.04 3.15
CA HIS A 90 24.17 28.57 3.50
C HIS A 90 24.48 27.25 2.78
N ILE A 91 23.49 26.33 2.75
CA ILE A 91 23.65 25.06 2.05
C ILE A 91 23.81 25.26 0.54
N ALA A 92 22.96 26.10 -0.08
CA ALA A 92 23.05 26.31 -1.55
C ALA A 92 24.42 26.86 -1.94
N GLU A 93 24.92 27.82 -1.14
CA GLU A 93 26.24 28.43 -1.38
C GLU A 93 27.40 27.46 -1.13
N ASP A 94 27.25 26.55 -0.16
CA ASP A 94 28.18 25.43 0.08
C ASP A 94 28.22 24.47 -1.14
N ILE A 95 27.06 24.15 -1.69
CA ILE A 95 27.03 23.35 -2.89
C ILE A 95 27.71 24.12 -4.04
N LYS A 96 27.49 25.42 -4.09
CA LYS A 96 28.03 26.25 -5.17
C LYS A 96 29.56 26.22 -5.18
N ALA A 97 30.16 26.47 -4.00
CA ALA A 97 31.63 26.41 -3.79
C ALA A 97 32.27 25.07 -4.23
N HIS A 98 31.61 23.96 -3.91
CA HIS A 98 32.10 22.59 -4.24
C HIS A 98 31.69 21.97 -5.58
N TYR A 99 30.84 22.68 -6.33
CA TYR A 99 30.16 22.13 -7.51
C TYR A 99 31.11 21.52 -8.56
N ASP A 100 32.06 22.33 -8.99
CA ASP A 100 33.02 21.91 -10.03
C ASP A 100 33.89 20.70 -9.67
N ASP A 101 34.09 20.46 -8.38
CA ASP A 101 35.11 19.51 -7.94
C ASP A 101 34.60 18.14 -7.51
N TYR A 102 33.31 17.92 -7.66
CA TYR A 102 32.72 16.66 -7.28
C TYR A 102 31.72 16.24 -8.32
N ASP A 103 31.45 14.93 -8.40
CA ASP A 103 30.51 14.41 -9.37
C ASP A 103 29.06 14.38 -8.88
N GLY A 104 28.88 14.56 -7.58
CA GLY A 104 27.55 14.52 -6.97
C GLY A 104 27.59 15.06 -5.54
N PHE A 105 26.43 15.33 -4.98
CA PHE A 105 26.38 15.99 -3.67
C PHE A 105 25.39 15.28 -2.81
N VAL A 106 25.79 14.96 -1.58
CA VAL A 106 24.87 14.35 -0.60
C VAL A 106 24.79 15.31 0.57
N ILE A 107 23.56 15.66 0.94
CA ILE A 107 23.28 16.56 2.03
C ILE A 107 22.70 15.79 3.22
N LEU A 108 23.49 15.69 4.28
CA LEU A 108 23.06 15.03 5.50
C LEU A 108 22.35 16.03 6.39
N HIS A 109 21.15 15.64 6.83
CA HIS A 109 20.16 16.60 7.31
C HIS A 109 19.19 15.89 8.28
N GLY A 110 18.75 16.62 9.29
CA GLY A 110 17.69 16.19 10.17
C GLY A 110 16.40 15.96 9.41
N THR A 111 15.59 15.04 9.89
CA THR A 111 14.39 14.71 9.15
C THR A 111 13.24 15.70 9.29
N ASP A 112 13.16 16.44 10.42
CA ASP A 112 12.00 17.29 10.69
C ASP A 112 11.71 18.28 9.56
N THR A 113 12.77 18.85 8.97
CA THR A 113 12.55 19.84 7.90
C THR A 113 13.33 19.49 6.63
N MET A 114 13.69 18.21 6.47
CA MET A 114 14.44 17.80 5.29
C MET A 114 13.73 18.19 3.98
N ALA A 115 12.41 17.98 3.96
CA ALA A 115 11.57 18.28 2.80
C ALA A 115 11.50 19.76 2.44
N TYR A 116 11.56 20.63 3.46
CA TYR A 116 11.64 22.06 3.24
C TYR A 116 12.96 22.43 2.57
N THR A 117 14.07 21.95 3.14
CA THR A 117 15.39 22.14 2.54
C THR A 117 15.49 21.61 1.11
N ALA A 118 15.09 20.34 0.89
CA ALA A 118 15.11 19.76 -0.46
C ALA A 118 14.35 20.65 -1.45
N SER A 119 13.15 21.06 -1.04
CA SER A 119 12.29 21.89 -1.85
C SER A 119 12.98 23.21 -2.13
N ALA A 120 13.53 23.86 -1.10
CA ALA A 120 14.23 25.16 -1.29
C ALA A 120 15.38 25.06 -2.30
N LEU A 121 16.22 24.03 -2.12
CA LEU A 121 17.40 23.85 -2.97
C LEU A 121 16.99 23.67 -4.44
N SER A 122 15.84 23.04 -4.68
CA SER A 122 15.37 22.86 -6.06
C SER A 122 15.08 24.17 -6.79
N PHE A 123 14.57 25.16 -6.07
CA PHE A 123 14.34 26.47 -6.68
C PHE A 123 15.64 27.26 -6.82
N MET A 124 16.45 27.21 -5.76
CA MET A 124 17.65 28.03 -5.68
C MET A 124 18.71 27.57 -6.66
N LEU A 125 18.73 26.28 -6.94
CA LEU A 125 19.64 25.72 -7.94
C LEU A 125 18.94 25.66 -9.28
N GLU A 126 19.55 26.32 -10.26
CA GLU A 126 19.01 26.36 -11.62
C GLU A 126 20.05 25.82 -12.57
N ASN A 127 19.59 25.15 -13.62
CA ASN A 127 20.47 24.45 -14.54
C ASN A 127 21.37 23.43 -13.85
N LEU A 128 20.82 22.70 -12.88
CA LEU A 128 21.62 21.74 -12.13
C LEU A 128 22.12 20.61 -13.03
N GLY A 129 23.42 20.36 -13.04
CA GLY A 129 24.00 19.36 -13.92
C GLY A 129 24.60 18.14 -13.26
N LYS A 130 24.45 18.05 -11.94
CA LYS A 130 24.92 16.92 -11.12
C LYS A 130 23.84 16.63 -10.08
N PRO A 131 23.76 15.38 -9.57
CA PRO A 131 22.77 15.01 -8.52
C PRO A 131 23.04 15.67 -7.16
N VAL A 132 21.98 16.14 -6.51
CA VAL A 132 22.05 16.62 -5.14
C VAL A 132 21.03 15.77 -4.43
N ILE A 133 21.49 15.01 -3.45
CA ILE A 133 20.62 14.07 -2.74
C ILE A 133 20.64 14.42 -1.24
N VAL A 134 19.48 14.76 -0.71
CA VAL A 134 19.33 15.03 0.73
C VAL A 134 18.86 13.75 1.38
N THR A 135 19.47 13.43 2.54
CA THR A 135 19.07 12.23 3.30
C THR A 135 19.45 12.39 4.76
N GLY A 136 19.25 11.34 5.54
CA GLY A 136 19.50 11.39 6.97
C GLY A 136 18.97 10.12 7.61
N SER A 137 18.53 10.22 8.86
CA SER A 137 18.01 9.05 9.59
C SER A 137 16.97 9.39 10.65
N GLN A 138 16.11 8.42 10.93
CA GLN A 138 15.12 8.53 12.00
C GLN A 138 15.72 8.18 13.35
N ILE A 139 16.70 7.30 13.34
CA ILE A 139 17.45 6.93 14.54
C ILE A 139 18.91 7.42 14.40
N PRO A 140 19.43 8.18 15.40
CA PRO A 140 20.82 8.64 15.39
C PRO A 140 21.78 7.53 15.07
N LEU A 141 22.79 7.82 14.26
CA LEU A 141 23.80 6.82 13.90
C LEU A 141 24.45 6.21 15.13
N ALA A 142 24.52 6.97 16.22
CA ALA A 142 25.05 6.48 17.51
C ALA A 142 24.12 5.48 18.21
N GLU A 143 22.83 5.55 17.92
CA GLU A 143 21.87 4.65 18.55
C GLU A 143 21.77 3.32 17.79
N LEU A 144 21.32 2.29 18.49
CA LEU A 144 21.06 0.97 17.92
C LEU A 144 19.91 1.00 16.91
N ARG A 145 19.97 0.09 15.93
CA ARG A 145 19.00 -0.05 14.83
C ARG A 145 18.94 1.15 13.88
N SER A 146 19.98 1.98 13.91
CA SER A 146 20.05 3.19 13.07
C SER A 146 19.89 2.91 11.58
N ASP A 147 19.14 3.80 10.93
CA ASP A 147 19.03 3.79 9.48
C ASP A 147 20.05 4.71 8.80
N GLY A 148 20.92 5.35 9.58
CA GLY A 148 21.82 6.38 9.05
C GLY A 148 22.80 5.82 8.04
N GLN A 149 23.50 4.77 8.44
CA GLN A 149 24.51 4.14 7.61
C GLN A 149 23.98 3.72 6.26
N ILE A 150 22.81 3.07 6.24
CA ILE A 150 22.23 2.56 5.00
C ILE A 150 21.62 3.64 4.11
N ASN A 151 21.04 4.69 4.71
CA ASN A 151 20.60 5.83 3.90
C ASN A 151 21.76 6.57 3.23
N LEU A 152 22.84 6.80 3.99
CA LEU A 152 24.04 7.44 3.43
C LEU A 152 24.77 6.61 2.36
N LEU A 153 25.02 5.34 2.66
CA LEU A 153 25.67 4.44 1.71
C LEU A 153 24.89 4.47 0.41
N ASN A 154 23.57 4.28 0.50
CA ASN A 154 22.70 4.33 -0.68
C ASN A 154 22.74 5.65 -1.41
N ALA A 155 22.68 6.75 -0.68
CA ALA A 155 22.72 8.05 -1.33
C ALA A 155 24.04 8.27 -2.08
N LEU A 156 25.16 7.92 -1.45
CA LEU A 156 26.49 7.99 -2.11
C LEU A 156 26.52 7.11 -3.36
N TYR A 157 26.12 5.85 -3.20
CA TYR A 157 26.12 4.90 -4.31
C TYR A 157 25.23 5.35 -5.48
N VAL A 158 24.06 5.88 -5.15
CA VAL A 158 23.11 6.35 -6.15
C VAL A 158 23.61 7.62 -6.86
N ALA A 159 24.17 8.55 -6.10
CA ALA A 159 24.72 9.78 -6.69
C ALA A 159 25.77 9.43 -7.74
N ALA A 160 26.59 8.43 -7.42
CA ALA A 160 27.71 8.04 -8.29
C ALA A 160 27.27 7.26 -9.53
N ASN A 161 26.32 6.33 -9.34
CA ASN A 161 26.03 5.29 -10.33
C ASN A 161 24.71 5.47 -11.08
N TYR A 162 23.77 6.18 -10.47
CA TYR A 162 22.48 6.50 -11.10
C TYR A 162 22.19 7.98 -10.93
N PRO A 163 23.05 8.85 -11.52
CA PRO A 163 22.88 10.30 -11.32
C PRO A 163 21.62 10.84 -11.98
N ILE A 164 20.85 11.62 -11.22
CA ILE A 164 19.69 12.33 -11.77
C ILE A 164 19.89 13.77 -11.39
N ASN A 165 19.91 14.66 -12.39
CA ASN A 165 20.33 16.04 -12.18
C ASN A 165 19.15 16.88 -11.64
N GLU A 166 18.79 16.59 -10.38
CA GLU A 166 17.65 17.19 -9.68
C GLU A 166 18.02 17.21 -8.21
N VAL A 167 17.41 18.10 -7.43
CA VAL A 167 17.49 17.98 -5.99
C VAL A 167 16.51 16.87 -5.58
N THR A 168 17.08 15.81 -5.00
CA THR A 168 16.32 14.65 -4.62
C THR A 168 16.47 14.40 -3.13
N LEU A 169 15.57 13.57 -2.61
CA LEU A 169 15.56 13.14 -1.24
C LEU A 169 15.57 11.62 -1.28
N PHE A 170 16.64 11.01 -0.75
CA PHE A 170 16.71 9.56 -0.67
C PHE A 170 16.31 9.10 0.76
N PHE A 171 15.38 8.15 0.84
CA PHE A 171 15.01 7.58 2.15
C PHE A 171 14.38 6.20 2.04
N ASN A 172 14.82 5.27 2.88
CA ASN A 172 14.23 3.91 2.94
C ASN A 172 14.08 3.33 1.54
N ASN A 173 15.20 3.20 0.84
CA ASN A 173 15.24 2.52 -0.50
C ASN A 173 14.51 3.19 -1.66
N ARG A 174 14.12 4.44 -1.48
CA ARG A 174 13.48 5.21 -2.54
C ARG A 174 14.12 6.58 -2.70
N LEU A 175 14.16 7.04 -3.95
CA LEU A 175 14.62 8.36 -4.29
C LEU A 175 13.44 9.12 -4.85
N TYR A 176 13.17 10.25 -4.22
CA TYR A 176 12.03 11.10 -4.50
C TYR A 176 12.47 12.46 -5.06
N ARG A 177 11.61 13.11 -5.84
CA ARG A 177 11.88 14.49 -6.25
C ARG A 177 11.75 15.37 -5.00
N GLY A 178 12.80 16.14 -4.70
CA GLY A 178 12.89 16.94 -3.49
C GLY A 178 11.67 17.81 -3.21
N ASN A 179 11.22 18.53 -4.25
CA ASN A 179 10.10 19.49 -4.10
C ASN A 179 8.69 18.87 -4.17
N ARG A 180 8.65 17.54 -4.07
CA ARG A 180 7.40 16.79 -4.01
C ARG A 180 7.22 16.04 -2.68
N THR A 181 8.22 16.17 -1.80
CA THR A 181 8.29 15.40 -0.55
C THR A 181 7.66 16.07 0.64
N THR A 182 7.25 15.23 1.57
CA THR A 182 6.85 15.65 2.90
C THR A 182 7.22 14.55 3.90
N LYS A 183 7.57 14.96 5.14
CA LYS A 183 7.69 14.00 6.24
C LYS A 183 6.28 13.58 6.69
N ALA A 184 5.87 12.39 6.25
CA ALA A 184 4.53 11.88 6.41
C ALA A 184 4.37 10.94 7.59
N HIS A 185 5.46 10.32 8.04
CA HIS A 185 5.37 9.30 9.08
C HIS A 185 6.44 9.59 10.12
N ALA A 186 6.04 10.29 11.19
CA ALA A 186 6.97 10.75 12.24
C ALA A 186 7.79 9.63 12.92
N ASP A 187 7.21 8.44 13.03
CA ASP A 187 7.83 7.35 13.77
C ASP A 187 8.39 6.23 12.90
N GLY A 188 8.13 6.26 11.61
CA GLY A 188 8.48 5.15 10.72
C GLY A 188 9.81 5.32 10.03
N PHE A 189 10.43 4.20 9.64
CA PHE A 189 11.62 4.31 8.80
C PHE A 189 11.31 4.83 7.39
N ASP A 190 10.09 4.56 6.91
CA ASP A 190 9.61 5.12 5.65
C ASP A 190 9.08 6.53 5.95
N ALA A 191 9.92 7.38 6.51
CA ALA A 191 9.50 8.68 7.05
C ALA A 191 8.86 9.62 6.02
N PHE A 192 9.38 9.58 4.78
CA PHE A 192 9.00 10.51 3.72
C PHE A 192 8.05 9.93 2.66
N ALA A 193 7.14 10.79 2.20
CA ALA A 193 6.27 10.42 1.10
C ALA A 193 6.39 11.45 -0.02
N SER A 194 5.99 11.06 -1.21
CA SER A 194 5.90 11.94 -2.36
C SER A 194 4.48 11.73 -2.89
N PRO A 195 3.49 12.37 -2.24
CA PRO A 195 2.06 12.02 -2.45
C PRO A 195 1.52 12.20 -3.87
N ASN A 196 1.97 13.23 -4.59
CA ASN A 196 1.49 13.48 -5.97
C ASN A 196 2.42 13.06 -7.11
N LEU A 197 3.51 12.37 -6.77
CA LEU A 197 4.47 11.91 -7.79
C LEU A 197 5.12 10.60 -7.35
N PRO A 198 5.20 9.61 -8.25
CA PRO A 198 5.94 8.40 -7.93
C PRO A 198 7.41 8.72 -7.66
N PRO A 199 8.14 7.82 -6.99
CA PRO A 199 9.60 8.01 -6.85
C PRO A 199 10.32 8.01 -8.20
N LEU A 200 11.52 8.58 -8.21
CA LEU A 200 12.31 8.61 -9.43
C LEU A 200 13.10 7.32 -9.57
N LEU A 201 13.36 6.69 -8.42
CA LEU A 201 14.22 5.51 -8.38
C LEU A 201 13.90 4.65 -7.17
N GLU A 202 14.04 3.34 -7.35
CA GLU A 202 13.83 2.41 -6.24
C GLU A 202 14.95 1.36 -6.14
N ALA A 203 15.38 1.07 -4.93
CA ALA A 203 16.49 0.15 -4.74
C ALA A 203 16.00 -1.17 -4.15
N GLY A 204 16.37 -2.26 -4.82
CA GLY A 204 16.16 -3.63 -4.37
C GLY A 204 17.47 -4.37 -4.57
N ILE A 205 17.41 -5.65 -4.97
CA ILE A 205 18.60 -6.37 -5.43
C ILE A 205 19.31 -5.53 -6.52
N HIS A 206 18.51 -5.00 -7.44
CA HIS A 206 18.98 -3.98 -8.38
C HIS A 206 18.36 -2.61 -8.09
N ILE A 207 19.03 -1.59 -8.61
CA ILE A 207 18.51 -0.24 -8.53
C ILE A 207 17.90 0.07 -9.89
N ARG A 208 16.64 0.52 -9.89
CA ARG A 208 16.04 0.95 -11.14
C ARG A 208 15.48 2.35 -11.12
N ARG A 209 15.75 3.07 -12.21
CA ARG A 209 15.11 4.35 -12.48
C ARG A 209 13.69 4.01 -12.90
N LEU A 210 12.71 4.78 -12.42
CA LEU A 210 11.32 4.56 -12.82
C LEU A 210 10.94 5.52 -13.96
N ASN A 211 9.84 5.25 -14.65
CA ASN A 211 9.42 6.08 -15.78
C ASN A 211 8.67 7.35 -15.37
N THR A 212 9.12 7.95 -14.28
CA THR A 212 8.57 9.20 -13.78
C THR A 212 8.92 10.35 -14.73
N PRO A 213 7.90 11.11 -15.18
CA PRO A 213 8.22 12.19 -16.13
C PRO A 213 9.25 13.20 -15.54
N PRO A 214 10.34 13.47 -16.29
CA PRO A 214 11.37 14.45 -15.90
C PRO A 214 10.80 15.84 -15.59
N ALA A 215 11.50 16.57 -14.72
CA ALA A 215 11.15 17.95 -14.36
C ALA A 215 11.60 18.88 -15.48
N PRO A 216 11.03 20.11 -15.58
CA PRO A 216 11.61 21.07 -16.50
C PRO A 216 13.04 21.29 -16.07
N HIS A 217 13.97 21.24 -17.03
CA HIS A 217 15.38 21.19 -16.73
C HIS A 217 16.25 22.07 -17.65
N GLY A 218 16.83 23.10 -17.06
CA GLY A 218 17.69 24.00 -17.81
C GLY A 218 19.05 23.41 -18.08
N GLU A 219 19.56 23.67 -19.29
CA GLU A 219 20.93 23.33 -19.65
C GLU A 219 21.74 24.61 -19.68
N GLY A 220 23.01 24.49 -19.29
CA GLY A 220 23.89 25.65 -19.21
C GLY A 220 24.64 25.69 -17.90
N GLU A 221 25.21 26.86 -17.60
CA GLU A 221 25.96 27.08 -16.38
C GLU A 221 25.01 27.07 -15.20
N LEU A 222 25.44 26.42 -14.10
CA LEU A 222 24.67 26.40 -12.86
C LEU A 222 24.42 27.83 -12.38
N ILE A 223 23.18 28.12 -12.06
CA ILE A 223 22.83 29.42 -11.47
C ILE A 223 22.35 29.19 -10.04
N VAL A 224 22.96 29.91 -9.10
CA VAL A 224 22.57 29.79 -7.70
C VAL A 224 21.96 31.10 -7.20
N HIS A 225 20.67 31.01 -6.88
CA HIS A 225 19.88 32.18 -6.53
C HIS A 225 19.89 32.39 -5.02
N PRO A 226 20.45 33.51 -4.54
CA PRO A 226 20.35 33.78 -3.11
C PRO A 226 18.93 34.19 -2.71
N ILE A 227 18.64 34.07 -1.42
CA ILE A 227 17.38 34.50 -0.88
C ILE A 227 17.63 35.41 0.29
N THR A 228 16.59 36.16 0.68
CA THR A 228 16.63 37.09 1.80
C THR A 228 15.34 36.94 2.59
N PRO A 229 15.36 37.25 3.91
CA PRO A 229 14.20 36.98 4.76
C PRO A 229 12.89 37.49 4.17
N GLN A 230 11.84 36.69 4.31
CA GLN A 230 10.52 37.00 3.79
C GLN A 230 9.55 36.52 4.85
N PRO A 231 8.66 37.41 5.31
CA PRO A 231 7.61 37.06 6.25
C PRO A 231 6.40 36.50 5.49
N ILE A 232 6.08 35.23 5.78
CA ILE A 232 5.03 34.46 5.11
C ILE A 232 4.20 33.78 6.17
N GLY A 233 2.87 33.83 6.02
CA GLY A 233 1.97 33.20 6.94
C GLY A 233 1.43 31.91 6.36
N VAL A 234 1.05 31.01 7.24
CA VAL A 234 0.44 29.75 6.84
C VAL A 234 -0.85 29.57 7.65
N VAL A 235 -1.98 29.67 6.95
CA VAL A 235 -3.33 29.59 7.53
C VAL A 235 -3.95 28.23 7.18
N THR A 236 -4.41 27.53 8.18
CA THR A 236 -5.15 26.26 8.00
C THR A 236 -6.63 26.55 8.04
N ILE A 237 -7.37 26.06 7.04
CA ILE A 237 -8.83 26.27 7.02
C ILE A 237 -9.49 25.16 7.84
N TYR A 238 -10.38 25.54 8.75
CA TYR A 238 -11.05 24.58 9.66
C TYR A 238 -12.37 25.19 10.12
N PRO A 239 -13.33 24.36 10.55
CA PRO A 239 -14.63 24.91 10.98
C PRO A 239 -14.50 25.88 12.15
N GLY A 240 -15.10 27.06 12.02
CA GLY A 240 -15.04 28.09 13.06
C GLY A 240 -13.86 29.04 12.97
N ILE A 241 -13.13 29.04 11.85
CA ILE A 241 -12.07 30.03 11.58
C ILE A 241 -12.68 31.43 11.33
N SER A 242 -12.01 32.46 11.86
CA SER A 242 -12.54 33.83 11.80
C SER A 242 -11.75 34.71 10.84
N ALA A 243 -12.41 35.75 10.32
CA ALA A 243 -11.74 36.77 9.51
C ALA A 243 -10.57 37.45 10.23
N ASP A 244 -10.58 37.43 11.56
CA ASP A 244 -9.51 38.05 12.36
C ASP A 244 -8.10 37.47 12.09
N VAL A 245 -8.04 36.17 11.80
CA VAL A 245 -6.79 35.50 11.45
C VAL A 245 -6.15 36.20 10.23
N VAL A 246 -6.92 36.39 9.16
CA VAL A 246 -6.42 37.04 7.95
C VAL A 246 -6.13 38.52 8.21
N ARG A 247 -6.98 39.15 9.01
CA ARG A 247 -6.80 40.54 9.41
C ARG A 247 -5.47 40.73 10.16
N ASN A 248 -5.13 39.77 11.01
CA ASN A 248 -3.93 39.86 11.83
C ASN A 248 -2.64 39.76 11.01
N PHE A 249 -2.62 38.84 10.03
CA PHE A 249 -1.49 38.70 9.10
C PHE A 249 -1.31 39.96 8.24
N LEU A 250 -2.38 40.72 8.09
CA LEU A 250 -2.31 42.02 7.44
C LEU A 250 -2.02 43.14 8.46
N ARG A 251 -1.41 42.78 9.60
CA ARG A 251 -1.05 43.76 10.63
C ARG A 251 0.06 44.68 10.13
N GLN A 252 1.23 44.10 9.91
CA GLN A 252 2.36 44.80 9.28
C GLN A 252 3.26 43.83 8.52
N PRO A 253 3.45 42.61 9.05
CA PRO A 253 4.61 41.82 8.66
C PRO A 253 4.33 40.59 7.77
N VAL A 254 3.71 40.75 6.59
CA VAL A 254 3.52 39.62 5.65
C VAL A 254 3.51 40.04 4.18
N LYS A 255 4.23 39.27 3.37
CA LYS A 255 4.31 39.49 1.93
C LYS A 255 3.57 38.39 1.20
N ALA A 256 3.24 37.33 1.93
CA ALA A 256 2.56 36.16 1.33
C ALA A 256 1.78 35.41 2.39
N LEU A 257 0.71 34.75 1.94
CA LEU A 257 -0.17 33.97 2.77
C LEU A 257 -0.45 32.67 2.04
N ILE A 258 -0.22 31.56 2.72
CA ILE A 258 -0.54 30.24 2.21
C ILE A 258 -1.79 29.71 2.93
N LEU A 259 -2.82 29.34 2.18
CA LEU A 259 -4.04 28.78 2.74
C LEU A 259 -4.03 27.26 2.59
N ARG A 260 -4.21 26.54 3.69
CA ARG A 260 -4.38 25.10 3.59
C ARG A 260 -5.89 24.84 3.63
N SER A 261 -6.48 24.80 2.45
CA SER A 261 -7.93 24.68 2.25
C SER A 261 -8.42 23.25 2.17
N TYR A 262 -9.74 23.07 2.26
CA TYR A 262 -10.34 21.75 2.11
C TYR A 262 -10.28 21.17 0.69
N GLY A 263 -10.13 19.84 0.63
CA GLY A 263 -10.41 19.14 -0.62
C GLY A 263 -9.64 19.76 -1.77
N VAL A 264 -10.38 20.12 -2.83
CA VAL A 264 -9.79 20.76 -4.01
C VAL A 264 -9.73 22.29 -3.90
N GLY A 265 -9.72 22.79 -2.67
CA GLY A 265 -9.37 24.20 -2.44
C GLY A 265 -10.54 25.05 -1.96
N ASN A 266 -11.47 24.42 -1.23
CA ASN A 266 -12.64 25.15 -0.73
C ASN A 266 -12.42 25.74 0.66
N ALA A 267 -13.14 26.82 0.93
CA ALA A 267 -13.15 27.39 2.26
C ALA A 267 -14.58 27.89 2.47
N PRO A 268 -14.96 28.14 3.74
CA PRO A 268 -16.28 28.75 4.00
C PRO A 268 -16.40 30.11 3.30
N GLN A 269 -17.60 30.44 2.81
CA GLN A 269 -17.75 31.67 2.00
C GLN A 269 -18.20 32.89 2.80
N ASN A 270 -17.86 32.87 4.08
CA ASN A 270 -18.05 33.96 5.04
C ASN A 270 -17.59 35.32 4.47
N LYS A 271 -18.54 36.26 4.35
CA LYS A 271 -18.28 37.56 3.72
C LYS A 271 -17.08 38.31 4.29
N ALA A 272 -16.96 38.36 5.62
CA ALA A 272 -15.81 38.99 6.29
C ALA A 272 -14.48 38.31 5.96
N PHE A 273 -14.50 36.97 5.86
CA PHE A 273 -13.30 36.21 5.50
C PHE A 273 -12.85 36.57 4.09
N LEU A 274 -13.77 36.42 3.15
CA LEU A 274 -13.51 36.68 1.74
C LEU A 274 -13.06 38.11 1.48
N GLN A 275 -13.57 39.06 2.29
CA GLN A 275 -13.18 40.47 2.19
C GLN A 275 -11.76 40.74 2.68
N GLU A 276 -11.38 40.16 3.82
CA GLU A 276 -10.02 40.28 4.34
C GLU A 276 -8.98 39.72 3.38
N LEU A 277 -9.29 38.59 2.74
CA LEU A 277 -8.42 38.00 1.71
C LEU A 277 -8.26 38.94 0.53
N GLN A 278 -9.35 39.54 0.08
CA GLN A 278 -9.31 40.52 -0.99
C GLN A 278 -8.45 41.73 -0.59
N GLU A 279 -8.61 42.20 0.64
CA GLU A 279 -7.82 43.32 1.16
C GLU A 279 -6.32 43.00 1.16
N ALA A 280 -5.99 41.77 1.56
CA ALA A 280 -4.63 41.29 1.51
C ALA A 280 -4.05 41.41 0.09
N SER A 281 -4.75 40.91 -0.92
CA SER A 281 -4.28 41.03 -2.31
C SER A 281 -4.22 42.49 -2.77
N ASP A 282 -5.19 43.30 -2.35
CA ASP A 282 -5.18 44.74 -2.62
C ASP A 282 -3.90 45.39 -2.11
N ARG A 283 -3.50 45.02 -0.90
CA ARG A 283 -2.23 45.48 -0.30
C ARG A 283 -0.99 44.89 -1.01
N GLY A 284 -1.20 44.00 -1.98
CA GLY A 284 -0.08 43.38 -2.73
C GLY A 284 0.48 42.10 -2.12
N ILE A 285 -0.30 41.46 -1.25
CA ILE A 285 0.15 40.25 -0.59
C ILE A 285 -0.18 39.09 -1.52
N VAL A 286 0.75 38.15 -1.67
CA VAL A 286 0.52 36.97 -2.50
C VAL A 286 -0.22 35.90 -1.66
N VAL A 287 -1.48 35.64 -2.02
CA VAL A 287 -2.30 34.63 -1.35
C VAL A 287 -2.44 33.39 -2.26
N VAL A 288 -1.90 32.26 -1.79
CA VAL A 288 -1.89 31.01 -2.58
C VAL A 288 -2.73 29.94 -1.88
N ASN A 289 -3.57 29.25 -2.66
CA ASN A 289 -4.50 28.28 -2.12
C ASN A 289 -3.95 26.87 -2.37
N LEU A 290 -3.74 26.11 -1.29
CA LEU A 290 -3.25 24.72 -1.39
C LEU A 290 -4.31 23.83 -0.76
N THR A 291 -4.23 22.53 -1.02
CA THR A 291 -5.08 21.63 -0.30
C THR A 291 -4.37 21.19 0.97
N GLN A 292 -5.11 21.19 2.07
CA GLN A 292 -4.62 20.60 3.33
C GLN A 292 -4.45 19.09 3.22
N CYS A 293 -5.09 18.46 2.22
CA CYS A 293 -5.02 16.99 2.03
C CYS A 293 -3.62 16.53 1.67
N MET A 294 -3.30 15.30 2.06
CA MET A 294 -1.99 14.68 1.73
C MET A 294 -1.73 14.61 0.22
N SER A 295 -2.72 14.22 -0.57
CA SER A 295 -2.56 14.26 -2.03
C SER A 295 -3.71 14.99 -2.69
N GLY A 296 -3.49 15.41 -3.94
CA GLY A 296 -4.51 16.00 -4.79
C GLY A 296 -4.21 17.39 -5.29
N LYS A 297 -5.12 17.92 -6.09
CA LYS A 297 -4.87 19.14 -6.84
C LYS A 297 -5.97 20.19 -6.62
N VAL A 298 -5.57 21.39 -6.19
CA VAL A 298 -6.52 22.48 -6.09
C VAL A 298 -7.08 22.84 -7.46
N ASN A 299 -8.40 23.04 -7.50
CA ASN A 299 -9.13 23.41 -8.72
C ASN A 299 -10.36 24.27 -8.37
N ALA A 308 -14.90 32.66 -6.37
CA ALA A 308 -15.08 33.63 -5.29
C ALA A 308 -13.77 33.89 -4.58
N LEU A 309 -13.06 32.81 -4.27
CA LEU A 309 -11.71 32.88 -3.75
C LEU A 309 -10.84 33.49 -4.84
N ALA A 310 -11.01 33.01 -6.07
CA ALA A 310 -10.35 33.58 -7.24
C ALA A 310 -10.74 35.04 -7.46
N HIS A 311 -12.02 35.35 -7.20
CA HIS A 311 -12.53 36.72 -7.27
C HIS A 311 -11.90 37.63 -6.20
N ALA A 312 -11.42 37.01 -5.13
CA ALA A 312 -10.75 37.73 -4.03
C ALA A 312 -9.22 37.83 -4.19
N GLY A 313 -8.72 37.46 -5.37
CA GLY A 313 -7.28 37.60 -5.68
C GLY A 313 -6.41 36.36 -5.46
N VAL A 314 -7.00 35.32 -4.87
CA VAL A 314 -6.26 34.10 -4.51
C VAL A 314 -5.80 33.31 -5.72
N ILE A 315 -4.54 32.83 -5.65
CA ILE A 315 -3.89 32.03 -6.68
C ILE A 315 -3.94 30.54 -6.32
N GLY A 316 -4.35 29.69 -7.27
CA GLY A 316 -4.33 28.23 -7.09
C GLY A 316 -2.91 27.69 -7.13
N GLY A 317 -2.51 26.94 -6.11
CA GLY A 317 -1.20 26.31 -6.06
C GLY A 317 -1.20 24.87 -6.60
N ALA A 318 -2.25 24.50 -7.34
CA ALA A 318 -2.32 23.16 -7.95
C ALA A 318 -2.09 22.08 -6.90
N ASP A 319 -1.18 21.14 -7.17
CA ASP A 319 -0.92 20.05 -6.24
C ASP A 319 0.38 20.22 -5.46
N MET A 320 0.79 21.47 -5.23
CA MET A 320 2.05 21.72 -4.51
C MET A 320 1.87 21.43 -3.03
N THR A 321 2.90 20.85 -2.44
CA THR A 321 2.99 20.69 -1.01
C THR A 321 3.14 22.08 -0.36
N VAL A 322 2.98 22.14 0.94
CA VAL A 322 3.24 23.38 1.70
C VAL A 322 4.75 23.69 1.57
N GLU A 323 5.58 22.65 1.63
CA GLU A 323 7.03 22.80 1.58
C GLU A 323 7.51 23.46 0.27
N ALA A 324 6.99 22.97 -0.85
CA ALA A 324 7.31 23.54 -2.16
C ALA A 324 6.85 24.99 -2.27
N THR A 325 5.59 25.24 -1.88
CA THR A 325 4.94 26.56 -1.96
C THR A 325 5.69 27.62 -1.13
N LEU A 326 5.94 27.32 0.14
CA LEU A 326 6.69 28.22 1.03
C LEU A 326 8.07 28.59 0.48
N THR A 327 8.81 27.58 0.04
CA THR A 327 10.17 27.79 -0.44
C THR A 327 10.16 28.50 -1.80
N LYS A 328 9.17 28.17 -2.64
CA LYS A 328 9.00 28.80 -3.95
C LYS A 328 8.74 30.29 -3.75
N LEU A 329 7.92 30.58 -2.76
CA LEU A 329 7.66 31.97 -2.33
C LEU A 329 8.93 32.68 -1.87
N HIS A 330 9.72 32.04 -0.98
CA HIS A 330 11.05 32.59 -0.57
C HIS A 330 11.92 32.89 -1.77
N TYR A 331 12.03 31.93 -2.70
CA TYR A 331 12.76 32.11 -3.96
C TYR A 331 12.31 33.33 -4.79
N LEU A 332 11.02 33.37 -5.14
CA LEU A 332 10.45 34.37 -6.05
C LEU A 332 10.36 35.76 -5.39
N LEU A 333 10.02 35.79 -4.11
CA LEU A 333 9.96 37.06 -3.37
C LEU A 333 11.36 37.70 -3.26
N SER A 334 12.40 36.86 -3.32
CA SER A 334 13.79 37.28 -3.17
C SER A 334 14.40 37.84 -4.45
N GLN A 335 13.77 37.55 -5.58
CA GLN A 335 14.20 38.08 -6.86
C GLN A 335 13.49 39.42 -7.04
N GLU A 336 13.74 40.11 -8.14
CA GLU A 336 13.20 41.47 -8.27
C GLU A 336 12.02 41.48 -9.26
N LEU A 337 10.91 40.87 -8.80
CA LEU A 337 9.73 40.62 -9.63
C LEU A 337 8.47 41.30 -9.09
N ASP A 338 7.65 41.84 -9.99
CA ASP A 338 6.33 42.38 -9.66
C ASP A 338 5.50 41.37 -8.87
N THR A 339 4.58 41.88 -8.05
CA THR A 339 3.64 41.01 -7.37
C THR A 339 2.87 40.17 -8.41
N GLU A 340 2.58 40.78 -9.55
CA GLU A 340 1.78 40.13 -10.59
C GLU A 340 2.55 39.00 -11.27
N THR A 341 3.84 39.23 -11.50
CA THR A 341 4.73 38.20 -12.03
C THR A 341 4.93 37.05 -11.04
N ILE A 342 5.04 37.39 -9.75
CA ILE A 342 5.14 36.37 -8.70
C ILE A 342 3.87 35.51 -8.66
N ARG A 343 2.70 36.16 -8.75
CA ARG A 343 1.39 35.48 -8.72
C ARG A 343 1.26 34.49 -9.87
N LYS A 344 1.75 34.88 -11.05
CA LYS A 344 1.68 34.03 -12.23
C LYS A 344 2.66 32.87 -12.16
N ALA A 345 3.85 33.12 -11.61
CA ALA A 345 4.90 32.11 -11.50
C ALA A 345 4.53 31.01 -10.50
N MET A 346 3.75 31.37 -9.49
CA MET A 346 3.34 30.43 -8.44
C MET A 346 2.53 29.24 -8.98
N SER A 347 1.77 29.48 -10.04
CA SER A 347 0.97 28.42 -10.63
C SER A 347 1.66 27.72 -11.81
N GLN A 348 2.89 28.14 -12.10
CA GLN A 348 3.67 27.53 -13.19
C GLN A 348 4.64 26.49 -12.65
N ASN A 349 4.86 25.42 -13.41
CA ASN A 349 5.79 24.35 -13.06
C ASN A 349 7.24 24.77 -13.31
N LEU A 350 7.91 25.28 -12.26
CA LEU A 350 9.28 25.80 -12.43
C LEU A 350 10.37 24.73 -12.33
N ARG A 351 10.14 23.72 -11.51
CA ARG A 351 11.18 22.71 -11.21
C ARG A 351 10.62 21.30 -11.01
N GLY A 352 9.41 21.06 -11.50
CA GLY A 352 8.80 19.72 -11.36
C GLY A 352 7.93 19.59 -10.09
N GLU A 353 7.69 20.71 -9.41
CA GLU A 353 6.94 20.72 -8.12
C GLU A 353 5.41 20.59 -8.21
N LEU A 354 4.86 20.77 -9.40
CA LEU A 354 3.40 20.75 -9.61
C LEU A 354 3.07 20.13 -10.96
N THR A 355 1.84 19.65 -11.09
CA THR A 355 1.40 18.98 -12.29
C THR A 355 0.54 19.99 -13.03
N PRO A 356 0.98 20.43 -14.22
CA PRO A 356 0.25 21.45 -14.96
C PRO A 356 -1.10 20.99 -15.55
N PRO B 16 4.58 -10.35 23.53
CA PRO B 16 5.02 -9.92 24.86
C PRO B 16 6.14 -8.90 24.79
N ARG B 17 6.12 -7.91 25.68
CA ARG B 17 7.27 -7.05 25.88
C ARG B 17 8.05 -7.66 27.04
N GLY B 18 9.13 -8.37 26.69
CA GLY B 18 9.95 -9.07 27.67
C GLY B 18 10.84 -8.13 28.45
N SER B 19 11.20 -8.53 29.66
CA SER B 19 12.11 -7.78 30.51
C SER B 19 13.49 -7.63 29.88
N HIS B 20 14.12 -6.49 30.17
CA HIS B 20 15.45 -6.18 29.67
C HIS B 20 16.53 -6.28 30.76
N MET B 21 16.15 -6.75 31.94
CA MET B 21 17.05 -6.77 33.11
C MET B 21 18.33 -7.62 33.00
N GLN B 22 18.24 -8.84 32.47
CA GLN B 22 19.46 -9.64 32.31
C GLN B 22 19.88 -9.85 30.85
N LYS B 23 21.20 -9.93 30.62
CA LYS B 23 21.75 -10.12 29.27
C LYS B 23 21.37 -11.49 28.69
N LYS B 24 20.60 -11.46 27.61
CA LYS B 24 20.10 -12.69 27.00
C LYS B 24 21.20 -13.37 26.19
N SER B 25 20.97 -14.64 25.87
CA SER B 25 21.88 -15.39 25.03
C SER B 25 21.05 -16.01 23.92
N ILE B 26 21.34 -15.61 22.68
CA ILE B 26 20.61 -16.05 21.48
C ILE B 26 21.49 -17.02 20.67
N TYR B 27 20.92 -18.16 20.29
CA TYR B 27 21.60 -19.11 19.41
C TYR B 27 21.23 -18.83 17.94
N VAL B 28 22.25 -18.67 17.10
CA VAL B 28 22.08 -18.41 15.67
C VAL B 28 22.50 -19.66 14.87
N ALA B 29 21.50 -20.26 14.24
CA ALA B 29 21.71 -21.39 13.33
C ALA B 29 21.97 -20.77 11.96
N TYR B 30 23.24 -20.74 11.57
CA TYR B 30 23.65 -20.22 10.27
C TYR B 30 23.49 -21.36 9.27
N THR B 31 22.30 -21.50 8.67
CA THR B 31 22.02 -22.64 7.80
C THR B 31 22.60 -22.47 6.39
N GLY B 32 22.83 -21.23 6.00
CA GLY B 32 23.25 -20.91 4.63
C GLY B 32 22.54 -19.63 4.23
N GLY B 33 22.44 -19.38 2.93
CA GLY B 33 21.73 -18.20 2.46
C GLY B 33 22.57 -17.24 1.64
N SER B 48 33.17 -20.11 4.45
CA SER B 48 33.13 -20.59 5.83
C SER B 48 33.92 -19.67 6.74
N GLY B 49 33.28 -19.25 7.83
CA GLY B 49 33.89 -18.36 8.82
C GLY B 49 33.76 -16.89 8.43
N HIS B 50 33.28 -16.65 7.21
CA HIS B 50 33.19 -15.32 6.64
C HIS B 50 32.11 -14.48 7.32
N LEU B 51 30.92 -15.07 7.53
CA LEU B 51 29.87 -14.42 8.31
C LEU B 51 30.35 -14.03 9.71
N GLN B 52 30.85 -15.02 10.45
CA GLN B 52 31.27 -14.82 11.83
C GLN B 52 32.36 -13.77 11.98
N ARG B 53 33.32 -13.78 11.05
CA ARG B 53 34.34 -12.72 10.99
C ARG B 53 33.71 -11.36 10.64
N GLN B 54 32.77 -11.34 9.71
CA GLN B 54 32.13 -10.07 9.32
C GLN B 54 31.39 -9.46 10.52
N LEU B 55 30.76 -10.32 11.31
CA LEU B 55 30.01 -9.84 12.47
C LEU B 55 30.90 -9.37 13.62
N ALA B 56 32.03 -10.05 13.79
CA ALA B 56 33.08 -9.62 14.71
C ALA B 56 33.49 -8.17 14.44
N LEU B 57 33.57 -7.83 13.16
CA LEU B 57 34.06 -6.53 12.69
C LEU B 57 33.02 -5.41 12.68
N MET B 58 31.79 -5.74 13.05
CA MET B 58 30.70 -4.77 13.03
C MET B 58 30.31 -4.43 14.46
N PRO B 59 30.74 -3.23 14.92
CA PRO B 59 30.58 -2.81 16.33
C PRO B 59 29.15 -2.89 16.86
N GLU B 60 28.19 -2.54 16.00
CA GLU B 60 26.75 -2.52 16.31
C GLU B 60 26.31 -3.79 17.05
N PHE B 61 26.80 -4.93 16.59
CA PHE B 61 26.48 -6.24 17.14
C PHE B 61 26.99 -6.52 18.56
N HIS B 62 27.94 -5.70 19.04
CA HIS B 62 28.61 -5.93 20.32
C HIS B 62 28.36 -4.87 21.39
N ARG B 63 27.33 -4.04 21.19
CA ARG B 63 26.98 -3.01 22.16
C ARG B 63 26.32 -3.57 23.42
N PRO B 64 26.31 -2.76 24.51
CA PRO B 64 25.69 -3.22 25.76
C PRO B 64 24.22 -3.59 25.58
N GLU B 65 23.49 -2.88 24.72
CA GLU B 65 22.05 -3.10 24.56
C GLU B 65 21.70 -4.34 23.74
N MET B 66 22.71 -4.96 23.11
CA MET B 66 22.54 -6.16 22.28
C MET B 66 22.74 -7.42 23.13
N PRO B 67 21.97 -8.51 22.84
CA PRO B 67 22.14 -9.78 23.54
C PRO B 67 23.47 -10.38 23.12
N ASP B 68 23.98 -11.30 23.92
CA ASP B 68 25.13 -12.14 23.54
C ASP B 68 24.59 -13.14 22.53
N PHE B 69 25.43 -13.61 21.62
CA PHE B 69 24.99 -14.62 20.67
C PHE B 69 26.09 -15.57 20.26
N THR B 70 25.70 -16.77 19.89
CA THR B 70 26.62 -17.83 19.49
C THR B 70 26.15 -18.31 18.11
N ILE B 71 27.09 -18.41 17.16
CA ILE B 71 26.77 -18.85 15.80
C ILE B 71 27.12 -20.33 15.59
N HIS B 72 26.14 -21.12 15.16
CA HIS B 72 26.42 -22.46 14.65
C HIS B 72 26.35 -22.44 13.14
N GLU B 73 27.52 -22.54 12.49
CA GLU B 73 27.61 -22.55 11.03
C GLU B 73 27.42 -23.98 10.56
N TYR B 74 26.47 -24.17 9.64
CA TYR B 74 26.12 -25.49 9.19
C TYR B 74 27.16 -25.93 8.17
N THR B 75 27.43 -27.24 8.16
CA THR B 75 28.32 -27.82 7.15
C THR B 75 27.66 -28.96 6.37
N PRO B 76 27.54 -28.79 5.04
CA PRO B 76 27.88 -27.57 4.33
C PRO B 76 26.79 -26.52 4.52
N LEU B 77 27.11 -25.27 4.21
CA LEU B 77 26.11 -24.21 4.07
C LEU B 77 25.30 -24.49 2.81
N MET B 78 24.01 -24.14 2.85
CA MET B 78 23.12 -24.44 1.74
C MET B 78 22.46 -23.21 1.12
N ASP B 79 22.34 -23.23 -0.21
CA ASP B 79 21.42 -22.36 -0.90
C ASP B 79 20.06 -22.93 -0.53
N SER B 80 19.11 -22.07 -0.12
CA SER B 80 17.80 -22.54 0.34
C SER B 80 16.98 -23.19 -0.76
N SER B 81 17.37 -22.94 -2.02
CA SER B 81 16.73 -23.59 -3.18
C SER B 81 16.94 -25.10 -3.22
N ASP B 82 17.98 -25.58 -2.53
CA ASP B 82 18.38 -27.00 -2.55
C ASP B 82 17.81 -27.77 -1.35
N MET B 83 17.00 -27.07 -0.57
CA MET B 83 16.41 -27.63 0.65
C MET B 83 15.34 -28.67 0.44
N THR B 84 15.33 -29.66 1.33
CA THR B 84 14.34 -30.72 1.31
C THR B 84 13.77 -30.83 2.72
N PRO B 85 12.67 -31.58 2.91
CA PRO B 85 12.15 -31.75 4.27
C PRO B 85 13.17 -32.21 5.32
N GLU B 86 14.16 -33.02 4.92
CA GLU B 86 15.22 -33.46 5.83
C GLU B 86 15.96 -32.31 6.49
N ASP B 87 16.14 -31.25 5.72
CA ASP B 87 16.74 -30.02 6.21
C ASP B 87 15.89 -29.33 7.28
N TRP B 88 14.56 -29.30 7.14
CA TRP B 88 13.71 -28.82 8.20
C TRP B 88 13.95 -29.63 9.49
N GLN B 89 14.04 -30.95 9.33
CA GLN B 89 14.30 -31.86 10.44
C GLN B 89 15.62 -31.55 11.14
N HIS B 90 16.67 -31.36 10.35
CA HIS B 90 18.01 -30.97 10.82
C HIS B 90 17.90 -29.74 11.71
N ILE B 91 17.27 -28.68 11.19
CA ILE B 91 17.17 -27.43 11.91
C ILE B 91 16.37 -27.63 13.22
N ALA B 92 15.24 -28.34 13.14
CA ALA B 92 14.42 -28.60 14.34
C ALA B 92 15.20 -29.37 15.40
N GLU B 93 16.04 -30.32 14.99
CA GLU B 93 16.90 -31.07 15.93
C GLU B 93 17.99 -30.18 16.55
N ASP B 94 18.48 -29.21 15.77
CA ASP B 94 19.46 -28.25 16.26
C ASP B 94 18.86 -27.37 17.35
N ILE B 95 17.60 -26.94 17.15
CA ILE B 95 16.87 -26.14 18.13
C ILE B 95 16.64 -26.92 19.44
N LYS B 96 16.24 -28.19 19.29
CA LYS B 96 15.90 -29.05 20.45
C LYS B 96 17.16 -29.31 21.25
N ALA B 97 18.26 -29.56 20.54
CA ALA B 97 19.58 -29.79 21.16
C ALA B 97 20.00 -28.66 22.08
N HIS B 98 19.71 -27.43 21.69
CA HIS B 98 20.22 -26.24 22.36
C HIS B 98 19.16 -25.45 23.10
N TYR B 99 17.96 -26.02 23.17
CA TYR B 99 16.79 -25.32 23.72
C TYR B 99 16.98 -24.83 25.14
N ASP B 100 17.38 -25.72 26.06
CA ASP B 100 17.52 -25.31 27.45
C ASP B 100 18.67 -24.34 27.69
N ASP B 101 19.55 -24.22 26.71
CA ASP B 101 20.79 -23.49 26.92
C ASP B 101 20.76 -22.04 26.47
N TYR B 102 19.75 -21.65 25.69
CA TYR B 102 19.67 -20.28 25.17
C TYR B 102 18.31 -19.67 25.44
N ASP B 103 18.18 -18.36 25.28
CA ASP B 103 16.91 -17.67 25.52
C ASP B 103 16.06 -17.52 24.26
N GLY B 104 16.63 -17.87 23.11
CA GLY B 104 15.93 -17.58 21.85
C GLY B 104 16.77 -18.06 20.72
N PHE B 105 16.16 -18.17 19.54
CA PHE B 105 16.82 -18.78 18.39
C PHE B 105 16.59 -17.94 17.14
N VAL B 106 17.67 -17.56 16.47
CA VAL B 106 17.58 -16.97 15.13
C VAL B 106 18.09 -17.99 14.09
N ILE B 107 17.26 -18.26 13.09
CA ILE B 107 17.62 -19.15 12.00
C ILE B 107 17.98 -18.28 10.78
N LEU B 108 19.26 -18.22 10.45
CA LEU B 108 19.77 -17.53 9.26
C LEU B 108 19.64 -18.47 8.08
N HIS B 109 19.00 -18.02 7.00
CA HIS B 109 18.44 -18.91 5.99
C HIS B 109 18.39 -18.14 4.68
N GLY B 110 18.53 -18.86 3.55
CA GLY B 110 18.33 -18.23 2.25
C GLY B 110 16.89 -17.77 2.07
N THR B 111 16.69 -16.69 1.33
CA THR B 111 15.30 -16.21 1.15
C THR B 111 14.39 -17.13 0.31
N ASP B 112 14.96 -17.81 -0.70
CA ASP B 112 14.13 -18.59 -1.62
C ASP B 112 13.08 -19.52 -0.96
N THR B 113 13.44 -20.20 0.11
CA THR B 113 12.49 -21.11 0.75
C THR B 113 12.34 -20.85 2.24
N MET B 114 12.62 -19.63 2.63
CA MET B 114 12.59 -19.26 4.02
C MET B 114 11.22 -19.49 4.60
N ALA B 115 10.18 -19.14 3.82
CA ALA B 115 8.79 -19.31 4.23
C ALA B 115 8.38 -20.80 4.40
N TYR B 116 8.89 -21.69 3.56
CA TYR B 116 8.65 -23.12 3.76
C TYR B 116 9.30 -23.60 5.06
N THR B 117 10.55 -23.20 5.34
CA THR B 117 11.18 -23.60 6.59
C THR B 117 10.48 -23.04 7.80
N ALA B 118 10.14 -21.76 7.79
CA ALA B 118 9.44 -21.19 8.94
C ALA B 118 8.11 -21.91 9.17
N SER B 119 7.40 -22.23 8.11
CA SER B 119 6.10 -22.96 8.20
C SER B 119 6.31 -24.37 8.75
N ALA B 120 7.30 -25.09 8.21
CA ALA B 120 7.61 -26.43 8.74
C ALA B 120 7.93 -26.44 10.24
N LEU B 121 8.77 -25.52 10.69
CA LEU B 121 9.12 -25.48 12.11
C LEU B 121 7.90 -25.25 13.03
N SER B 122 6.96 -24.44 12.60
CA SER B 122 5.81 -24.09 13.42
C SER B 122 4.99 -25.34 13.79
N PHE B 123 4.82 -26.25 12.84
CA PHE B 123 4.12 -27.50 13.10
C PHE B 123 4.94 -28.50 13.89
N MET B 124 6.25 -28.56 13.62
CA MET B 124 7.13 -29.57 14.24
C MET B 124 7.36 -29.26 15.72
N LEU B 125 7.40 -27.98 16.06
CA LEU B 125 7.74 -27.57 17.41
C LEU B 125 6.54 -27.39 18.34
N GLU B 126 6.22 -28.39 19.15
CA GLU B 126 5.11 -28.29 20.12
C GLU B 126 5.65 -27.90 21.49
N ASN B 127 4.87 -27.14 22.25
CA ASN B 127 5.29 -26.59 23.54
C ASN B 127 6.47 -25.63 23.42
N LEU B 128 6.44 -24.81 22.36
CA LEU B 128 7.55 -23.89 22.11
C LEU B 128 7.36 -22.70 23.05
N GLY B 129 8.32 -22.49 23.95
CA GLY B 129 8.22 -21.45 24.99
C GLY B 129 9.32 -20.40 24.88
N LYS B 130 9.91 -20.29 23.70
CA LYS B 130 11.02 -19.35 23.42
C LYS B 130 10.89 -18.92 21.97
N PRO B 131 11.33 -17.71 21.64
CA PRO B 131 11.19 -17.25 20.25
C PRO B 131 12.10 -18.03 19.27
N VAL B 132 11.57 -18.31 18.08
CA VAL B 132 12.40 -18.81 16.98
C VAL B 132 12.10 -17.91 15.80
N ILE B 133 13.14 -17.23 15.32
CA ILE B 133 12.99 -16.21 14.30
C ILE B 133 13.84 -16.54 13.07
N VAL B 134 13.17 -16.70 11.93
CA VAL B 134 13.87 -16.95 10.70
C VAL B 134 14.07 -15.59 9.99
N THR B 135 15.28 -15.41 9.48
CA THR B 135 15.65 -14.22 8.75
C THR B 135 16.85 -14.48 7.83
N GLY B 136 17.21 -13.48 7.04
CA GLY B 136 18.32 -13.56 6.14
C GLY B 136 18.39 -12.27 5.37
N SER B 137 18.73 -12.37 4.08
CA SER B 137 18.93 -11.17 3.29
C SER B 137 18.74 -11.39 1.79
N GLN B 138 18.33 -10.29 1.14
CA GLN B 138 18.19 -10.29 -0.32
C GLN B 138 19.54 -10.10 -1.01
N ILE B 139 20.44 -9.39 -0.33
CA ILE B 139 21.81 -9.15 -0.77
C ILE B 139 22.80 -9.68 0.29
N PRO B 140 23.75 -10.52 -0.13
CA PRO B 140 24.83 -11.06 0.73
C PRO B 140 25.52 -10.01 1.57
N LEU B 141 25.77 -10.34 2.84
CA LEU B 141 26.49 -9.49 3.78
C LEU B 141 27.80 -8.95 3.20
N ALA B 142 28.45 -9.79 2.39
CA ALA B 142 29.73 -9.47 1.75
C ALA B 142 29.58 -8.47 0.60
N GLU B 143 28.35 -8.20 0.16
CA GLU B 143 28.13 -7.26 -0.91
C GLU B 143 27.83 -5.85 -0.41
N LEU B 144 27.86 -4.89 -1.33
CA LEU B 144 27.44 -3.53 -1.04
C LEU B 144 25.92 -3.44 -0.97
N ARG B 145 25.40 -2.53 -0.15
CA ARG B 145 23.94 -2.28 0.03
C ARG B 145 23.20 -3.47 0.66
N SER B 146 23.93 -4.38 1.29
CA SER B 146 23.34 -5.52 1.99
C SER B 146 22.30 -5.15 3.06
N ASP B 147 21.21 -5.92 3.09
CA ASP B 147 20.15 -5.83 4.14
C ASP B 147 20.41 -6.84 5.27
N GLY B 148 21.47 -7.64 5.13
CA GLY B 148 21.78 -8.69 6.11
C GLY B 148 22.08 -8.20 7.52
N GLN B 149 22.99 -7.25 7.63
CA GLN B 149 23.29 -6.57 8.91
C GLN B 149 22.03 -6.16 9.66
N ILE B 150 21.19 -5.34 9.03
CA ILE B 150 19.97 -4.87 9.69
C ILE B 150 18.94 -5.97 10.01
N ASN B 151 18.69 -6.92 9.09
CA ASN B 151 17.75 -8.01 9.40
C ASN B 151 18.24 -8.88 10.56
N LEU B 152 19.54 -9.16 10.60
CA LEU B 152 20.06 -10.03 11.67
C LEU B 152 20.14 -9.25 12.97
N LEU B 153 20.61 -8.02 12.92
CA LEU B 153 20.60 -7.21 14.15
C LEU B 153 19.21 -7.09 14.78
N ASN B 154 18.19 -6.81 13.95
CA ASN B 154 16.83 -6.71 14.43
C ASN B 154 16.29 -8.03 14.98
N ALA B 155 16.59 -9.11 14.28
CA ALA B 155 16.13 -10.42 14.72
C ALA B 155 16.66 -10.75 16.11
N LEU B 156 17.97 -10.55 16.31
CA LEU B 156 18.61 -10.79 17.61
C LEU B 156 17.96 -9.94 18.68
N TYR B 157 17.84 -8.65 18.39
CA TYR B 157 17.25 -7.70 19.35
C TYR B 157 15.80 -8.02 19.70
N VAL B 158 15.03 -8.41 18.69
CA VAL B 158 13.64 -8.85 18.90
C VAL B 158 13.56 -10.14 19.69
N ALA B 159 14.36 -11.14 19.31
CA ALA B 159 14.34 -12.40 20.02
C ALA B 159 14.64 -12.19 21.50
N ALA B 160 15.57 -11.29 21.82
CA ALA B 160 15.93 -10.97 23.21
C ALA B 160 14.86 -10.21 24.00
N ASN B 161 14.10 -9.33 23.32
CA ASN B 161 13.29 -8.33 24.01
C ASN B 161 11.80 -8.44 23.76
N TYR B 162 11.41 -9.22 22.76
CA TYR B 162 10.00 -9.39 22.37
C TYR B 162 9.77 -10.85 22.06
N PRO B 163 9.91 -11.72 23.08
CA PRO B 163 10.09 -13.18 22.97
C PRO B 163 8.83 -13.94 22.67
N ILE B 164 8.19 -13.60 21.54
CA ILE B 164 6.97 -14.25 21.09
C ILE B 164 7.24 -15.74 20.86
N ASN B 165 6.51 -16.59 21.58
CA ASN B 165 6.63 -18.06 21.51
C ASN B 165 6.01 -18.68 20.26
N GLU B 166 6.51 -18.26 19.11
CA GLU B 166 6.11 -18.80 17.83
C GLU B 166 7.33 -18.87 16.94
N VAL B 167 7.22 -19.66 15.87
CA VAL B 167 8.17 -19.54 14.81
C VAL B 167 7.77 -18.33 13.97
N THR B 168 8.67 -17.36 13.89
CA THR B 168 8.38 -16.15 13.17
C THR B 168 9.40 -15.90 12.10
N LEU B 169 9.16 -14.87 11.30
CA LEU B 169 10.05 -14.54 10.21
C LEU B 169 10.25 -13.04 10.27
N PHE B 170 11.50 -12.58 10.43
CA PHE B 170 11.79 -11.15 10.43
C PHE B 170 12.37 -10.68 9.11
N PHE B 171 11.72 -9.71 8.47
CA PHE B 171 12.32 -9.11 7.28
C PHE B 171 11.88 -7.68 7.10
N ASN B 172 12.83 -6.78 6.82
CA ASN B 172 12.45 -5.41 6.41
C ASN B 172 11.55 -4.72 7.42
N ASN B 173 12.02 -4.72 8.67
CA ASN B 173 11.36 -4.03 9.78
C ASN B 173 10.02 -4.60 10.24
N ARG B 174 9.69 -5.82 9.81
CA ARG B 174 8.47 -6.49 10.28
C ARG B 174 8.73 -7.90 10.73
N LEU B 175 8.02 -8.31 11.77
CA LEU B 175 8.04 -9.67 12.25
C LEU B 175 6.71 -10.28 11.88
N TYR B 176 6.78 -11.38 11.16
CA TYR B 176 5.58 -12.08 10.71
C TYR B 176 5.42 -13.44 11.39
N ARG B 177 4.18 -13.89 11.49
CA ARG B 177 3.89 -15.28 11.80
C ARG B 177 4.45 -16.15 10.68
N GLY B 178 5.35 -17.06 11.03
CA GLY B 178 6.09 -17.85 10.03
C GLY B 178 5.21 -18.58 9.01
N ASN B 179 4.20 -19.27 9.53
CA ASN B 179 3.31 -20.08 8.69
C ASN B 179 2.19 -19.27 8.04
N ARG B 180 2.32 -17.94 8.13
CA ARG B 180 1.50 -17.06 7.32
C ARG B 180 2.25 -16.36 6.15
N THR B 181 3.57 -16.59 6.04
CA THR B 181 4.39 -15.84 5.06
C THR B 181 4.55 -16.54 3.70
N THR B 182 4.88 -15.71 2.72
CA THR B 182 5.42 -16.17 1.45
C THR B 182 6.44 -15.10 0.97
N LYS B 183 7.44 -15.51 0.21
CA LYS B 183 8.29 -14.53 -0.50
C LYS B 183 7.50 -13.94 -1.67
N ALA B 184 6.97 -12.73 -1.49
CA ALA B 184 6.09 -12.11 -2.49
C ALA B 184 6.83 -11.28 -3.56
N HIS B 185 8.02 -10.78 -3.23
CA HIS B 185 8.70 -9.81 -4.05
C HIS B 185 10.13 -10.27 -4.22
N ALA B 186 10.44 -10.79 -5.40
CA ALA B 186 11.71 -11.49 -5.59
C ALA B 186 12.90 -10.54 -5.59
N ASP B 187 12.67 -9.29 -6.02
CA ASP B 187 13.74 -8.32 -6.16
C ASP B 187 13.74 -7.24 -5.05
N GLY B 188 12.69 -7.19 -4.25
CA GLY B 188 12.58 -6.12 -3.27
C GLY B 188 13.22 -6.47 -1.94
N PHE B 189 13.69 -5.48 -1.21
CA PHE B 189 14.04 -5.71 0.20
C PHE B 189 12.87 -6.11 1.08
N ASP B 190 11.65 -5.69 0.71
CA ASP B 190 10.42 -6.15 1.37
C ASP B 190 10.00 -7.49 0.75
N ALA B 191 10.94 -8.46 0.70
CA ALA B 191 10.69 -9.74 0.02
C ALA B 191 9.47 -10.56 0.53
N PHE B 192 9.18 -10.47 1.83
CA PHE B 192 8.16 -11.34 2.40
C PHE B 192 6.84 -10.64 2.66
N ALA B 193 5.74 -11.32 2.36
CA ALA B 193 4.45 -10.83 2.83
C ALA B 193 3.75 -11.87 3.71
N SER B 194 2.74 -11.39 4.45
CA SER B 194 1.81 -12.19 5.26
C SER B 194 0.39 -11.81 4.78
N PRO B 195 0.01 -12.27 3.59
CA PRO B 195 -1.14 -11.72 2.93
C PRO B 195 -2.46 -11.86 3.66
N ASN B 196 -2.58 -12.85 4.55
CA ASN B 196 -3.84 -13.11 5.25
C ASN B 196 -3.81 -12.83 6.76
N LEU B 197 -2.72 -12.25 7.25
CA LEU B 197 -2.60 -11.88 8.66
C LEU B 197 -1.65 -10.69 8.80
N PRO B 198 -2.01 -9.68 9.63
CA PRO B 198 -1.09 -8.57 9.87
C PRO B 198 0.24 -9.03 10.52
N PRO B 199 1.28 -8.18 10.45
CA PRO B 199 2.55 -8.49 11.14
C PRO B 199 2.30 -8.64 12.64
N LEU B 200 3.19 -9.33 13.33
CA LEU B 200 3.10 -9.46 14.77
C LEU B 200 3.72 -8.22 15.43
N LEU B 201 4.62 -7.56 14.71
CA LEU B 201 5.45 -6.48 15.25
C LEU B 201 5.98 -5.65 14.11
N GLU B 202 6.08 -4.34 14.33
CA GLU B 202 6.71 -3.46 13.35
C GLU B 202 7.78 -2.62 14.05
N ALA B 203 8.90 -2.40 13.36
CA ALA B 203 10.01 -1.64 13.88
C ALA B 203 10.12 -0.25 13.24
N GLY B 204 10.09 0.78 14.08
CA GLY B 204 10.35 2.14 13.64
C GLY B 204 11.34 2.79 14.60
N ILE B 205 11.11 4.06 14.93
CA ILE B 205 11.85 4.69 16.03
C ILE B 205 11.67 3.83 17.29
N HIS B 206 10.43 3.38 17.50
CA HIS B 206 10.06 2.46 18.57
C HIS B 206 9.67 1.12 17.96
N ILE B 207 9.75 0.05 18.76
CA ILE B 207 9.26 -1.25 18.31
C ILE B 207 7.82 -1.39 18.76
N ARG B 208 6.92 -1.53 17.79
CA ARG B 208 5.48 -1.60 18.07
C ARG B 208 4.97 -3.04 17.93
N ARG B 209 4.30 -3.52 18.97
CA ARG B 209 3.58 -4.78 18.93
C ARG B 209 2.14 -4.56 18.42
N LEU B 210 1.67 -5.42 17.52
CA LEU B 210 0.34 -5.25 16.97
C LEU B 210 -0.66 -6.18 17.64
N ASN B 211 -1.95 -5.88 17.48
CA ASN B 211 -3.02 -6.59 18.21
C ASN B 211 -3.28 -8.04 17.76
N THR B 212 -2.37 -8.61 16.99
CA THR B 212 -2.59 -9.90 16.34
C THR B 212 -2.88 -11.00 17.38
N PRO B 213 -3.98 -11.76 17.16
CA PRO B 213 -4.39 -12.81 18.10
C PRO B 213 -3.37 -13.95 18.20
N PRO B 214 -3.23 -14.55 19.40
CA PRO B 214 -2.27 -15.63 19.66
C PRO B 214 -2.60 -16.96 18.95
N ALA B 215 -1.55 -17.71 18.62
CA ALA B 215 -1.70 -19.07 18.15
C ALA B 215 -2.00 -19.99 19.34
N PRO B 216 -2.49 -21.22 19.07
CA PRO B 216 -2.69 -22.22 20.10
C PRO B 216 -1.37 -22.62 20.77
N HIS B 217 -1.37 -22.77 22.09
CA HIS B 217 -0.12 -23.00 22.80
C HIS B 217 -0.21 -24.14 23.80
N GLY B 218 0.75 -25.06 23.71
CA GLY B 218 0.90 -26.12 24.71
C GLY B 218 1.67 -25.68 25.95
N GLU B 219 2.10 -26.65 26.75
CA GLU B 219 2.78 -26.34 28.01
C GLU B 219 3.73 -27.46 28.41
N GLY B 220 4.92 -27.06 28.87
CA GLY B 220 5.93 -27.99 29.33
C GLY B 220 7.14 -28.01 28.40
N GLU B 221 7.86 -29.13 28.38
CA GLU B 221 9.08 -29.19 27.58
C GLU B 221 8.80 -29.29 26.11
N LEU B 222 9.70 -28.68 25.34
CA LEU B 222 9.67 -28.69 23.88
C LEU B 222 9.62 -30.13 23.36
N ILE B 223 8.67 -30.39 22.48
CA ILE B 223 8.54 -31.66 21.76
C ILE B 223 8.71 -31.43 20.27
N VAL B 224 9.65 -32.14 19.66
CA VAL B 224 9.83 -32.04 18.22
C VAL B 224 9.11 -33.22 17.55
N HIS B 225 8.12 -32.90 16.71
CA HIS B 225 7.43 -33.91 15.91
C HIS B 225 8.22 -34.11 14.61
N PRO B 226 8.47 -35.39 14.23
CA PRO B 226 9.23 -35.66 13.01
C PRO B 226 8.49 -35.18 11.77
N ILE B 227 9.23 -34.59 10.84
CA ILE B 227 8.73 -34.42 9.46
C ILE B 227 9.65 -35.21 8.56
N THR B 228 9.04 -36.15 7.85
CA THR B 228 9.76 -36.98 6.90
C THR B 228 9.33 -36.61 5.47
N PRO B 229 10.17 -36.92 4.45
CA PRO B 229 9.75 -37.00 3.05
C PRO B 229 8.41 -37.69 2.84
N GLN B 230 7.56 -37.04 2.05
CA GLN B 230 6.22 -37.48 1.73
C GLN B 230 5.98 -37.05 0.30
N PRO B 231 5.53 -37.97 -0.57
CA PRO B 231 5.25 -37.57 -1.96
C PRO B 231 3.96 -36.75 -2.05
N ILE B 232 4.14 -35.45 -2.24
CA ILE B 232 3.00 -34.52 -2.33
C ILE B 232 3.08 -33.80 -3.67
N GLY B 233 1.99 -33.86 -4.43
CA GLY B 233 1.89 -33.11 -5.67
C GLY B 233 1.26 -31.74 -5.47
N VAL B 234 1.72 -30.78 -6.28
CA VAL B 234 1.24 -29.39 -6.23
C VAL B 234 0.71 -29.01 -7.62
N VAL B 235 -0.62 -29.14 -7.76
CA VAL B 235 -1.33 -28.91 -9.01
C VAL B 235 -1.78 -27.46 -9.09
N THR B 236 -1.36 -26.77 -10.14
CA THR B 236 -1.92 -25.47 -10.47
C THR B 236 -3.11 -25.66 -11.44
N ILE B 237 -4.26 -25.10 -11.07
CA ILE B 237 -5.44 -25.11 -11.92
C ILE B 237 -5.33 -23.96 -12.93
N TYR B 238 -5.50 -24.27 -14.21
CA TYR B 238 -5.41 -23.28 -15.28
C TYR B 238 -6.20 -23.80 -16.46
N PRO B 239 -6.69 -22.89 -17.32
CA PRO B 239 -7.53 -23.31 -18.44
C PRO B 239 -6.82 -24.32 -19.34
N GLY B 240 -7.52 -25.42 -19.63
CA GLY B 240 -6.98 -26.47 -20.48
C GLY B 240 -6.26 -27.58 -19.73
N ILE B 241 -6.12 -27.46 -18.41
CA ILE B 241 -5.62 -28.57 -17.59
C ILE B 241 -6.47 -29.83 -17.78
N SER B 242 -5.83 -30.97 -18.04
CA SER B 242 -6.55 -32.24 -18.31
C SER B 242 -6.74 -33.12 -17.08
N ALA B 243 -7.67 -34.09 -17.16
CA ALA B 243 -7.76 -35.17 -16.17
C ALA B 243 -6.45 -35.98 -16.07
N ASP B 244 -5.67 -35.99 -17.16
CA ASP B 244 -4.40 -36.73 -17.23
C ASP B 244 -3.44 -36.31 -16.11
N VAL B 245 -3.48 -35.03 -15.72
CA VAL B 245 -2.65 -34.51 -14.63
C VAL B 245 -2.95 -35.23 -13.29
N VAL B 246 -4.23 -35.26 -12.89
CA VAL B 246 -4.64 -35.97 -11.68
C VAL B 246 -4.37 -37.48 -11.78
N ARG B 247 -4.59 -38.06 -12.97
CA ARG B 247 -4.26 -39.47 -13.21
C ARG B 247 -2.75 -39.76 -13.15
N ASN B 248 -1.93 -38.85 -13.66
CA ASN B 248 -0.47 -39.00 -13.62
C ASN B 248 0.13 -38.96 -12.21
N PHE B 249 -0.36 -38.05 -11.37
CA PHE B 249 0.03 -37.99 -9.96
C PHE B 249 -0.38 -39.24 -9.20
N LEU B 250 -1.53 -39.79 -9.57
CA LEU B 250 -2.14 -40.96 -8.91
C LEU B 250 -1.33 -42.24 -9.02
N ARG B 251 -0.38 -42.27 -9.95
CA ARG B 251 0.46 -43.45 -10.23
C ARG B 251 1.35 -43.87 -9.05
N GLN B 252 2.05 -42.90 -8.43
CA GLN B 252 2.84 -43.14 -7.22
C GLN B 252 3.16 -41.90 -6.37
N PRO B 253 3.84 -40.88 -6.97
CA PRO B 253 4.28 -39.77 -6.10
C PRO B 253 3.14 -38.90 -5.58
N VAL B 254 2.20 -39.52 -4.83
CA VAL B 254 1.11 -38.81 -4.17
C VAL B 254 0.54 -39.61 -2.97
N LYS B 255 0.76 -39.07 -1.79
CA LYS B 255 -0.04 -39.41 -0.62
C LYS B 255 -0.99 -38.25 -0.35
N ALA B 256 -0.67 -37.11 -0.99
CA ALA B 256 -1.46 -35.91 -0.85
C ALA B 256 -1.34 -35.11 -2.14
N LEU B 257 -2.33 -34.27 -2.40
CA LEU B 257 -2.36 -33.43 -3.58
C LEU B 257 -2.86 -32.04 -3.17
N ILE B 258 -2.09 -31.01 -3.50
CA ILE B 258 -2.50 -29.64 -3.24
C ILE B 258 -3.01 -29.07 -4.54
N LEU B 259 -4.24 -28.54 -4.50
CA LEU B 259 -4.85 -27.85 -5.63
C LEU B 259 -4.78 -26.32 -5.43
N ARG B 260 -4.04 -25.65 -6.30
CA ARG B 260 -4.06 -24.19 -6.34
C ARG B 260 -5.17 -23.80 -7.30
N SER B 261 -6.40 -23.78 -6.77
CA SER B 261 -7.61 -23.44 -7.56
C SER B 261 -7.83 -21.95 -7.73
N TYR B 262 -8.83 -21.58 -8.53
CA TYR B 262 -9.17 -20.18 -8.75
C TYR B 262 -9.93 -19.54 -7.61
N GLY B 263 -9.69 -18.25 -7.39
CA GLY B 263 -10.56 -17.45 -6.52
C GLY B 263 -10.81 -18.10 -5.18
N VAL B 264 -12.09 -18.26 -4.80
CA VAL B 264 -12.42 -18.88 -3.50
C VAL B 264 -12.43 -20.41 -3.57
N GLY B 265 -11.67 -20.96 -4.50
CA GLY B 265 -11.42 -22.41 -4.54
C GLY B 265 -12.24 -23.11 -5.61
N ASN B 266 -12.32 -22.52 -6.80
CA ASN B 266 -13.06 -23.12 -7.93
C ASN B 266 -12.15 -23.79 -8.94
N ALA B 267 -12.67 -24.83 -9.59
CA ALA B 267 -11.91 -25.57 -10.61
C ALA B 267 -12.88 -25.98 -11.72
N PRO B 268 -12.37 -26.45 -12.89
CA PRO B 268 -13.30 -26.87 -13.97
C PRO B 268 -14.24 -27.97 -13.49
N GLN B 269 -15.50 -27.92 -13.94
CA GLN B 269 -16.52 -28.87 -13.50
C GLN B 269 -16.52 -30.18 -14.28
N ASN B 270 -15.57 -30.30 -15.20
CA ASN B 270 -15.26 -31.51 -15.99
C ASN B 270 -15.48 -32.83 -15.22
N LYS B 271 -16.36 -33.69 -15.73
CA LYS B 271 -16.70 -34.98 -15.08
C LYS B 271 -15.51 -35.92 -14.86
N ALA B 272 -14.60 -35.99 -15.82
CA ALA B 272 -13.38 -36.83 -15.70
C ALA B 272 -12.42 -36.29 -14.65
N PHE B 273 -12.37 -34.97 -14.55
CA PHE B 273 -11.52 -34.28 -13.58
C PHE B 273 -11.99 -34.60 -12.16
N LEU B 274 -13.28 -34.41 -11.92
CA LEU B 274 -13.92 -34.66 -10.62
C LEU B 274 -13.94 -36.15 -10.28
N GLN B 275 -13.92 -36.98 -11.32
CA GLN B 275 -13.82 -38.43 -11.19
C GLN B 275 -12.45 -38.84 -10.66
N GLU B 276 -11.39 -38.32 -11.28
CA GLU B 276 -10.01 -38.63 -10.91
C GLU B 276 -9.67 -38.15 -9.50
N LEU B 277 -10.32 -37.07 -9.07
CA LEU B 277 -10.16 -36.53 -7.70
C LEU B 277 -10.89 -37.41 -6.70
N GLN B 278 -12.10 -37.82 -7.06
CA GLN B 278 -12.89 -38.70 -6.21
C GLN B 278 -12.14 -40.01 -6.04
N GLU B 279 -11.58 -40.49 -7.15
CA GLU B 279 -10.71 -41.68 -7.18
C GLU B 279 -9.51 -41.51 -6.25
N ALA B 280 -8.86 -40.36 -6.33
CA ALA B 280 -7.71 -40.08 -5.49
C ALA B 280 -8.09 -40.23 -4.01
N SER B 281 -9.12 -39.52 -3.58
CA SER B 281 -9.56 -39.58 -2.19
C SER B 281 -10.00 -40.98 -1.76
N ASP B 282 -10.57 -41.74 -2.71
CA ASP B 282 -10.91 -43.14 -2.51
C ASP B 282 -9.66 -43.98 -2.16
N ARG B 283 -8.56 -43.76 -2.89
CA ARG B 283 -7.30 -44.47 -2.62
C ARG B 283 -6.56 -43.98 -1.38
N GLY B 284 -7.17 -43.06 -0.63
CA GLY B 284 -6.62 -42.58 0.62
C GLY B 284 -5.70 -41.38 0.45
N ILE B 285 -5.69 -40.82 -0.74
CA ILE B 285 -4.93 -39.61 -1.00
C ILE B 285 -5.64 -38.40 -0.36
N VAL B 286 -4.90 -37.58 0.39
CA VAL B 286 -5.47 -36.37 0.99
C VAL B 286 -5.42 -35.23 -0.03
N VAL B 287 -6.59 -34.81 -0.48
CA VAL B 287 -6.67 -33.76 -1.50
C VAL B 287 -7.13 -32.47 -0.84
N VAL B 288 -6.29 -31.44 -0.91
CA VAL B 288 -6.52 -30.14 -0.26
C VAL B 288 -6.67 -28.97 -1.25
N ASN B 289 -7.77 -28.23 -1.13
CA ASN B 289 -8.08 -27.15 -2.05
C ASN B 289 -7.62 -25.82 -1.46
N LEU B 290 -6.74 -25.12 -2.17
CA LEU B 290 -6.29 -23.76 -1.80
C LEU B 290 -6.60 -22.75 -2.90
N THR B 291 -6.47 -21.46 -2.59
CA THR B 291 -6.48 -20.47 -3.63
C THR B 291 -5.08 -20.23 -4.20
N GLN B 292 -5.01 -20.09 -5.52
CA GLN B 292 -3.79 -19.67 -6.21
C GLN B 292 -3.56 -18.18 -6.01
N CYS B 293 -4.58 -17.46 -5.49
CA CYS B 293 -4.46 -16.02 -5.27
C CYS B 293 -3.52 -15.70 -4.10
N MET B 294 -2.84 -14.56 -4.18
CA MET B 294 -2.01 -14.07 -3.05
C MET B 294 -2.79 -14.08 -1.73
N SER B 295 -3.99 -13.51 -1.73
CA SER B 295 -4.78 -13.44 -0.49
C SER B 295 -6.20 -13.92 -0.74
N GLY B 296 -6.88 -14.25 0.36
CA GLY B 296 -8.26 -14.72 0.34
C GLY B 296 -8.42 -16.10 0.94
N LYS B 297 -9.66 -16.56 0.96
CA LYS B 297 -10.04 -17.76 1.69
C LYS B 297 -10.89 -18.67 0.83
N VAL B 298 -10.52 -19.94 0.79
CA VAL B 298 -11.30 -20.94 0.10
C VAL B 298 -12.61 -21.13 0.81
N ASN B 299 -13.69 -21.18 0.02
CA ASN B 299 -15.03 -21.48 0.49
C ASN B 299 -15.63 -22.58 -0.36
N MET B 300 -15.75 -23.77 0.23
CA MET B 300 -16.28 -24.97 -0.43
C MET B 300 -17.82 -24.95 -0.57
N ALA B 308 -19.64 -31.33 -7.11
CA ALA B 308 -18.76 -30.35 -6.49
C ALA B 308 -17.50 -31.01 -5.94
N LEU B 309 -16.49 -30.20 -5.64
CA LEU B 309 -15.22 -30.71 -5.10
C LEU B 309 -15.39 -31.35 -3.72
N ALA B 310 -16.20 -30.73 -2.86
CA ALA B 310 -16.50 -31.28 -1.53
C ALA B 310 -17.08 -32.70 -1.61
N HIS B 311 -17.96 -32.91 -2.60
CA HIS B 311 -18.56 -34.22 -2.82
C HIS B 311 -17.54 -35.21 -3.38
N ALA B 312 -16.49 -34.68 -4.01
CA ALA B 312 -15.39 -35.51 -4.51
C ALA B 312 -14.32 -35.84 -3.46
N GLY B 313 -14.57 -35.46 -2.21
CA GLY B 313 -13.66 -35.76 -1.11
C GLY B 313 -12.56 -34.73 -0.83
N VAL B 314 -12.55 -33.67 -1.63
CA VAL B 314 -11.59 -32.57 -1.49
C VAL B 314 -11.85 -31.82 -0.17
N ILE B 315 -10.78 -31.53 0.57
CA ILE B 315 -10.82 -30.78 1.82
C ILE B 315 -10.44 -29.32 1.60
N GLY B 316 -11.22 -28.39 2.15
CA GLY B 316 -10.91 -26.97 2.04
C GLY B 316 -9.73 -26.55 2.91
N GLY B 317 -8.80 -25.79 2.31
CA GLY B 317 -7.65 -25.29 3.03
C GLY B 317 -7.80 -23.87 3.59
N ALA B 318 -9.02 -23.37 3.63
CA ALA B 318 -9.31 -22.03 4.13
C ALA B 318 -8.35 -20.99 3.50
N ASP B 319 -7.67 -20.18 4.31
CA ASP B 319 -6.78 -19.13 3.77
C ASP B 319 -5.31 -19.52 3.87
N MET B 320 -5.00 -20.83 3.94
CA MET B 320 -3.61 -21.25 4.05
C MET B 320 -2.81 -20.98 2.79
N THR B 321 -1.55 -20.61 2.97
CA THR B 321 -0.56 -20.53 1.88
C THR B 321 -0.19 -21.96 1.46
N VAL B 322 0.35 -22.10 0.27
CA VAL B 322 0.97 -23.39 -0.15
C VAL B 322 2.08 -23.85 0.80
N GLU B 323 2.84 -22.88 1.32
CA GLU B 323 3.96 -23.15 2.20
C GLU B 323 3.41 -23.78 3.50
N ALA B 324 2.34 -23.20 4.07
CA ALA B 324 1.74 -23.78 5.27
C ALA B 324 1.14 -25.19 5.01
N THR B 325 0.35 -25.30 3.94
CA THR B 325 -0.31 -26.54 3.52
C THR B 325 0.67 -27.69 3.16
N LEU B 326 1.72 -27.38 2.41
CA LEU B 326 2.77 -28.36 2.14
C LEU B 326 3.39 -28.91 3.45
N THR B 327 3.78 -27.98 4.34
CA THR B 327 4.46 -28.40 5.53
C THR B 327 3.54 -29.08 6.54
N LYS B 328 2.27 -28.62 6.64
CA LYS B 328 1.23 -29.20 7.50
C LYS B 328 0.98 -30.63 7.08
N LEU B 329 0.94 -30.88 5.76
CA LEU B 329 0.79 -32.25 5.25
C LEU B 329 1.99 -33.12 5.64
N HIS B 330 3.22 -32.62 5.42
CA HIS B 330 4.43 -33.32 5.84
C HIS B 330 4.35 -33.68 7.30
N TYR B 331 3.89 -32.72 8.11
CA TYR B 331 3.76 -32.93 9.54
C TYR B 331 2.76 -34.04 9.86
N LEU B 332 1.52 -33.90 9.39
CA LEU B 332 0.45 -34.84 9.72
C LEU B 332 0.70 -36.24 9.16
N LEU B 333 1.13 -36.34 7.90
CA LEU B 333 1.45 -37.65 7.27
C LEU B 333 2.57 -38.41 8.02
N SER B 334 3.47 -37.65 8.64
CA SER B 334 4.58 -38.23 9.42
C SER B 334 4.16 -38.55 10.86
N GLN B 335 2.92 -38.22 11.23
CA GLN B 335 2.44 -38.50 12.60
C GLN B 335 1.61 -39.79 12.67
N GLU B 336 1.26 -40.17 13.90
CA GLU B 336 0.46 -41.36 14.20
C GLU B 336 -1.04 -41.08 14.08
N LEU B 337 -1.51 -40.89 12.84
CA LEU B 337 -2.91 -40.51 12.55
C LEU B 337 -3.43 -41.21 11.30
N ASP B 338 -4.73 -41.54 11.26
CA ASP B 338 -5.34 -42.12 10.04
C ASP B 338 -5.80 -41.05 9.03
N THR B 339 -6.16 -41.48 7.82
CA THR B 339 -6.50 -40.56 6.73
C THR B 339 -7.63 -39.58 7.10
N GLU B 340 -8.62 -40.07 7.82
CA GLU B 340 -9.77 -39.26 8.25
C GLU B 340 -9.33 -38.18 9.21
N THR B 341 -8.43 -38.54 10.14
CA THR B 341 -7.93 -37.62 11.15
C THR B 341 -7.07 -36.53 10.51
N ILE B 342 -6.25 -36.93 9.55
CA ILE B 342 -5.41 -35.98 8.79
C ILE B 342 -6.30 -35.00 8.03
N ARG B 343 -7.32 -35.52 7.35
CA ARG B 343 -8.26 -34.70 6.57
C ARG B 343 -8.94 -33.64 7.46
N LYS B 344 -9.39 -34.07 8.66
CA LYS B 344 -10.04 -33.17 9.60
C LYS B 344 -9.06 -32.14 10.15
N ALA B 345 -7.84 -32.58 10.44
CA ALA B 345 -6.79 -31.72 11.00
C ALA B 345 -6.36 -30.63 10.01
N MET B 346 -6.41 -30.96 8.73
CA MET B 346 -6.05 -29.99 7.68
C MET B 346 -6.89 -28.70 7.67
N SER B 347 -8.16 -28.77 8.06
CA SER B 347 -9.04 -27.58 8.08
C SER B 347 -9.12 -26.93 9.46
N GLN B 348 -8.37 -27.50 10.40
CA GLN B 348 -8.31 -27.00 11.77
C GLN B 348 -7.11 -26.09 11.97
N ASN B 349 -7.27 -25.02 12.76
CA ASN B 349 -6.17 -24.10 13.06
C ASN B 349 -5.21 -24.70 14.10
N LEU B 350 -4.09 -25.25 13.65
CA LEU B 350 -3.15 -25.98 14.54
C LEU B 350 -2.09 -25.11 15.23
N ARG B 351 -1.65 -24.08 14.52
CA ARG B 351 -0.52 -23.27 14.89
C ARG B 351 -0.66 -21.80 14.50
N GLY B 352 -1.86 -21.39 14.12
CA GLY B 352 -2.09 -20.00 13.68
C GLY B 352 -1.98 -19.80 12.17
N GLU B 353 -1.96 -20.90 11.41
CA GLU B 353 -1.75 -20.85 9.95
C GLU B 353 -3.05 -20.60 9.16
N LEU B 354 -4.20 -20.68 9.85
CA LEU B 354 -5.49 -20.68 9.18
C LEU B 354 -6.48 -19.84 10.02
N THR B 355 -7.42 -19.19 9.37
CA THR B 355 -8.45 -18.42 10.10
C THR B 355 -9.76 -19.23 10.16
N PRO B 356 -10.18 -19.64 11.37
CA PRO B 356 -11.39 -20.46 11.46
C PRO B 356 -12.64 -19.68 11.07
N ASP B 357 -13.63 -20.41 10.57
CA ASP B 357 -14.94 -19.87 10.16
C ASP B 357 -15.63 -19.15 11.30
N LYS C 23 -36.46 -7.14 10.78
CA LYS C 23 -35.96 -6.11 9.82
C LYS C 23 -35.53 -4.85 10.55
N LYS C 24 -34.26 -4.48 10.42
CA LYS C 24 -33.73 -3.28 11.06
C LYS C 24 -34.28 -2.04 10.39
N SER C 25 -34.28 -0.93 11.13
CA SER C 25 -34.68 0.35 10.59
C SER C 25 -33.58 1.39 10.84
N ILE C 26 -33.10 1.99 9.77
CA ILE C 26 -31.97 2.92 9.83
C ILE C 26 -32.46 4.35 9.54
N TYR C 27 -32.04 5.31 10.35
CA TYR C 27 -32.30 6.73 10.10
C TYR C 27 -31.15 7.34 9.30
N VAL C 28 -31.49 8.09 8.25
CA VAL C 28 -30.51 8.74 7.38
C VAL C 28 -30.66 10.25 7.46
N ALA C 29 -29.62 10.92 7.96
CA ALA C 29 -29.62 12.39 7.99
C ALA C 29 -28.88 12.86 6.76
N TYR C 30 -29.62 13.43 5.82
CA TYR C 30 -29.03 14.03 4.63
C TYR C 30 -28.73 15.50 4.89
N THR C 31 -27.49 15.76 5.28
CA THR C 31 -27.11 17.10 5.77
C THR C 31 -26.65 17.99 4.60
N GLY C 32 -26.28 17.35 3.49
CA GLY C 32 -25.80 18.03 2.30
C GLY C 32 -24.67 17.26 1.66
N GLY C 33 -23.80 17.97 0.94
CA GLY C 33 -22.67 17.34 0.27
C GLY C 33 -22.75 17.35 -1.24
N GLN C 54 -34.52 10.23 -6.51
CA GLN C 54 -33.31 9.63 -7.06
C GLN C 54 -33.14 8.17 -6.61
N LEU C 55 -33.26 7.94 -5.30
CA LEU C 55 -33.16 6.60 -4.71
C LEU C 55 -34.29 5.67 -5.14
N ALA C 56 -35.44 6.26 -5.46
CA ALA C 56 -36.61 5.51 -5.92
C ALA C 56 -36.39 4.88 -7.30
N LEU C 57 -35.52 5.52 -8.08
CA LEU C 57 -35.21 5.10 -9.46
C LEU C 57 -34.12 4.01 -9.49
N MET C 58 -33.69 3.59 -8.30
CA MET C 58 -32.69 2.54 -8.14
C MET C 58 -33.26 1.42 -7.27
N PRO C 59 -33.43 0.21 -7.86
CA PRO C 59 -34.17 -0.90 -7.21
C PRO C 59 -33.38 -1.67 -6.16
N GLU C 60 -32.04 -1.58 -6.21
CA GLU C 60 -31.16 -2.25 -5.24
C GLU C 60 -31.42 -1.83 -3.79
N PHE C 61 -31.78 -0.56 -3.59
CA PHE C 61 -32.00 -0.02 -2.26
C PHE C 61 -33.22 -0.62 -1.54
N HIS C 62 -34.18 -1.09 -2.31
CA HIS C 62 -35.44 -1.58 -1.76
C HIS C 62 -35.54 -3.12 -1.70
N ARG C 63 -34.47 -3.78 -2.16
CA ARG C 63 -34.34 -5.24 -2.09
C ARG C 63 -34.63 -5.80 -0.69
N PRO C 64 -35.08 -7.08 -0.61
CA PRO C 64 -35.45 -7.71 0.68
C PRO C 64 -34.32 -7.78 1.71
N GLU C 65 -33.07 -7.81 1.24
CA GLU C 65 -31.91 -7.96 2.12
C GLU C 65 -31.55 -6.65 2.85
N MET C 66 -32.00 -5.53 2.32
CA MET C 66 -31.72 -4.20 2.88
C MET C 66 -32.58 -3.88 4.13
N PRO C 67 -32.03 -3.12 5.08
CA PRO C 67 -32.90 -2.69 6.16
C PRO C 67 -33.88 -1.63 5.65
N ASP C 68 -34.96 -1.38 6.40
CA ASP C 68 -35.78 -0.22 6.12
C ASP C 68 -34.95 1.02 6.46
N PHE C 69 -35.17 2.12 5.75
CA PHE C 69 -34.52 3.39 6.09
C PHE C 69 -35.43 4.57 5.77
N THR C 70 -35.22 5.67 6.50
CA THR C 70 -35.91 6.93 6.23
C THR C 70 -34.88 8.02 6.10
N ILE C 71 -35.10 8.90 5.12
CA ILE C 71 -34.21 10.03 4.89
C ILE C 71 -34.87 11.33 5.34
N HIS C 72 -34.13 12.08 6.15
CA HIS C 72 -34.46 13.43 6.50
C HIS C 72 -33.52 14.37 5.77
N GLU C 73 -34.08 15.11 4.81
CA GLU C 73 -33.35 16.18 4.13
C GLU C 73 -33.31 17.42 5.00
N TYR C 74 -32.10 17.87 5.31
CA TYR C 74 -31.90 19.02 6.17
C TYR C 74 -32.29 20.30 5.44
N THR C 75 -32.61 21.35 6.20
CA THR C 75 -32.93 22.67 5.62
C THR C 75 -32.21 23.77 6.40
N PRO C 76 -31.28 24.50 5.74
CA PRO C 76 -30.82 24.35 4.35
C PRO C 76 -29.91 23.12 4.21
N LEU C 77 -29.71 22.67 2.98
CA LEU C 77 -28.65 21.68 2.67
C LEU C 77 -27.32 22.43 2.56
N MET C 78 -26.25 21.81 3.03
CA MET C 78 -25.01 22.55 3.19
C MET C 78 -23.84 21.90 2.51
N ASP C 79 -23.03 22.74 1.86
CA ASP C 79 -21.68 22.35 1.48
C ASP C 79 -20.90 22.19 2.78
N SER C 80 -20.24 21.05 2.94
CA SER C 80 -19.53 20.84 4.20
C SER C 80 -18.36 21.82 4.43
N SER C 81 -17.91 22.51 3.37
CA SER C 81 -16.88 23.56 3.55
C SER C 81 -17.44 24.76 4.29
N ASP C 82 -18.77 24.86 4.35
CA ASP C 82 -19.44 26.00 4.99
C ASP C 82 -19.81 25.77 6.46
N MET C 83 -19.50 24.59 6.97
CA MET C 83 -19.93 24.22 8.30
C MET C 83 -19.16 24.88 9.43
N THR C 84 -19.91 25.23 10.46
CA THR C 84 -19.36 25.79 11.66
C THR C 84 -19.52 24.76 12.76
N PRO C 85 -18.82 24.94 13.89
CA PRO C 85 -19.06 24.01 14.97
C PRO C 85 -20.52 23.87 15.41
N GLU C 86 -21.35 24.91 15.25
CA GLU C 86 -22.78 24.79 15.65
C GLU C 86 -23.54 23.76 14.85
N ASP C 87 -23.15 23.60 13.58
CA ASP C 87 -23.66 22.56 12.72
C ASP C 87 -23.40 21.14 13.28
N TRP C 88 -22.29 20.94 14.00
CA TRP C 88 -22.06 19.67 14.71
C TRP C 88 -23.11 19.47 15.78
N GLN C 89 -23.44 20.54 16.47
CA GLN C 89 -24.48 20.51 17.47
C GLN C 89 -25.86 20.12 16.87
N HIS C 90 -26.23 20.73 15.73
CA HIS C 90 -27.52 20.46 15.10
C HIS C 90 -27.65 18.99 14.77
N ILE C 91 -26.56 18.42 14.25
CA ILE C 91 -26.55 16.99 13.92
C ILE C 91 -26.63 16.13 15.17
N ALA C 92 -25.88 16.48 16.22
CA ALA C 92 -25.86 15.66 17.45
C ALA C 92 -27.28 15.58 18.04
N GLU C 93 -27.92 16.75 18.11
CA GLU C 93 -29.30 16.87 18.62
C GLU C 93 -30.33 16.15 17.75
N ASP C 94 -30.14 16.14 16.42
CA ASP C 94 -30.95 15.36 15.46
C ASP C 94 -30.84 13.85 15.70
N ILE C 95 -29.62 13.38 15.94
CA ILE C 95 -29.48 11.97 16.33
C ILE C 95 -30.19 11.71 17.67
N LYS C 96 -30.05 12.66 18.60
CA LYS C 96 -30.64 12.52 19.92
C LYS C 96 -32.16 12.35 19.76
N ALA C 97 -32.81 13.27 19.04
CA ALA C 97 -34.26 13.18 18.77
C ALA C 97 -34.69 11.81 18.22
N HIS C 98 -33.89 11.24 17.31
CA HIS C 98 -34.25 9.99 16.62
C HIS C 98 -33.71 8.69 17.24
N TYR C 99 -32.98 8.82 18.35
CA TYR C 99 -32.18 7.71 18.90
C TYR C 99 -32.99 6.45 19.19
N ASP C 100 -34.04 6.62 20.00
CA ASP C 100 -34.87 5.49 20.45
C ASP C 100 -35.62 4.75 19.34
N ASP C 101 -35.83 5.40 18.20
CA ASP C 101 -36.73 4.84 17.19
C ASP C 101 -36.08 4.16 16.00
N TYR C 102 -34.74 4.06 16.01
CA TYR C 102 -34.01 3.45 14.91
C TYR C 102 -32.91 2.57 15.44
N ASP C 103 -32.49 1.60 14.65
CA ASP C 103 -31.46 0.65 15.10
C ASP C 103 -30.04 1.13 14.82
N GLY C 104 -29.94 2.19 14.03
CA GLY C 104 -28.64 2.78 13.67
C GLY C 104 -28.85 4.05 12.86
N PHE C 105 -27.76 4.75 12.61
CA PHE C 105 -27.86 6.09 12.05
C PHE C 105 -26.81 6.28 10.99
N VAL C 106 -27.22 6.81 9.83
CA VAL C 106 -26.28 7.18 8.76
C VAL C 106 -26.34 8.68 8.52
N ILE C 107 -25.17 9.32 8.50
CA ILE C 107 -25.06 10.76 8.33
C ILE C 107 -24.47 11.06 6.95
N LEU C 108 -25.31 11.56 6.04
CA LEU C 108 -24.84 11.93 4.70
C LEU C 108 -24.30 13.33 4.75
N HIS C 109 -23.08 13.47 4.24
CA HIS C 109 -22.25 14.62 4.52
C HIS C 109 -21.23 14.84 3.39
N GLY C 110 -20.92 16.11 3.13
CA GLY C 110 -19.85 16.50 2.24
C GLY C 110 -18.53 15.97 2.74
N THR C 111 -17.62 15.68 1.81
CA THR C 111 -16.35 15.13 2.19
C THR C 111 -15.37 16.13 2.77
N ASP C 112 -15.44 17.41 2.39
CA ASP C 112 -14.45 18.41 2.79
C ASP C 112 -14.23 18.45 4.29
N THR C 113 -15.31 18.38 5.07
CA THR C 113 -15.18 18.43 6.55
C THR C 113 -15.81 17.22 7.23
N MET C 114 -15.96 16.11 6.50
CA MET C 114 -16.61 14.94 7.07
C MET C 114 -15.90 14.43 8.33
N ALA C 115 -14.57 14.41 8.28
CA ALA C 115 -13.73 13.99 9.42
C ALA C 115 -13.85 14.86 10.65
N TYR C 116 -14.05 16.17 10.47
CA TYR C 116 -14.35 17.06 11.60
C TYR C 116 -15.68 16.72 12.25
N THR C 117 -16.74 16.58 11.43
CA THR C 117 -18.05 16.16 11.95
C THR C 117 -18.00 14.81 12.69
N ALA C 118 -17.46 13.77 12.03
CA ALA C 118 -17.29 12.46 12.68
C ALA C 118 -16.60 12.59 14.05
N SER C 119 -15.48 13.32 14.06
CA SER C 119 -14.68 13.57 15.26
C SER C 119 -15.52 14.26 16.32
N ALA C 120 -16.25 15.31 15.95
CA ALA C 120 -17.07 16.05 16.94
C ALA C 120 -18.16 15.18 17.58
N LEU C 121 -18.89 14.46 16.72
CA LEU C 121 -19.97 13.60 17.19
C LEU C 121 -19.46 12.56 18.20
N SER C 122 -18.26 12.04 17.96
CA SER C 122 -17.66 11.06 18.89
C SER C 122 -17.56 11.57 20.33
N PHE C 123 -17.18 12.84 20.50
CA PHE C 123 -17.07 13.41 21.84
C PHE C 123 -18.46 13.78 22.38
N MET C 124 -19.28 14.37 21.51
CA MET C 124 -20.61 14.85 21.92
C MET C 124 -21.57 13.74 22.29
N LEU C 125 -21.40 12.57 21.68
CA LEU C 125 -22.17 11.38 22.03
C LEU C 125 -21.40 10.54 23.03
N GLU C 126 -22.03 10.29 24.17
CA GLU C 126 -21.44 9.52 25.25
C GLU C 126 -22.37 8.38 25.57
N ASN C 127 -21.78 7.22 25.86
CA ASN C 127 -22.52 5.98 26.08
C ASN C 127 -23.32 5.52 24.85
N LEU C 128 -22.77 5.74 23.66
CA LEU C 128 -23.45 5.39 22.41
C LEU C 128 -23.72 3.88 22.33
N GLY C 129 -24.98 3.52 22.14
CA GLY C 129 -25.39 2.10 22.12
C GLY C 129 -25.86 1.57 20.78
N LYS C 130 -25.73 2.42 19.74
CA LYS C 130 -26.13 2.11 18.37
C LYS C 130 -25.09 2.72 17.43
N PRO C 131 -24.86 2.13 16.23
CA PRO C 131 -23.92 2.73 15.24
C PRO C 131 -24.36 4.07 14.64
N VAL C 132 -23.39 4.97 14.49
CA VAL C 132 -23.60 6.21 13.78
C VAL C 132 -22.51 6.20 12.76
N ILE C 133 -22.89 6.16 11.48
CA ILE C 133 -21.93 6.06 10.38
C ILE C 133 -22.06 7.30 9.48
N VAL C 134 -20.96 8.05 9.35
CA VAL C 134 -20.93 9.24 8.47
C VAL C 134 -20.37 8.75 7.13
N THR C 135 -20.99 9.19 6.03
CA THR C 135 -20.49 8.85 4.69
C THR C 135 -20.92 9.92 3.69
N GLY C 136 -20.60 9.72 2.42
CA GLY C 136 -20.79 10.73 1.41
C GLY C 136 -20.25 10.22 0.09
N SER C 137 -19.93 11.14 -0.80
CA SER C 137 -19.43 10.81 -2.14
C SER C 137 -18.40 11.83 -2.60
N GLN C 138 -17.43 11.36 -3.39
CA GLN C 138 -16.50 12.27 -4.04
C GLN C 138 -17.10 12.85 -5.33
N ILE C 139 -17.99 12.08 -5.95
CA ILE C 139 -18.74 12.53 -7.13
C ILE C 139 -20.23 12.62 -6.76
N PRO C 140 -20.84 13.82 -6.93
CA PRO C 140 -22.26 14.03 -6.68
C PRO C 140 -23.10 12.91 -7.23
N LEU C 141 -24.09 12.47 -6.44
CA LEU C 141 -25.07 11.47 -6.87
C LEU C 141 -25.63 11.68 -8.29
N ALA C 142 -25.86 12.95 -8.67
CA ALA C 142 -26.36 13.32 -9.99
C ALA C 142 -25.36 13.18 -11.15
N GLU C 143 -24.07 13.04 -10.82
CA GLU C 143 -23.05 12.94 -11.84
C GLU C 143 -22.69 11.48 -12.15
N LEU C 144 -22.12 11.27 -13.34
CA LEU C 144 -21.68 9.96 -13.80
C LEU C 144 -20.52 9.41 -12.95
N ARG C 145 -20.45 8.07 -12.81
CA ARG C 145 -19.41 7.38 -12.04
C ARG C 145 -19.48 7.69 -10.53
N SER C 146 -20.61 8.22 -10.07
CA SER C 146 -20.79 8.56 -8.67
C SER C 146 -20.55 7.36 -7.74
N ASP C 147 -19.89 7.66 -6.62
CA ASP C 147 -19.66 6.69 -5.53
C ASP C 147 -20.73 6.80 -4.44
N GLY C 148 -21.70 7.70 -4.63
CA GLY C 148 -22.66 8.04 -3.57
C GLY C 148 -23.56 6.88 -3.22
N GLN C 149 -24.09 6.22 -4.25
CA GLN C 149 -25.03 5.14 -4.07
C GLN C 149 -24.42 3.95 -3.33
N ILE C 150 -23.21 3.58 -3.72
CA ILE C 150 -22.51 2.45 -3.12
C ILE C 150 -22.01 2.70 -1.69
N ASN C 151 -21.56 3.93 -1.39
CA ASN C 151 -21.19 4.25 -0.01
C ASN C 151 -22.42 4.25 0.92
N LEU C 152 -23.52 4.86 0.45
CA LEU C 152 -24.80 4.83 1.21
C LEU C 152 -25.35 3.42 1.43
N LEU C 153 -25.44 2.63 0.37
CA LEU C 153 -25.95 1.26 0.47
C LEU C 153 -25.15 0.48 1.50
N ASN C 154 -23.82 0.54 1.37
CA ASN C 154 -22.86 -0.04 2.33
C ASN C 154 -23.03 0.45 3.76
N ALA C 155 -23.14 1.75 3.92
CA ALA C 155 -23.35 2.32 5.25
C ALA C 155 -24.64 1.79 5.88
N LEU C 156 -25.74 1.78 5.11
CA LEU C 156 -27.04 1.20 5.54
C LEU C 156 -26.90 -0.26 5.92
N TYR C 157 -26.34 -1.05 5.00
CA TYR C 157 -26.15 -2.48 5.24
C TYR C 157 -25.29 -2.79 6.47
N VAL C 158 -24.20 -2.05 6.63
CA VAL C 158 -23.26 -2.26 7.74
C VAL C 158 -23.89 -1.84 9.08
N ALA C 159 -24.57 -0.69 9.09
CA ALA C 159 -25.21 -0.21 10.31
C ALA C 159 -26.19 -1.27 10.83
N ALA C 160 -26.87 -1.95 9.91
CA ALA C 160 -27.91 -2.94 10.25
C ALA C 160 -27.33 -4.28 10.69
N ASN C 161 -26.33 -4.74 9.95
CA ASN C 161 -25.84 -6.12 10.02
C ASN C 161 -24.55 -6.32 10.77
N TYR C 162 -23.70 -5.29 10.81
CA TYR C 162 -22.45 -5.32 11.57
C TYR C 162 -22.35 -4.06 12.40
N PRO C 163 -23.27 -3.89 13.37
CA PRO C 163 -23.27 -2.67 14.19
C PRO C 163 -22.04 -2.55 15.09
N ILE C 164 -21.40 -1.39 15.04
CA ILE C 164 -20.33 -1.06 15.98
C ILE C 164 -20.76 0.23 16.66
N ASN C 165 -20.85 0.19 17.99
CA ASN C 165 -21.40 1.32 18.74
C ASN C 165 -20.35 2.43 18.96
N GLU C 166 -20.00 3.12 17.87
CA GLU C 166 -19.03 4.23 17.81
C GLU C 166 -19.48 5.15 16.68
N VAL C 167 -19.09 6.43 16.72
CA VAL C 167 -19.18 7.25 15.54
C VAL C 167 -18.09 6.80 14.55
N THR C 168 -18.53 6.28 13.41
CA THR C 168 -17.62 5.78 12.41
C THR C 168 -17.79 6.56 11.13
N LEU C 169 -16.83 6.38 10.21
CA LEU C 169 -16.89 6.96 8.88
C LEU C 169 -16.71 5.82 7.89
N PHE C 170 -17.70 5.61 7.01
CA PHE C 170 -17.58 4.58 5.97
C PHE C 170 -17.19 5.25 4.62
N PHE C 171 -16.13 4.74 3.98
CA PHE C 171 -15.77 5.24 2.65
C PHE C 171 -15.01 4.17 1.86
N ASN C 172 -15.36 3.99 0.59
CA ASN C 172 -14.59 3.09 -0.32
C ASN C 172 -14.28 1.76 0.37
N ASN C 173 -15.34 1.08 0.82
CA ASN C 173 -15.29 -0.32 1.32
C ASN C 173 -14.59 -0.56 2.68
N ARG C 174 -14.33 0.53 3.42
CA ARG C 174 -13.77 0.47 4.74
C ARG C 174 -14.57 1.35 5.72
N LEU C 175 -14.67 0.86 6.96
CA LEU C 175 -15.25 1.58 8.07
C LEU C 175 -14.13 1.96 9.03
N TYR C 176 -14.02 3.24 9.31
CA TYR C 176 -12.97 3.80 10.14
C TYR C 176 -13.55 4.36 11.43
N ARG C 177 -12.75 4.42 12.49
CA ARG C 177 -13.16 5.16 13.69
C ARG C 177 -13.19 6.65 13.34
N GLY C 178 -14.34 7.30 13.58
CA GLY C 178 -14.56 8.67 13.14
C GLY C 178 -13.50 9.68 13.60
N ASN C 179 -13.07 9.55 14.84
CA ASN C 179 -12.14 10.51 15.43
C ASN C 179 -10.67 10.14 15.19
N ARG C 180 -10.46 9.20 14.26
CA ARG C 180 -9.13 8.87 13.77
C ARG C 180 -8.94 9.23 12.31
N THR C 181 -9.97 9.86 11.71
CA THR C 181 -9.99 10.09 10.25
C THR C 181 -9.48 11.45 9.81
N THR C 182 -9.09 11.49 8.56
CA THR C 182 -8.84 12.72 7.84
C THR C 182 -9.11 12.49 6.36
N LYS C 183 -9.53 13.54 5.66
CA LYS C 183 -9.53 13.54 4.18
C LYS C 183 -8.10 13.67 3.66
N ALA C 184 -7.54 12.55 3.19
CA ALA C 184 -6.14 12.50 2.83
C ALA C 184 -5.93 12.63 1.32
N HIS C 185 -6.95 12.34 0.55
CA HIS C 185 -6.79 12.20 -0.91
C HIS C 185 -7.97 12.97 -1.54
N ALA C 186 -7.71 14.23 -1.85
CA ALA C 186 -8.71 15.15 -2.38
C ALA C 186 -9.43 14.68 -3.67
N ASP C 187 -8.71 13.97 -4.55
CA ASP C 187 -9.22 13.53 -5.84
C ASP C 187 -9.57 12.06 -5.98
N GLY C 188 -9.24 11.25 -4.97
CA GLY C 188 -9.42 9.81 -5.03
C GLY C 188 -10.74 9.37 -4.43
N PHE C 189 -11.23 8.22 -4.91
CA PHE C 189 -12.39 7.61 -4.28
C PHE C 189 -12.09 7.09 -2.86
N ASP C 190 -10.84 6.69 -2.62
CA ASP C 190 -10.36 6.36 -1.29
C ASP C 190 -9.98 7.65 -0.54
N ALA C 191 -10.93 8.57 -0.46
CA ALA C 191 -10.66 9.94 0.00
C ALA C 191 -10.14 10.04 1.44
N PHE C 192 -10.58 9.09 2.28
CA PHE C 192 -10.31 9.15 3.71
C PHE C 192 -9.26 8.14 4.17
N ALA C 193 -8.44 8.56 5.13
CA ALA C 193 -7.48 7.66 5.77
C ALA C 193 -7.64 7.73 7.27
N SER C 194 -7.11 6.69 7.91
CA SER C 194 -7.08 6.56 9.35
C SER C 194 -5.62 6.26 9.72
N PRO C 195 -4.77 7.31 9.74
CA PRO C 195 -3.30 7.17 9.74
C PRO C 195 -2.70 6.36 10.91
N ASN C 196 -3.28 6.50 12.10
CA ASN C 196 -2.75 5.89 13.34
C ASN C 196 -3.57 4.70 13.87
N LEU C 197 -4.55 4.25 13.09
CA LEU C 197 -5.42 3.13 13.49
C LEU C 197 -5.92 2.35 12.28
N PRO C 198 -5.82 1.00 12.30
CA PRO C 198 -6.44 0.24 11.22
C PRO C 198 -7.96 0.49 11.13
N PRO C 199 -8.58 0.18 9.97
CA PRO C 199 -10.04 0.23 9.94
C PRO C 199 -10.67 -0.74 10.93
N LEU C 200 -11.93 -0.50 11.26
CA LEU C 200 -12.67 -1.38 12.15
C LEU C 200 -13.28 -2.53 11.37
N LEU C 201 -13.58 -2.27 10.09
CA LEU C 201 -14.30 -3.21 9.26
C LEU C 201 -13.91 -3.05 7.79
N GLU C 202 -13.88 -4.16 7.05
CA GLU C 202 -13.61 -4.12 5.61
C GLU C 202 -14.60 -4.93 4.80
N ALA C 203 -14.96 -4.39 3.64
CA ALA C 203 -15.98 -4.99 2.82
C ALA C 203 -15.40 -5.55 1.53
N GLY C 204 -15.63 -6.84 1.32
CA GLY C 204 -15.33 -7.51 0.05
C GLY C 204 -16.54 -8.36 -0.35
N ILE C 205 -16.27 -9.54 -0.90
CA ILE C 205 -17.31 -10.56 -1.05
C ILE C 205 -18.05 -10.76 0.30
N HIS C 206 -17.29 -10.76 1.38
CA HIS C 206 -17.85 -10.72 2.73
C HIS C 206 -17.45 -9.46 3.47
N ILE C 207 -18.13 -9.20 4.57
CA ILE C 207 -17.78 -8.10 5.45
C ILE C 207 -17.03 -8.68 6.62
N ARG C 208 -15.87 -8.11 6.93
CA ARG C 208 -15.08 -8.60 8.03
C ARG C 208 -14.80 -7.51 9.04
N ARG C 209 -15.21 -7.73 10.29
CA ARG C 209 -14.77 -6.89 11.41
C ARG C 209 -13.32 -7.22 11.67
N LEU C 210 -12.48 -6.20 11.79
CA LEU C 210 -11.05 -6.41 12.02
C LEU C 210 -10.75 -6.49 13.53
N ASN C 211 -9.56 -6.97 13.90
CA ASN C 211 -9.19 -7.05 15.32
C ASN C 211 -8.62 -5.73 15.86
N THR C 212 -9.25 -4.63 15.50
CA THR C 212 -8.85 -3.32 15.98
C THR C 212 -9.31 -3.14 17.43
N PRO C 213 -8.39 -2.72 18.32
CA PRO C 213 -8.76 -2.53 19.74
C PRO C 213 -9.94 -1.56 19.92
N PRO C 214 -10.97 -1.98 20.68
CA PRO C 214 -12.14 -1.12 20.97
C PRO C 214 -11.79 0.21 21.65
N ALA C 215 -12.63 1.22 21.40
CA ALA C 215 -12.54 2.50 22.09
C ALA C 215 -13.04 2.33 23.51
N PRO C 216 -12.57 3.18 24.45
CA PRO C 216 -13.22 3.21 25.77
C PRO C 216 -14.67 3.53 25.53
N HIS C 217 -15.56 2.72 26.09
CA HIS C 217 -16.97 2.73 25.74
C HIS C 217 -17.83 2.65 27.00
N GLY C 218 -18.63 3.69 27.22
CA GLY C 218 -19.48 3.75 28.37
C GLY C 218 -20.79 3.01 28.13
N GLU C 219 -21.26 2.31 29.15
CA GLU C 219 -22.59 1.70 29.12
C GLU C 219 -23.55 2.51 29.97
N GLY C 220 -24.81 2.58 29.54
CA GLY C 220 -25.79 3.40 30.21
C GLY C 220 -26.60 4.21 29.23
N GLU C 221 -27.31 5.21 29.75
CA GLU C 221 -28.15 6.08 28.97
C GLU C 221 -27.30 6.96 28.06
N LEU C 222 -27.69 7.08 26.79
CA LEU C 222 -27.02 8.04 25.88
C LEU C 222 -26.97 9.44 26.50
N ILE C 223 -25.77 10.04 26.50
CA ILE C 223 -25.63 11.43 26.93
C ILE C 223 -25.22 12.23 25.71
N VAL C 224 -25.87 13.35 25.48
CA VAL C 224 -25.54 14.23 24.36
C VAL C 224 -25.09 15.58 24.91
N HIS C 225 -23.82 15.88 24.68
CA HIS C 225 -23.20 17.11 25.17
C HIS C 225 -23.31 18.24 24.15
N PRO C 226 -24.02 19.32 24.51
CA PRO C 226 -24.11 20.50 23.66
C PRO C 226 -22.79 21.25 23.68
N ILE C 227 -22.54 22.04 22.65
CA ILE C 227 -21.37 22.89 22.62
C ILE C 227 -21.79 24.34 22.35
N THR C 228 -20.87 25.26 22.60
CA THR C 228 -21.05 26.69 22.33
C THR C 228 -19.78 27.23 21.66
N PRO C 229 -19.91 28.34 20.89
CA PRO C 229 -18.74 28.75 20.11
C PRO C 229 -17.48 28.96 20.96
N GLN C 230 -16.35 28.53 20.40
CA GLN C 230 -15.04 28.68 21.06
C GLN C 230 -14.04 29.12 20.03
N PRO C 231 -13.36 30.25 20.29
CA PRO C 231 -12.26 30.73 19.46
C PRO C 231 -10.97 29.92 19.69
N ILE C 232 -10.58 29.19 18.64
CA ILE C 232 -9.38 28.34 18.67
C ILE C 232 -8.55 28.64 17.42
N GLY C 233 -7.23 28.79 17.61
CA GLY C 233 -6.33 29.01 16.49
C GLY C 233 -5.52 27.76 16.18
N VAL C 234 -5.16 27.61 14.91
CA VAL C 234 -4.33 26.49 14.46
C VAL C 234 -3.04 27.06 13.84
N VAL C 235 -1.91 26.77 14.47
CA VAL C 235 -0.61 27.30 14.06
C VAL C 235 0.20 26.16 13.45
N THR C 236 0.71 26.37 12.25
CA THR C 236 1.58 25.38 11.60
C THR C 236 3.01 25.81 11.84
N ILE C 237 3.84 24.88 12.29
CA ILE C 237 5.26 25.20 12.48
C ILE C 237 6.00 25.00 11.15
N TYR C 238 6.78 26.02 10.77
CA TYR C 238 7.54 26.01 9.52
C TYR C 238 8.76 26.95 9.64
N PRO C 239 9.81 26.68 8.84
CA PRO C 239 11.02 27.51 8.92
C PRO C 239 10.72 28.99 8.66
N GLY C 240 11.11 29.83 9.61
CA GLY C 240 10.90 31.29 9.50
C GLY C 240 9.60 31.79 10.09
N ILE C 241 8.96 30.95 10.93
CA ILE C 241 7.79 31.37 11.70
C ILE C 241 8.24 32.32 12.84
N SER C 242 7.46 33.38 13.06
CA SER C 242 7.79 34.42 14.05
C SER C 242 6.96 34.35 15.32
N ALA C 243 7.50 34.93 16.40
CA ALA C 243 6.76 35.09 17.66
C ALA C 243 5.43 35.85 17.48
N ASP C 244 5.37 36.75 16.49
CA ASP C 244 4.18 37.56 16.22
C ASP C 244 2.88 36.77 16.06
N VAL C 245 2.98 35.59 15.42
CA VAL C 245 1.81 34.74 15.21
C VAL C 245 1.18 34.37 16.55
N VAL C 246 1.98 33.85 17.47
CA VAL C 246 1.49 33.48 18.80
C VAL C 246 1.02 34.72 19.56
N ARG C 247 1.74 35.82 19.39
CA ARG C 247 1.40 37.10 20.00
C ARG C 247 0.03 37.55 19.52
N ASN C 248 -0.23 37.40 18.21
CA ASN C 248 -1.49 37.82 17.60
C ASN C 248 -2.71 37.16 18.22
N PHE C 249 -2.65 35.84 18.38
CA PHE C 249 -3.75 35.06 18.98
C PHE C 249 -4.02 35.47 20.43
N LEU C 250 -2.96 35.94 21.10
CA LEU C 250 -3.03 36.44 22.47
C LEU C 250 -3.67 37.84 22.59
N ARG C 251 -4.31 38.33 21.54
CA ARG C 251 -4.99 39.63 21.58
C ARG C 251 -6.27 39.54 22.43
N GLN C 252 -7.39 39.18 21.80
CA GLN C 252 -8.64 38.90 22.51
C GLN C 252 -9.46 37.74 21.92
N PRO C 253 -8.99 37.16 20.79
CA PRO C 253 -9.85 36.17 20.16
C PRO C 253 -9.47 34.68 20.31
N VAL C 254 -8.92 34.24 21.46
CA VAL C 254 -8.43 32.83 21.58
C VAL C 254 -8.49 32.17 22.98
N LYS C 255 -9.09 30.98 23.05
CA LYS C 255 -9.16 30.16 24.26
C LYS C 255 -8.22 28.94 24.18
N ALA C 256 -7.78 28.63 22.97
CA ALA C 256 -6.87 27.49 22.80
C ALA C 256 -6.11 27.60 21.50
N LEU C 257 -4.94 26.97 21.47
CA LEU C 257 -4.04 27.04 20.34
C LEU C 257 -3.56 25.63 20.05
N ILE C 258 -3.69 25.22 18.79
CA ILE C 258 -3.18 23.94 18.32
C ILE C 258 -1.91 24.21 17.56
N LEU C 259 -0.83 23.51 17.90
CA LEU C 259 0.44 23.63 17.19
C LEU C 259 0.65 22.40 16.30
N ARG C 260 0.82 22.62 14.99
CA ARG C 260 1.17 21.50 14.11
C ARG C 260 2.70 21.57 13.96
N SER C 261 3.40 20.85 14.82
CA SER C 261 4.86 20.94 14.89
C SER C 261 5.52 19.79 14.12
N TYR C 262 6.85 19.82 14.00
CA TYR C 262 7.57 18.78 13.27
C TYR C 262 7.65 17.41 13.95
N GLY C 263 7.71 16.37 13.12
CA GLY C 263 8.08 15.05 13.62
C GLY C 263 7.28 14.69 14.86
N VAL C 264 8.00 14.30 15.90
CA VAL C 264 7.40 13.86 17.16
C VAL C 264 7.16 15.05 18.11
N GLY C 265 7.10 16.25 17.56
CA GLY C 265 6.59 17.39 18.35
C GLY C 265 7.60 18.50 18.58
N ASN C 266 8.53 18.69 17.63
CA ASN C 266 9.56 19.72 17.74
C ASN C 266 9.23 21.03 17.07
N ALA C 267 9.66 22.13 17.69
CA ALA C 267 9.57 23.44 17.10
C ALA C 267 10.94 24.13 17.28
N PRO C 268 11.24 25.19 16.49
CA PRO C 268 12.49 25.94 16.69
C PRO C 268 12.59 26.47 18.13
N GLN C 269 13.81 26.61 18.64
CA GLN C 269 13.97 26.94 20.06
C GLN C 269 14.05 28.45 20.36
N ASN C 270 13.68 29.25 19.34
CA ASN C 270 13.50 30.70 19.42
C ASN C 270 12.93 31.18 20.78
N LYS C 271 13.71 32.01 21.49
CA LYS C 271 13.35 32.42 22.86
C LYS C 271 12.08 33.27 22.94
N ALA C 272 11.89 34.17 21.98
CA ALA C 272 10.69 34.99 21.86
C ALA C 272 9.44 34.15 21.59
N PHE C 273 9.58 33.13 20.73
CA PHE C 273 8.47 32.23 20.39
C PHE C 273 8.04 31.46 21.63
N LEU C 274 9.00 30.79 22.28
CA LEU C 274 8.74 30.05 23.52
C LEU C 274 8.09 30.89 24.62
N GLN C 275 8.56 32.13 24.79
CA GLN C 275 8.00 33.04 25.79
C GLN C 275 6.56 33.45 25.50
N GLU C 276 6.27 33.74 24.23
CA GLU C 276 4.89 33.97 23.79
C GLU C 276 3.99 32.79 24.12
N LEU C 277 4.48 31.56 23.90
CA LEU C 277 3.71 30.36 24.22
C LEU C 277 3.48 30.24 25.72
N GLN C 278 4.51 30.54 26.51
CA GLN C 278 4.39 30.57 27.97
C GLN C 278 3.39 31.66 28.41
N GLU C 279 3.46 32.82 27.76
CA GLU C 279 2.51 33.90 28.03
C GLU C 279 1.09 33.47 27.68
N ALA C 280 0.96 32.61 26.68
CA ALA C 280 -0.33 32.07 26.30
C ALA C 280 -0.91 31.25 27.44
N SER C 281 -0.18 30.24 27.89
CA SER C 281 -0.66 29.37 28.97
C SER C 281 -0.85 30.11 30.32
N ASP C 282 -0.05 31.14 30.55
CA ASP C 282 -0.19 31.96 31.77
C ASP C 282 -1.57 32.61 31.83
N ARG C 283 -2.10 32.96 30.67
CA ARG C 283 -3.41 33.58 30.56
C ARG C 283 -4.53 32.55 30.42
N GLY C 284 -4.21 31.28 30.64
CA GLY C 284 -5.20 30.20 30.70
C GLY C 284 -5.58 29.62 29.35
N ILE C 285 -4.75 29.91 28.35
CA ILE C 285 -5.00 29.39 27.02
C ILE C 285 -4.47 27.95 26.95
N VAL C 286 -5.30 27.05 26.45
CA VAL C 286 -4.91 25.65 26.34
C VAL C 286 -4.10 25.48 25.04
N VAL C 287 -2.79 25.27 25.18
CA VAL C 287 -1.88 25.07 24.05
C VAL C 287 -1.51 23.58 23.86
N VAL C 288 -1.84 23.01 22.71
CA VAL C 288 -1.72 21.56 22.48
C VAL C 288 -0.79 21.31 21.31
N ASN C 289 0.18 20.41 21.51
CA ASN C 289 1.20 20.14 20.51
C ASN C 289 0.83 18.90 19.72
N LEU C 290 0.69 19.04 18.41
CA LEU C 290 0.38 17.89 17.54
C LEU C 290 1.51 17.72 16.56
N THR C 291 1.53 16.58 15.86
CA THR C 291 2.46 16.47 14.76
C THR C 291 1.76 16.89 13.47
N GLN C 292 2.47 17.68 12.64
CA GLN C 292 1.97 18.00 11.28
C GLN C 292 1.99 16.79 10.37
N CYS C 293 2.76 15.76 10.73
CA CYS C 293 2.91 14.55 9.92
C CYS C 293 1.58 13.80 9.82
N MET C 294 1.37 13.13 8.70
CA MET C 294 0.18 12.32 8.49
C MET C 294 -0.02 11.24 9.58
N SER C 295 1.05 10.53 9.92
CA SER C 295 0.96 9.59 11.03
C SER C 295 2.06 9.86 12.03
N GLY C 296 1.88 9.36 13.25
CA GLY C 296 2.88 9.51 14.29
C GLY C 296 2.36 10.05 15.60
N LYS C 297 3.23 9.98 16.61
CA LYS C 297 2.90 10.32 17.99
C LYS C 297 3.87 11.37 18.56
N VAL C 298 3.31 12.47 19.05
CA VAL C 298 4.10 13.45 19.75
C VAL C 298 4.69 12.87 21.01
N ASN C 299 5.99 13.11 21.20
CA ASN C 299 6.74 12.66 22.37
C ASN C 299 7.80 13.70 22.67
N MET C 300 7.42 14.70 23.46
CA MET C 300 8.30 15.79 23.84
C MET C 300 9.31 15.36 24.92
N ALA C 308 11.95 23.81 27.34
CA ALA C 308 11.22 23.03 26.36
C ALA C 308 9.84 23.63 26.12
N LEU C 309 9.11 23.03 25.19
CA LEU C 309 7.69 23.37 25.00
C LEU C 309 6.89 22.99 26.26
N ALA C 310 7.22 21.83 26.84
CA ALA C 310 6.56 21.35 28.06
C ALA C 310 6.72 22.33 29.22
N HIS C 311 7.91 22.93 29.30
CA HIS C 311 8.21 23.99 30.26
C HIS C 311 7.36 25.22 30.03
N ALA C 312 7.03 25.49 28.76
CA ALA C 312 6.24 26.67 28.37
C ALA C 312 4.73 26.48 28.56
N GLY C 313 4.33 25.36 29.15
CA GLY C 313 2.93 25.08 29.45
C GLY C 313 2.22 24.22 28.41
N VAL C 314 2.92 23.91 27.31
CA VAL C 314 2.35 23.15 26.18
C VAL C 314 2.05 21.69 26.54
N ILE C 315 0.87 21.23 26.12
CA ILE C 315 0.36 19.89 26.39
C ILE C 315 0.51 19.01 25.15
N GLY C 316 1.06 17.81 25.32
CA GLY C 316 1.22 16.87 24.19
C GLY C 316 -0.10 16.24 23.79
N GLY C 317 -0.41 16.28 22.49
CA GLY C 317 -1.60 15.67 21.96
C GLY C 317 -1.42 14.24 21.43
N ALA C 318 -0.37 13.54 21.86
CA ALA C 318 -0.10 12.15 21.40
C ALA C 318 -0.23 12.02 19.87
N ASP C 319 -1.01 11.06 19.40
CA ASP C 319 -1.15 10.85 17.95
C ASP C 319 -2.49 11.37 17.41
N MET C 320 -3.06 12.37 18.09
CA MET C 320 -4.36 12.91 17.69
C MET C 320 -4.21 13.70 16.38
N THR C 321 -5.24 13.59 15.53
CA THR C 321 -5.37 14.35 14.32
C THR C 321 -5.74 15.79 14.73
N VAL C 322 -5.60 16.73 13.80
CA VAL C 322 -6.06 18.11 14.05
C VAL C 322 -7.60 18.06 14.28
N GLU C 323 -8.28 17.22 13.49
CA GLU C 323 -9.74 17.07 13.54
C GLU C 323 -10.23 16.63 14.92
N ALA C 324 -9.63 15.57 15.46
CA ALA C 324 -9.93 15.10 16.84
C ALA C 324 -9.60 16.16 17.88
N THR C 325 -8.42 16.79 17.79
CA THR C 325 -7.95 17.81 18.74
C THR C 325 -8.89 19.05 18.78
N LEU C 326 -9.19 19.61 17.62
CA LEU C 326 -10.08 20.75 17.49
C LEU C 326 -11.49 20.51 18.07
N THR C 327 -12.06 19.36 17.74
CA THR C 327 -13.41 19.04 18.19
C THR C 327 -13.43 18.69 19.69
N LYS C 328 -12.38 18.01 20.15
CA LYS C 328 -12.21 17.66 21.55
C LYS C 328 -12.11 18.92 22.37
N LEU C 329 -11.44 19.93 21.83
CA LEU C 329 -11.35 21.25 22.46
C LEU C 329 -12.72 21.95 22.51
N HIS C 330 -13.45 21.94 21.40
CA HIS C 330 -14.82 22.49 21.38
C HIS C 330 -15.71 21.84 22.44
N TYR C 331 -15.62 20.50 22.51
CA TYR C 331 -16.30 19.69 23.52
C TYR C 331 -15.97 20.10 24.96
N LEU C 332 -14.67 20.08 25.30
CA LEU C 332 -14.21 20.29 26.68
C LEU C 332 -14.37 21.73 27.15
N LEU C 333 -14.06 22.67 26.26
CA LEU C 333 -14.19 24.10 26.52
C LEU C 333 -15.66 24.49 26.77
N SER C 334 -16.59 23.75 26.18
CA SER C 334 -18.02 24.03 26.31
C SER C 334 -18.61 23.61 27.66
N GLN C 335 -17.84 22.84 28.42
CA GLN C 335 -18.28 22.34 29.70
C GLN C 335 -17.86 23.22 30.87
N GLU C 336 -18.31 22.83 32.05
CA GLU C 336 -18.01 23.52 33.31
C GLU C 336 -16.68 23.03 33.88
N LEU C 337 -15.62 23.10 33.07
CA LEU C 337 -14.29 22.60 33.46
C LEU C 337 -13.27 23.72 33.56
N ASP C 338 -12.46 23.68 34.62
CA ASP C 338 -11.38 24.64 34.78
C ASP C 338 -10.24 24.33 33.80
N THR C 339 -9.39 25.33 33.57
CA THR C 339 -8.35 25.22 32.54
C THR C 339 -7.42 24.03 32.77
N GLU C 340 -7.13 23.74 34.03
CA GLU C 340 -6.20 22.66 34.35
C GLU C 340 -6.80 21.28 34.08
N THR C 341 -8.12 21.16 34.26
CA THR C 341 -8.81 19.89 33.99
C THR C 341 -8.91 19.64 32.48
N ILE C 342 -9.16 20.71 31.72
CA ILE C 342 -9.15 20.64 30.25
C ILE C 342 -7.78 20.19 29.74
N ARG C 343 -6.71 20.83 30.23
CA ARG C 343 -5.33 20.46 29.89
C ARG C 343 -5.00 18.99 30.15
N LYS C 344 -5.48 18.45 31.27
CA LYS C 344 -5.29 17.04 31.59
C LYS C 344 -6.07 16.13 30.64
N ALA C 345 -7.34 16.43 30.44
CA ALA C 345 -8.23 15.60 29.61
C ALA C 345 -7.79 15.52 28.14
N MET C 346 -7.12 16.56 27.63
CA MET C 346 -6.66 16.59 26.22
C MET C 346 -5.67 15.45 25.90
N SER C 347 -4.86 15.08 26.89
CA SER C 347 -3.87 14.03 26.73
C SER C 347 -4.39 12.63 27.11
N GLN C 348 -5.64 12.56 27.56
CA GLN C 348 -6.27 11.29 27.91
C GLN C 348 -7.12 10.76 26.74
N ASN C 349 -7.25 9.44 26.67
CA ASN C 349 -8.04 8.78 25.62
C ASN C 349 -9.53 8.71 25.98
N LEU C 350 -10.32 9.66 25.47
CA LEU C 350 -11.73 9.80 25.87
C LEU C 350 -12.69 8.92 25.07
N ARG C 351 -12.41 8.76 23.79
CA ARG C 351 -13.31 8.06 22.85
C ARG C 351 -12.54 7.24 21.81
N GLY C 352 -11.29 6.90 22.11
CA GLY C 352 -10.50 6.08 21.17
C GLY C 352 -9.73 6.94 20.16
N GLU C 353 -9.69 8.25 20.38
CA GLU C 353 -9.00 9.18 19.46
C GLU C 353 -7.47 9.22 19.51
N LEU C 354 -6.88 8.65 20.54
CA LEU C 354 -5.42 8.63 20.72
C LEU C 354 -4.98 7.33 21.40
N THR C 355 -3.69 7.03 21.23
CA THR C 355 -3.12 5.80 21.76
C THR C 355 -2.33 6.18 22.99
N PRO C 356 -2.75 5.67 24.16
CA PRO C 356 -2.09 5.99 25.42
C PRO C 356 -0.68 5.40 25.51
N VAL D 15 -1.99 6.26 -22.30
CA VAL D 15 -3.45 6.27 -22.56
C VAL D 15 -3.90 7.51 -23.33
N PRO D 16 -4.27 7.34 -24.63
CA PRO D 16 -4.84 8.44 -25.42
C PRO D 16 -6.08 9.04 -24.79
N ARG D 17 -6.19 10.38 -24.83
CA ARG D 17 -7.43 11.02 -24.45
C ARG D 17 -8.24 11.25 -25.73
N GLY D 18 -9.20 10.36 -25.97
CA GLY D 18 -9.99 10.39 -27.20
C GLY D 18 -11.02 11.51 -27.25
N SER D 19 -11.40 11.89 -28.47
CA SER D 19 -12.46 12.88 -28.70
C SER D 19 -13.79 12.47 -28.07
N HIS D 20 -14.52 13.48 -27.59
CA HIS D 20 -15.87 13.30 -27.05
C HIS D 20 -16.94 13.66 -28.07
N MET D 21 -16.54 14.35 -29.14
CA MET D 21 -17.47 15.03 -30.06
C MET D 21 -18.67 14.21 -30.57
N GLN D 22 -18.49 12.91 -30.76
CA GLN D 22 -19.60 12.11 -31.28
C GLN D 22 -19.89 10.83 -30.47
N LYS D 23 -21.15 10.39 -30.51
CA LYS D 23 -21.62 9.22 -29.74
C LYS D 23 -21.03 7.87 -30.16
N LYS D 24 -20.25 7.27 -29.26
CA LYS D 24 -19.56 6.02 -29.56
C LYS D 24 -20.49 4.83 -29.48
N SER D 25 -20.08 3.70 -30.06
CA SER D 25 -20.86 2.49 -29.98
C SER D 25 -19.92 1.40 -29.53
N ILE D 26 -20.21 0.82 -28.36
CA ILE D 26 -19.35 -0.21 -27.77
C ILE D 26 -20.07 -1.58 -27.84
N TYR D 27 -19.34 -2.60 -28.29
CA TYR D 27 -19.83 -3.97 -28.29
C TYR D 27 -19.47 -4.67 -26.98
N VAL D 28 -20.47 -5.27 -26.34
CA VAL D 28 -20.26 -5.99 -25.08
C VAL D 28 -20.42 -7.50 -25.28
N ALA D 29 -19.32 -8.22 -25.14
CA ALA D 29 -19.32 -9.66 -25.18
C ALA D 29 -19.60 -10.17 -23.77
N TYR D 30 -20.85 -10.58 -23.54
CA TYR D 30 -21.25 -11.09 -22.23
C TYR D 30 -20.98 -12.60 -22.21
N THR D 31 -19.78 -12.97 -21.77
CA THR D 31 -19.31 -14.36 -21.84
C THR D 31 -19.85 -15.18 -20.67
N GLY D 32 -20.21 -14.50 -19.58
CA GLY D 32 -20.64 -15.18 -18.38
C GLY D 32 -20.12 -14.46 -17.16
N GLY D 33 -19.92 -15.20 -16.08
CA GLY D 33 -19.34 -14.65 -14.86
C GLY D 33 -20.32 -14.28 -13.75
N HIS D 50 -31.23 -11.56 -18.38
CA HIS D 50 -31.33 -11.04 -17.01
C HIS D 50 -30.36 -9.87 -16.71
N LEU D 51 -29.12 -9.99 -17.20
CA LEU D 51 -28.14 -8.89 -17.11
C LEU D 51 -28.65 -7.71 -17.92
N GLN D 52 -29.10 -8.01 -19.15
CA GLN D 52 -29.60 -7.00 -20.09
C GLN D 52 -30.84 -6.26 -19.57
N ARG D 53 -31.74 -7.00 -18.93
CA ARG D 53 -32.89 -6.39 -18.23
C ARG D 53 -32.46 -5.54 -17.04
N GLN D 54 -31.48 -5.99 -16.26
CA GLN D 54 -30.97 -5.20 -15.14
C GLN D 54 -30.38 -3.89 -15.64
N LEU D 55 -29.68 -3.96 -16.77
CA LEU D 55 -29.04 -2.78 -17.34
C LEU D 55 -30.05 -1.81 -17.94
N ALA D 56 -31.11 -2.36 -18.52
CA ALA D 56 -32.22 -1.56 -19.01
C ALA D 56 -32.80 -0.73 -17.86
N LEU D 57 -32.79 -1.31 -16.66
CA LEU D 57 -33.40 -0.74 -15.47
C LEU D 57 -32.54 0.22 -14.64
N MET D 58 -31.31 0.46 -15.09
CA MET D 58 -30.38 1.32 -14.37
C MET D 58 -30.13 2.57 -15.19
N PRO D 59 -30.74 3.70 -14.79
CA PRO D 59 -30.67 4.95 -15.56
C PRO D 59 -29.25 5.45 -15.94
N GLU D 60 -28.28 5.26 -15.05
CA GLU D 60 -26.90 5.71 -15.30
C GLU D 60 -26.30 5.22 -16.63
N PHE D 61 -26.70 4.03 -17.04
CA PHE D 61 -26.21 3.41 -18.27
C PHE D 61 -26.78 4.08 -19.53
N HIS D 62 -27.80 4.94 -19.37
CA HIS D 62 -28.50 5.54 -20.52
C HIS D 62 -28.43 7.05 -20.61
N ARG D 63 -27.52 7.65 -19.84
CA ARG D 63 -27.37 9.11 -19.81
C ARG D 63 -26.75 9.59 -21.12
N PRO D 64 -26.96 10.88 -21.48
CA PRO D 64 -26.32 11.40 -22.70
C PRO D 64 -24.78 11.24 -22.74
N GLU D 65 -24.12 11.27 -21.57
CA GLU D 65 -22.65 11.23 -21.49
C GLU D 65 -22.07 9.84 -21.73
N MET D 66 -22.95 8.83 -21.70
CA MET D 66 -22.56 7.42 -21.88
C MET D 66 -22.61 7.00 -23.35
N PRO D 67 -21.71 6.07 -23.77
CA PRO D 67 -21.74 5.60 -25.16
C PRO D 67 -22.97 4.71 -25.32
N ASP D 68 -23.42 4.49 -26.56
CA ASP D 68 -24.44 3.48 -26.88
C ASP D 68 -23.72 2.15 -26.77
N PHE D 69 -24.44 1.10 -26.39
CA PHE D 69 -23.79 -0.22 -26.31
C PHE D 69 -24.73 -1.36 -26.72
N THR D 70 -24.13 -2.46 -27.17
CA THR D 70 -24.87 -3.60 -27.69
C THR D 70 -24.32 -4.85 -27.04
N ILE D 71 -25.19 -5.65 -26.41
CA ILE D 71 -24.79 -6.84 -25.66
C ILE D 71 -25.02 -8.12 -26.47
N HIS D 72 -23.94 -8.87 -26.67
CA HIS D 72 -24.03 -10.23 -27.19
C HIS D 72 -23.91 -11.19 -26.02
N GLU D 73 -25.02 -11.85 -25.69
CA GLU D 73 -25.02 -12.81 -24.60
C GLU D 73 -24.60 -14.15 -25.17
N TYR D 74 -23.54 -14.72 -24.60
CA TYR D 74 -23.03 -15.99 -25.10
C TYR D 74 -23.94 -17.13 -24.68
N THR D 75 -23.97 -18.16 -25.52
CA THR D 75 -24.79 -19.34 -25.29
C THR D 75 -23.94 -20.62 -25.33
N PRO D 76 -23.84 -21.32 -24.19
CA PRO D 76 -24.31 -20.95 -22.86
C PRO D 76 -23.41 -19.92 -22.19
N LEU D 77 -23.92 -19.27 -21.14
CA LEU D 77 -23.07 -18.44 -20.29
C LEU D 77 -22.15 -19.36 -19.51
N MET D 78 -20.90 -18.92 -19.32
CA MET D 78 -19.91 -19.71 -18.58
C MET D 78 -19.40 -19.09 -17.27
N ASP D 79 -19.32 -19.93 -16.22
CA ASP D 79 -18.47 -19.65 -15.08
C ASP D 79 -17.07 -19.66 -15.65
N SER D 80 -16.30 -18.60 -15.40
CA SER D 80 -14.97 -18.53 -16.02
C SER D 80 -14.04 -19.64 -15.54
N SER D 81 -14.37 -20.29 -14.43
CA SER D 81 -13.56 -21.42 -13.94
C SER D 81 -13.58 -22.61 -14.91
N ASP D 82 -14.62 -22.67 -15.75
CA ASP D 82 -14.85 -23.80 -16.70
C ASP D 82 -14.25 -23.54 -18.10
N MET D 83 -13.56 -22.42 -18.22
CA MET D 83 -12.99 -22.01 -19.50
C MET D 83 -11.79 -22.80 -19.95
N THR D 84 -11.66 -22.94 -21.26
CA THR D 84 -10.54 -23.65 -21.88
C THR D 84 -9.97 -22.71 -22.94
N PRO D 85 -8.80 -23.04 -23.51
CA PRO D 85 -8.29 -22.16 -24.60
C PRO D 85 -9.28 -21.93 -25.76
N GLU D 86 -10.10 -22.94 -26.11
CA GLU D 86 -11.16 -22.79 -27.12
C GLU D 86 -12.03 -21.58 -26.89
N ASP D 87 -12.31 -21.31 -25.62
CA ASP D 87 -13.09 -20.12 -25.24
C ASP D 87 -12.38 -18.81 -25.55
N TRP D 88 -11.06 -18.77 -25.41
CA TRP D 88 -10.28 -17.62 -25.85
C TRP D 88 -10.43 -17.41 -27.35
N GLN D 89 -10.31 -18.51 -28.11
CA GLN D 89 -10.51 -18.51 -29.55
C GLN D 89 -11.90 -17.95 -29.93
N HIS D 90 -12.94 -18.44 -29.26
CA HIS D 90 -14.33 -18.00 -29.53
C HIS D 90 -14.49 -16.48 -29.37
N ILE D 91 -13.96 -15.95 -28.27
CA ILE D 91 -14.05 -14.52 -27.98
C ILE D 91 -13.27 -13.70 -29.02
N ALA D 92 -12.06 -14.16 -29.37
CA ALA D 92 -11.25 -13.48 -30.39
C ALA D 92 -12.00 -13.43 -31.72
N GLU D 93 -12.64 -14.55 -32.10
CA GLU D 93 -13.42 -14.57 -33.35
C GLU D 93 -14.61 -13.60 -33.26
N ASP D 94 -15.19 -13.49 -32.05
CA ASP D 94 -16.31 -12.60 -31.83
C ASP D 94 -15.90 -11.14 -32.05
N ILE D 95 -14.71 -10.78 -31.55
CA ILE D 95 -14.19 -9.42 -31.68
C ILE D 95 -13.92 -9.15 -33.16
N LYS D 96 -13.36 -10.14 -33.86
CA LYS D 96 -12.96 -9.99 -35.27
C LYS D 96 -14.23 -9.75 -36.10
N ALA D 97 -15.27 -10.54 -35.83
CA ALA D 97 -16.53 -10.47 -36.57
C ALA D 97 -17.18 -9.10 -36.48
N HIS D 98 -17.01 -8.44 -35.34
CA HIS D 98 -17.69 -7.18 -35.06
C HIS D 98 -16.77 -5.98 -35.02
N TYR D 99 -15.52 -6.18 -35.39
CA TYR D 99 -14.49 -5.15 -35.31
C TYR D 99 -14.80 -3.88 -36.07
N ASP D 100 -15.10 -4.01 -37.37
CA ASP D 100 -15.39 -2.81 -38.17
C ASP D 100 -16.65 -2.04 -37.78
N ASP D 101 -17.49 -2.68 -36.97
CA ASP D 101 -18.82 -2.16 -36.71
C ASP D 101 -18.98 -1.38 -35.40
N TYR D 102 -17.97 -1.43 -34.54
CA TYR D 102 -18.06 -0.75 -33.23
C TYR D 102 -16.81 0.04 -32.96
N ASP D 103 -16.83 0.87 -31.93
CA ASP D 103 -15.67 1.72 -31.59
C ASP D 103 -14.79 1.14 -30.51
N GLY D 104 -15.24 0.04 -29.89
CA GLY D 104 -14.50 -0.53 -28.79
C GLY D 104 -15.23 -1.77 -28.32
N PHE D 105 -14.59 -2.52 -27.44
CA PHE D 105 -15.14 -3.81 -27.04
C PHE D 105 -14.99 -3.98 -25.55
N VAL D 106 -16.07 -4.31 -24.87
CA VAL D 106 -15.97 -4.67 -23.47
C VAL D 106 -16.32 -6.16 -23.32
N ILE D 107 -15.42 -6.90 -22.69
CA ILE D 107 -15.62 -8.33 -22.51
C ILE D 107 -16.03 -8.57 -21.04
N LEU D 108 -17.29 -8.91 -20.84
CA LEU D 108 -17.83 -9.26 -19.51
C LEU D 108 -17.54 -10.72 -19.21
N HIS D 109 -16.96 -10.98 -18.05
CA HIS D 109 -16.23 -12.21 -17.83
C HIS D 109 -16.22 -12.51 -16.34
N GLY D 110 -16.22 -13.80 -16.01
CA GLY D 110 -15.93 -14.22 -14.63
C GLY D 110 -14.55 -13.80 -14.18
N THR D 111 -14.42 -13.49 -12.89
CA THR D 111 -13.09 -13.09 -12.35
C THR D 111 -12.06 -14.23 -12.26
N ASP D 112 -12.50 -15.44 -11.93
CA ASP D 112 -11.55 -16.57 -11.74
C ASP D 112 -10.45 -16.71 -12.81
N THR D 113 -10.79 -16.54 -14.08
CA THR D 113 -9.78 -16.67 -15.14
C THR D 113 -9.74 -15.49 -16.08
N MET D 114 -10.23 -14.35 -15.59
CA MET D 114 -10.23 -13.13 -16.38
C MET D 114 -8.85 -12.77 -16.89
N ALA D 115 -7.83 -12.88 -16.02
CA ALA D 115 -6.45 -12.57 -16.40
C ALA D 115 -5.90 -13.50 -17.50
N TYR D 116 -6.28 -14.79 -17.47
CA TYR D 116 -5.83 -15.67 -18.55
C TYR D 116 -6.50 -15.24 -19.86
N THR D 117 -7.80 -15.00 -19.85
CA THR D 117 -8.46 -14.50 -21.06
C THR D 117 -7.86 -13.21 -21.58
N ALA D 118 -7.69 -12.22 -20.70
CA ALA D 118 -7.10 -10.97 -21.12
C ALA D 118 -5.68 -11.15 -21.70
N SER D 119 -4.87 -11.98 -21.05
CA SER D 119 -3.52 -12.32 -21.58
C SER D 119 -3.58 -13.03 -22.95
N ALA D 120 -4.45 -14.01 -23.09
CA ALA D 120 -4.59 -14.72 -24.36
C ALA D 120 -4.96 -13.77 -25.49
N LEU D 121 -5.93 -12.89 -25.25
CA LEU D 121 -6.36 -11.96 -26.32
C LEU D 121 -5.24 -11.02 -26.81
N SER D 122 -4.37 -10.61 -25.90
CA SER D 122 -3.27 -9.69 -26.26
C SER D 122 -2.34 -10.29 -27.32
N PHE D 123 -2.06 -11.57 -27.22
CA PHE D 123 -1.24 -12.25 -28.22
C PHE D 123 -1.98 -12.55 -29.51
N MET D 124 -3.26 -12.93 -29.39
CA MET D 124 -4.04 -13.40 -30.53
C MET D 124 -4.48 -12.26 -31.46
N LEU D 125 -4.66 -11.06 -30.89
CA LEU D 125 -5.03 -9.90 -31.69
C LEU D 125 -3.78 -9.12 -32.11
N GLU D 126 -3.54 -8.99 -33.41
CA GLU D 126 -2.42 -8.17 -33.90
C GLU D 126 -3.04 -7.09 -34.77
N ASN D 127 -2.37 -5.94 -34.83
CA ASN D 127 -2.90 -4.71 -35.42
C ASN D 127 -4.17 -4.22 -34.74
N LEU D 128 -4.18 -4.26 -33.41
CA LEU D 128 -5.37 -3.87 -32.66
C LEU D 128 -5.45 -2.34 -32.59
N GLY D 129 -6.47 -1.77 -33.23
CA GLY D 129 -6.62 -0.32 -33.36
C GLY D 129 -7.79 0.27 -32.59
N LYS D 130 -8.32 -0.51 -31.64
CA LYS D 130 -9.50 -0.13 -30.84
C LYS D 130 -9.38 -0.78 -29.49
N PRO D 131 -9.95 -0.16 -28.46
CA PRO D 131 -9.88 -0.78 -27.11
C PRO D 131 -10.64 -2.11 -26.97
N VAL D 132 -10.03 -3.03 -26.23
CA VAL D 132 -10.76 -4.22 -25.74
C VAL D 132 -10.49 -4.27 -24.27
N ILE D 133 -11.56 -4.23 -23.48
CA ILE D 133 -11.47 -4.13 -22.03
C ILE D 133 -12.23 -5.26 -21.39
N VAL D 134 -11.52 -6.07 -20.61
CA VAL D 134 -12.13 -7.16 -19.91
C VAL D 134 -12.44 -6.65 -18.50
N THR D 135 -13.63 -6.98 -18.02
CA THR D 135 -14.09 -6.62 -16.68
C THR D 135 -15.19 -7.57 -16.23
N GLY D 136 -15.59 -7.42 -14.96
CA GLY D 136 -16.66 -8.20 -14.39
C GLY D 136 -16.90 -7.76 -12.97
N SER D 137 -17.16 -8.71 -12.09
CA SER D 137 -17.45 -8.36 -10.71
C SER D 137 -17.17 -9.50 -9.75
N GLN D 138 -16.91 -9.11 -8.50
CA GLN D 138 -16.75 -10.06 -7.40
C GLN D 138 -18.10 -10.48 -6.82
N ILE D 139 -19.09 -9.59 -6.96
CA ILE D 139 -20.46 -9.80 -6.53
C ILE D 139 -21.44 -9.58 -7.71
N PRO D 140 -22.34 -10.56 -7.96
CA PRO D 140 -23.34 -10.46 -9.04
C PRO D 140 -24.15 -9.17 -9.04
N LEU D 141 -24.41 -8.63 -10.24
CA LEU D 141 -25.23 -7.44 -10.46
C LEU D 141 -26.58 -7.52 -9.71
N ALA D 142 -27.16 -8.72 -9.65
CA ALA D 142 -28.44 -8.98 -8.95
C ALA D 142 -28.34 -8.87 -7.44
N GLU D 143 -27.23 -9.38 -6.88
CA GLU D 143 -26.97 -9.38 -5.44
C GLU D 143 -26.81 -7.97 -4.90
N LEU D 144 -26.83 -7.85 -3.58
CA LEU D 144 -26.64 -6.60 -2.89
C LEU D 144 -25.14 -6.30 -2.78
N ARG D 145 -24.80 -5.01 -2.81
CA ARG D 145 -23.41 -4.52 -2.70
C ARG D 145 -22.53 -4.88 -3.91
N SER D 146 -23.16 -5.25 -5.01
CA SER D 146 -22.46 -5.55 -6.28
C SER D 146 -21.50 -4.45 -6.76
N ASP D 147 -20.34 -4.90 -7.25
CA ASP D 147 -19.37 -4.03 -7.95
C ASP D 147 -19.56 -4.11 -9.47
N GLY D 148 -20.56 -4.85 -9.93
CA GLY D 148 -20.82 -4.99 -11.36
C GLY D 148 -21.19 -3.71 -12.09
N GLN D 149 -22.14 -2.97 -11.52
CA GLN D 149 -22.60 -1.71 -12.12
C GLN D 149 -21.46 -0.76 -12.36
N ILE D 150 -20.65 -0.54 -11.35
CA ILE D 150 -19.57 0.42 -11.49
C ILE D 150 -18.38 -0.07 -12.35
N ASN D 151 -18.01 -1.36 -12.28
CA ASN D 151 -16.96 -1.88 -13.19
C ASN D 151 -17.38 -1.85 -14.65
N LEU D 152 -18.63 -2.19 -14.94
CA LEU D 152 -19.13 -2.15 -16.33
C LEU D 152 -19.34 -0.71 -16.80
N LEU D 153 -19.94 0.12 -15.95
CA LEU D 153 -20.11 1.54 -16.33
C LEU D 153 -18.77 2.20 -16.67
N ASN D 154 -17.77 1.98 -15.83
CA ASN D 154 -16.45 2.54 -16.04
C ASN D 154 -15.79 1.96 -17.27
N ALA D 155 -15.88 0.65 -17.47
CA ALA D 155 -15.27 0.05 -18.66
C ALA D 155 -15.83 0.66 -19.95
N LEU D 156 -17.16 0.79 -20.02
CA LEU D 156 -17.85 1.36 -21.20
C LEU D 156 -17.36 2.78 -21.43
N TYR D 157 -17.36 3.55 -20.34
CA TYR D 157 -16.97 4.97 -20.40
C TYR D 157 -15.51 5.11 -20.83
N VAL D 158 -14.64 4.27 -20.28
CA VAL D 158 -13.24 4.25 -20.67
C VAL D 158 -13.02 3.83 -22.12
N ALA D 159 -13.66 2.72 -22.52
CA ALA D 159 -13.59 2.30 -23.90
C ALA D 159 -14.01 3.40 -24.86
N ALA D 160 -15.04 4.16 -24.53
CA ALA D 160 -15.47 5.29 -25.36
C ALA D 160 -14.53 6.49 -25.40
N ASN D 161 -13.83 6.78 -24.30
CA ASN D 161 -13.14 8.07 -24.16
C ASN D 161 -11.62 8.01 -24.00
N TYR D 162 -11.11 6.83 -23.71
CA TYR D 162 -9.69 6.62 -23.47
C TYR D 162 -9.31 5.34 -24.17
N PRO D 163 -9.34 5.38 -25.52
CA PRO D 163 -9.32 4.24 -26.42
C PRO D 163 -7.93 3.67 -26.60
N ILE D 164 -7.35 3.18 -25.50
CA ILE D 164 -6.03 2.56 -25.49
C ILE D 164 -6.08 1.30 -26.35
N ASN D 165 -5.28 1.25 -27.41
CA ASN D 165 -5.22 0.10 -28.35
C ASN D 165 -4.46 -1.12 -27.81
N GLU D 166 -4.97 -1.67 -26.72
CA GLU D 166 -4.50 -2.93 -26.17
C GLU D 166 -5.66 -3.65 -25.53
N VAL D 167 -5.41 -4.93 -25.26
CA VAL D 167 -6.31 -5.67 -24.40
C VAL D 167 -6.03 -5.30 -22.95
N THR D 168 -7.03 -4.68 -22.33
CA THR D 168 -6.85 -4.23 -20.99
C THR D 168 -7.85 -4.91 -20.07
N LEU D 169 -7.64 -4.76 -18.76
CA LEU D 169 -8.56 -5.28 -17.75
C LEU D 169 -8.93 -4.13 -16.84
N PHE D 170 -10.24 -3.85 -16.69
CA PHE D 170 -10.68 -2.83 -15.77
C PHE D 170 -11.23 -3.45 -14.48
N PHE D 171 -10.70 -3.06 -13.33
CA PHE D 171 -11.33 -3.46 -12.07
C PHE D 171 -11.06 -2.44 -10.99
N ASN D 172 -12.11 -2.06 -10.23
CA ASN D 172 -11.91 -1.27 -9.00
C ASN D 172 -11.13 0.00 -9.27
N ASN D 173 -11.63 0.78 -10.24
CA ASN D 173 -11.11 2.10 -10.59
C ASN D 173 -9.71 2.14 -11.21
N ARG D 174 -9.19 1.00 -11.68
CA ARG D 174 -7.90 0.98 -12.37
C ARG D 174 -8.04 0.22 -13.68
N LEU D 175 -7.33 0.68 -14.71
CA LEU D 175 -7.22 -0.03 -15.97
C LEU D 175 -5.80 -0.55 -16.06
N TYR D 176 -5.71 -1.86 -16.24
CA TYR D 176 -4.43 -2.55 -16.29
C TYR D 176 -4.16 -3.10 -17.69
N ARG D 177 -2.87 -3.20 -18.03
CA ARG D 177 -2.43 -4.02 -19.17
C ARG D 177 -2.84 -5.47 -18.91
N GLY D 178 -3.68 -6.03 -19.79
CA GLY D 178 -4.24 -7.36 -19.59
C GLY D 178 -3.22 -8.46 -19.31
N ASN D 179 -2.18 -8.50 -20.14
CA ASN D 179 -1.15 -9.53 -20.02
C ASN D 179 -0.11 -9.23 -18.92
N ARG D 180 -0.41 -8.22 -18.11
CA ARG D 180 0.32 -8.02 -16.84
C ARG D 180 -0.47 -8.36 -15.54
N THR D 181 -1.72 -8.77 -15.69
CA THR D 181 -2.60 -8.96 -14.51
C THR D 181 -2.61 -10.37 -13.96
N THR D 182 -2.94 -10.46 -12.68
CA THR D 182 -3.40 -11.70 -12.05
C THR D 182 -4.50 -11.33 -11.03
N LYS D 183 -5.41 -12.27 -10.78
CA LYS D 183 -6.35 -12.12 -9.65
C LYS D 183 -5.58 -12.39 -8.35
N ALA D 184 -5.24 -11.32 -7.64
CA ALA D 184 -4.36 -11.37 -6.47
C ALA D 184 -5.14 -11.50 -5.16
N HIS D 185 -6.40 -11.06 -5.15
CA HIS D 185 -7.16 -10.95 -3.91
C HIS D 185 -8.51 -11.62 -4.12
N ALA D 186 -8.66 -12.82 -3.55
CA ALA D 186 -9.82 -13.64 -3.87
C ALA D 186 -11.13 -13.05 -3.37
N ASP D 187 -11.05 -12.34 -2.25
CA ASP D 187 -12.25 -11.86 -1.59
C ASP D 187 -12.39 -10.33 -1.71
N GLY D 188 -11.37 -9.66 -2.20
CA GLY D 188 -11.39 -8.20 -2.26
C GLY D 188 -12.10 -7.68 -3.49
N PHE D 189 -12.70 -6.50 -3.39
CA PHE D 189 -13.14 -5.82 -4.62
C PHE D 189 -11.94 -5.40 -5.52
N ASP D 190 -10.80 -5.11 -4.89
CA ASP D 190 -9.53 -4.88 -5.61
C ASP D 190 -8.92 -6.22 -6.05
N ALA D 191 -9.73 -7.07 -6.68
CA ALA D 191 -9.37 -8.47 -6.99
C ALA D 191 -8.10 -8.61 -7.85
N PHE D 192 -7.88 -7.67 -8.76
CA PHE D 192 -6.77 -7.79 -9.70
C PHE D 192 -5.56 -6.91 -9.38
N ALA D 193 -4.38 -7.47 -9.57
CA ALA D 193 -3.16 -6.68 -9.54
C ALA D 193 -2.37 -6.83 -10.85
N SER D 194 -1.40 -5.93 -11.02
CA SER D 194 -0.48 -5.85 -12.15
C SER D 194 0.92 -5.67 -11.48
N PRO D 195 1.44 -6.75 -10.89
CA PRO D 195 2.56 -6.62 -9.95
C PRO D 195 3.84 -6.04 -10.55
N ASN D 196 4.04 -6.19 -11.85
CA ASN D 196 5.28 -5.74 -12.49
C ASN D 196 5.14 -4.56 -13.45
N LEU D 197 3.96 -3.94 -13.48
CA LEU D 197 3.74 -2.77 -14.33
C LEU D 197 2.68 -1.89 -13.64
N PRO D 198 2.90 -0.56 -13.57
CA PRO D 198 1.84 0.30 -13.03
C PRO D 198 0.56 0.24 -13.89
N PRO D 199 -0.59 0.74 -13.35
CA PRO D 199 -1.82 0.82 -14.15
C PRO D 199 -1.67 1.70 -15.39
N LEU D 200 -2.52 1.51 -16.39
CA LEU D 200 -2.51 2.39 -17.55
C LEU D 200 -3.29 3.68 -17.27
N LEU D 201 -4.23 3.60 -16.32
CA LEU D 201 -5.20 4.67 -16.05
C LEU D 201 -5.80 4.47 -14.66
N GLU D 202 -6.09 5.56 -13.95
CA GLU D 202 -6.75 5.46 -12.66
C GLU D 202 -7.95 6.42 -12.63
N ALA D 203 -9.07 5.96 -12.07
CA ALA D 203 -10.30 6.74 -12.00
C ALA D 203 -10.53 7.33 -10.60
N GLY D 204 -10.73 8.65 -10.54
CA GLY D 204 -11.11 9.31 -9.31
C GLY D 204 -12.19 10.31 -9.66
N ILE D 205 -12.14 11.50 -9.06
CA ILE D 205 -12.98 12.62 -9.51
C ILE D 205 -12.73 12.82 -11.01
N HIS D 206 -11.46 12.71 -11.40
CA HIS D 206 -11.03 12.80 -12.79
C HIS D 206 -10.45 11.46 -13.23
N ILE D 207 -10.49 11.17 -14.53
CA ILE D 207 -9.85 9.98 -15.07
C ILE D 207 -8.45 10.41 -15.44
N ARG D 208 -7.46 9.80 -14.82
CA ARG D 208 -6.06 10.13 -15.05
C ARG D 208 -5.35 9.00 -15.79
N ARG D 209 -4.84 9.32 -16.98
CA ARG D 209 -4.01 8.45 -17.78
C ARG D 209 -2.56 8.52 -17.29
N LEU D 210 -1.94 7.37 -17.02
CA LEU D 210 -0.59 7.35 -16.45
C LEU D 210 0.45 7.18 -17.56
N ASN D 211 1.72 7.48 -17.29
CA ASN D 211 2.68 7.56 -18.40
C ASN D 211 3.38 6.23 -18.74
N THR D 212 2.71 5.13 -18.38
CA THR D 212 3.19 3.78 -18.67
C THR D 212 3.51 3.68 -20.16
N PRO D 213 4.73 3.21 -20.51
CA PRO D 213 5.15 3.16 -21.91
C PRO D 213 4.34 2.17 -22.75
N PRO D 214 4.17 2.47 -24.05
CA PRO D 214 3.23 1.70 -24.86
C PRO D 214 3.80 0.37 -25.32
N ALA D 215 2.90 -0.57 -25.61
CA ALA D 215 3.27 -1.88 -26.13
C ALA D 215 3.60 -1.76 -27.61
N PRO D 216 4.27 -2.78 -28.18
CA PRO D 216 4.56 -2.76 -29.63
C PRO D 216 3.27 -2.77 -30.45
N HIS D 217 3.25 -2.00 -31.53
CA HIS D 217 2.02 -1.82 -32.31
C HIS D 217 2.18 -2.00 -33.81
N GLY D 218 1.30 -2.81 -34.40
CA GLY D 218 1.28 -2.99 -35.86
C GLY D 218 0.39 -1.98 -36.55
N GLU D 219 0.02 -2.25 -37.79
CA GLU D 219 -0.80 -1.28 -38.56
C GLU D 219 -1.60 -1.95 -39.64
N GLY D 220 -2.82 -1.46 -39.85
CA GLY D 220 -3.70 -2.07 -40.85
C GLY D 220 -4.84 -2.81 -40.18
N GLU D 221 -5.45 -3.75 -40.91
CA GLU D 221 -6.64 -4.42 -40.38
C GLU D 221 -6.26 -5.44 -39.31
N LEU D 222 -7.19 -5.66 -38.39
CA LEU D 222 -7.04 -6.59 -37.28
C LEU D 222 -6.76 -7.99 -37.85
N ILE D 223 -5.81 -8.68 -37.25
CA ILE D 223 -5.46 -10.06 -37.58
C ILE D 223 -5.62 -10.89 -36.31
N VAL D 224 -6.38 -11.98 -36.41
CA VAL D 224 -6.51 -12.90 -35.28
C VAL D 224 -5.56 -14.04 -35.57
N HIS D 225 -4.64 -14.27 -34.63
CA HIS D 225 -3.80 -15.45 -34.62
C HIS D 225 -4.51 -16.54 -33.85
N PRO D 226 -5.01 -17.56 -34.58
CA PRO D 226 -5.80 -18.55 -33.88
C PRO D 226 -4.94 -19.50 -33.04
N ILE D 227 -5.63 -20.22 -32.15
CA ILE D 227 -4.98 -21.27 -31.38
C ILE D 227 -5.63 -22.65 -31.57
N THR D 228 -4.85 -23.68 -31.31
CA THR D 228 -5.36 -25.03 -31.31
C THR D 228 -4.78 -25.70 -30.07
N PRO D 229 -5.41 -26.77 -29.53
CA PRO D 229 -5.02 -27.28 -28.18
C PRO D 229 -3.52 -27.59 -27.99
N GLN D 230 -2.97 -27.23 -26.83
CA GLN D 230 -1.55 -27.43 -26.54
C GLN D 230 -1.35 -27.97 -25.13
N PRO D 231 -0.77 -29.19 -25.02
CA PRO D 231 -0.54 -29.77 -23.70
C PRO D 231 0.64 -29.07 -23.02
N ILE D 232 0.34 -28.37 -21.92
CA ILE D 232 1.33 -27.57 -21.18
C ILE D 232 1.24 -27.90 -19.70
N GLY D 233 2.39 -28.22 -19.11
CA GLY D 233 2.46 -28.48 -17.68
C GLY D 233 2.89 -27.25 -16.90
N VAL D 234 2.42 -27.16 -15.66
CA VAL D 234 2.81 -26.07 -14.77
C VAL D 234 3.37 -26.65 -13.46
N VAL D 235 4.70 -26.74 -13.37
CA VAL D 235 5.35 -27.31 -12.19
C VAL D 235 5.65 -26.20 -11.21
N THR D 236 5.26 -26.41 -9.97
CA THR D 236 5.67 -25.54 -8.89
C THR D 236 6.90 -26.15 -8.24
N ILE D 237 7.96 -25.35 -8.07
CA ILE D 237 9.18 -25.77 -7.36
C ILE D 237 8.93 -25.56 -5.85
N TYR D 238 9.14 -26.62 -5.08
CA TYR D 238 8.91 -26.59 -3.63
C TYR D 238 9.83 -27.66 -3.06
N PRO D 239 10.26 -27.50 -1.81
CA PRO D 239 11.23 -28.43 -1.22
C PRO D 239 10.74 -29.88 -1.22
N GLY D 240 11.60 -30.80 -1.66
CA GLY D 240 11.25 -32.21 -1.72
C GLY D 240 10.74 -32.68 -3.10
N ILE D 241 10.49 -31.73 -4.01
CA ILE D 241 10.14 -32.07 -5.39
C ILE D 241 11.24 -32.89 -6.06
N SER D 242 10.88 -34.01 -6.66
CA SER D 242 11.86 -34.93 -7.26
C SER D 242 12.04 -34.77 -8.76
N ALA D 243 13.10 -35.39 -9.28
CA ALA D 243 13.33 -35.48 -10.72
C ALA D 243 12.26 -36.34 -11.41
N ASP D 244 11.59 -37.22 -10.66
CA ASP D 244 10.48 -38.05 -11.17
C ASP D 244 9.23 -37.25 -11.55
N VAL D 245 9.16 -36.00 -11.10
CA VAL D 245 8.09 -35.06 -11.48
C VAL D 245 8.26 -34.62 -12.94
N VAL D 246 9.44 -34.12 -13.28
CA VAL D 246 9.75 -33.70 -14.67
C VAL D 246 9.61 -34.90 -15.61
N ARG D 247 10.06 -36.07 -15.15
CA ARG D 247 9.91 -37.33 -15.90
C ARG D 247 8.44 -37.66 -16.15
N ASN D 248 7.58 -37.43 -15.14
CA ASN D 248 6.14 -37.70 -15.25
C ASN D 248 5.43 -36.85 -16.30
N PHE D 249 5.75 -35.56 -16.35
CA PHE D 249 5.21 -34.65 -17.37
C PHE D 249 5.63 -35.03 -18.79
N LEU D 250 6.81 -35.64 -18.90
CA LEU D 250 7.37 -36.12 -20.18
C LEU D 250 6.77 -37.43 -20.69
N ARG D 251 5.51 -37.73 -20.34
CA ARG D 251 4.89 -39.02 -20.73
C ARG D 251 4.04 -38.95 -22.01
N GLN D 252 3.09 -38.01 -22.04
CA GLN D 252 2.17 -37.86 -23.18
C GLN D 252 1.51 -36.48 -23.24
N PRO D 253 1.22 -35.85 -22.08
CA PRO D 253 0.48 -34.60 -22.18
C PRO D 253 1.32 -33.32 -22.10
N VAL D 254 2.50 -33.27 -22.73
CA VAL D 254 3.32 -32.03 -22.67
C VAL D 254 4.20 -31.62 -23.88
N LYS D 255 3.99 -30.39 -24.36
CA LYS D 255 4.84 -29.78 -25.38
C LYS D 255 5.66 -28.61 -24.82
N ALA D 256 5.30 -28.21 -23.61
CA ALA D 256 5.93 -27.08 -22.89
C ALA D 256 5.76 -27.32 -21.41
N LEU D 257 6.73 -26.83 -20.65
CA LEU D 257 6.69 -26.90 -19.20
C LEU D 257 7.00 -25.52 -18.67
N ILE D 258 6.16 -25.01 -17.81
CA ILE D 258 6.42 -23.76 -17.13
C ILE D 258 6.90 -24.19 -15.74
N LEU D 259 7.96 -23.54 -15.27
CA LEU D 259 8.51 -23.80 -13.95
C LEU D 259 8.24 -22.57 -13.09
N ARG D 260 7.53 -22.75 -11.98
CA ARG D 260 7.36 -21.65 -11.04
C ARG D 260 8.47 -21.80 -10.01
N SER D 261 9.65 -21.27 -10.35
CA SER D 261 10.85 -21.35 -9.52
C SER D 261 10.87 -20.34 -8.39
N TYR D 262 11.84 -20.48 -7.49
CA TYR D 262 11.98 -19.57 -6.36
C TYR D 262 12.62 -18.26 -6.76
N GLY D 263 12.24 -17.18 -6.06
CA GLY D 263 12.94 -15.92 -6.16
C GLY D 263 13.21 -15.54 -7.59
N VAL D 264 14.48 -15.29 -7.93
CA VAL D 264 14.81 -14.77 -9.28
C VAL D 264 15.01 -15.90 -10.29
N GLY D 265 14.43 -17.06 -10.01
CA GLY D 265 14.38 -18.15 -10.98
C GLY D 265 15.25 -19.31 -10.55
N ASN D 266 15.28 -19.60 -9.25
CA ASN D 266 16.14 -20.66 -8.71
C ASN D 266 15.42 -21.99 -8.49
N ALA D 267 16.08 -23.08 -8.85
CA ALA D 267 15.51 -24.41 -8.66
C ALA D 267 16.59 -25.36 -8.10
N PRO D 268 16.20 -26.50 -7.50
CA PRO D 268 17.24 -27.46 -7.05
C PRO D 268 18.26 -27.74 -8.16
N GLN D 269 19.54 -27.71 -7.83
CA GLN D 269 20.57 -27.85 -8.86
C GLN D 269 21.18 -29.26 -8.90
N ASN D 270 20.48 -30.21 -8.28
CA ASN D 270 20.92 -31.61 -8.29
C ASN D 270 20.87 -32.21 -9.70
N LYS D 271 21.85 -33.07 -10.00
CA LYS D 271 22.08 -33.52 -11.36
C LYS D 271 20.89 -34.29 -11.97
N ALA D 272 20.16 -35.01 -11.13
CA ALA D 272 19.02 -35.79 -11.63
C ALA D 272 17.94 -34.85 -12.19
N PHE D 273 17.63 -33.81 -11.42
CA PHE D 273 16.66 -32.80 -11.82
C PHE D 273 17.10 -32.10 -13.09
N LEU D 274 18.35 -31.63 -13.13
CA LEU D 274 18.88 -30.90 -14.29
C LEU D 274 18.99 -31.76 -15.56
N GLN D 275 19.19 -33.07 -15.37
CA GLN D 275 19.18 -34.02 -16.50
C GLN D 275 17.80 -34.28 -17.09
N GLU D 276 16.79 -34.42 -16.24
CA GLU D 276 15.41 -34.56 -16.66
C GLU D 276 14.94 -33.35 -17.48
N LEU D 277 15.40 -32.17 -17.08
CA LEU D 277 15.10 -30.93 -17.80
C LEU D 277 15.82 -30.88 -19.14
N GLN D 278 17.08 -31.28 -19.17
CA GLN D 278 17.81 -31.31 -20.43
C GLN D 278 17.23 -32.37 -21.37
N GLU D 279 16.84 -33.53 -20.83
CA GLU D 279 16.12 -34.54 -21.59
C GLU D 279 14.82 -33.98 -22.21
N ALA D 280 14.08 -33.22 -21.41
CA ALA D 280 12.83 -32.61 -21.87
C ALA D 280 13.09 -31.70 -23.07
N SER D 281 14.07 -30.80 -22.93
CA SER D 281 14.43 -29.87 -24.00
C SER D 281 15.02 -30.58 -25.22
N ASP D 282 15.79 -31.66 -24.98
CA ASP D 282 16.27 -32.51 -26.07
C ASP D 282 15.15 -33.14 -26.91
N ARG D 283 14.00 -33.35 -26.29
CA ARG D 283 12.80 -33.86 -26.99
C ARG D 283 11.96 -32.78 -27.67
N GLY D 284 12.38 -31.52 -27.54
CA GLY D 284 11.67 -30.41 -28.18
C GLY D 284 10.57 -29.81 -27.30
N ILE D 285 10.65 -30.09 -26.01
CA ILE D 285 9.73 -29.50 -25.05
C ILE D 285 10.28 -28.10 -24.69
N VAL D 286 9.45 -27.07 -24.79
CA VAL D 286 9.91 -25.73 -24.45
C VAL D 286 9.78 -25.57 -22.94
N VAL D 287 10.92 -25.41 -22.28
CA VAL D 287 10.92 -25.23 -20.83
C VAL D 287 11.21 -23.76 -20.51
N VAL D 288 10.29 -23.15 -19.77
CA VAL D 288 10.32 -21.72 -19.41
C VAL D 288 10.31 -21.48 -17.91
N ASN D 289 11.33 -20.75 -17.43
CA ASN D 289 11.55 -20.44 -16.02
C ASN D 289 10.88 -19.12 -15.60
N LEU D 290 9.89 -19.22 -14.71
CA LEU D 290 9.22 -18.05 -14.13
C LEU D 290 9.49 -17.99 -12.63
N THR D 291 9.21 -16.83 -12.02
CA THR D 291 9.18 -16.78 -10.56
C THR D 291 7.80 -17.14 -10.03
N GLN D 292 7.76 -17.88 -8.92
CA GLN D 292 6.49 -18.18 -8.23
C GLN D 292 6.06 -16.96 -7.42
N CYS D 293 6.98 -16.01 -7.26
CA CYS D 293 6.71 -14.77 -6.48
C CYS D 293 5.67 -13.91 -7.21
N MET D 294 4.91 -13.12 -6.45
CA MET D 294 3.93 -12.17 -7.00
C MET D 294 4.60 -11.18 -7.94
N SER D 295 5.71 -10.60 -7.50
CA SER D 295 6.46 -9.67 -8.33
C SER D 295 7.92 -10.05 -8.42
N GLY D 296 8.60 -9.53 -9.46
CA GLY D 296 10.03 -9.69 -9.66
C GLY D 296 10.33 -10.29 -11.02
N LYS D 297 11.62 -10.53 -11.27
CA LYS D 297 12.10 -10.88 -12.61
C LYS D 297 13.11 -11.98 -12.54
N VAL D 298 12.93 -12.99 -13.38
CA VAL D 298 13.92 -14.04 -13.34
C VAL D 298 15.21 -13.59 -14.01
N ASN D 299 16.32 -14.01 -13.43
CA ASN D 299 17.67 -13.70 -13.91
C ASN D 299 18.47 -14.97 -14.26
N ALA D 308 23.83 -23.66 -15.57
CA ALA D 308 22.81 -24.09 -14.63
C ALA D 308 21.59 -24.59 -15.41
N LEU D 309 20.47 -23.89 -15.23
CA LEU D 309 19.23 -24.16 -15.94
C LEU D 309 19.37 -23.80 -17.41
N ALA D 310 20.07 -22.69 -17.67
CA ALA D 310 20.35 -22.22 -19.02
C ALA D 310 21.08 -23.30 -19.82
N HIS D 311 22.11 -23.89 -19.20
CA HIS D 311 22.87 -24.98 -19.82
C HIS D 311 22.04 -26.25 -20.00
N ALA D 312 20.90 -26.33 -19.32
CA ALA D 312 19.97 -27.45 -19.48
C ALA D 312 18.83 -27.14 -20.45
N GLY D 313 18.94 -26.03 -21.18
CA GLY D 313 17.98 -25.64 -22.21
C GLY D 313 16.77 -24.83 -21.75
N VAL D 314 16.69 -24.54 -20.46
CA VAL D 314 15.62 -23.73 -19.86
C VAL D 314 15.71 -22.26 -20.30
N ILE D 315 14.58 -21.69 -20.70
CA ILE D 315 14.53 -20.31 -21.19
C ILE D 315 13.95 -19.48 -20.08
N GLY D 316 14.54 -18.31 -19.83
CA GLY D 316 14.04 -17.40 -18.79
C GLY D 316 12.82 -16.60 -19.22
N GLY D 317 11.77 -16.60 -18.41
CA GLY D 317 10.58 -15.87 -18.72
C GLY D 317 10.53 -14.44 -18.14
N ALA D 318 11.69 -13.88 -17.78
CA ALA D 318 11.79 -12.53 -17.23
C ALA D 318 10.74 -12.27 -16.11
N ASP D 319 9.94 -11.21 -16.21
CA ASP D 319 8.96 -10.86 -15.18
C ASP D 319 7.53 -11.26 -15.61
N MET D 320 7.40 -12.18 -16.56
CA MET D 320 6.07 -12.63 -17.01
C MET D 320 5.33 -13.39 -15.92
N THR D 321 4.00 -13.19 -15.88
CA THR D 321 3.10 -13.96 -15.06
C THR D 321 2.93 -15.35 -15.65
N VAL D 322 2.39 -16.27 -14.86
CA VAL D 322 1.93 -17.57 -15.38
C VAL D 322 0.86 -17.41 -16.47
N GLU D 323 -0.06 -16.46 -16.27
CA GLU D 323 -1.14 -16.21 -17.21
C GLU D 323 -0.56 -15.72 -18.56
N ALA D 324 0.38 -14.77 -18.53
CA ALA D 324 1.05 -14.33 -19.77
C ALA D 324 1.81 -15.48 -20.46
N THR D 325 2.57 -16.23 -19.68
CA THR D 325 3.45 -17.31 -20.18
C THR D 325 2.66 -18.47 -20.78
N LEU D 326 1.63 -18.92 -20.07
CA LEU D 326 0.76 -19.99 -20.52
C LEU D 326 0.08 -19.58 -21.84
N THR D 327 -0.42 -18.33 -21.89
CA THR D 327 -1.13 -17.90 -23.10
C THR D 327 -0.20 -17.61 -24.29
N LYS D 328 0.98 -17.04 -24.02
CA LYS D 328 2.05 -16.85 -25.00
C LYS D 328 2.44 -18.19 -25.63
N LEU D 329 2.55 -19.23 -24.82
CA LEU D 329 2.91 -20.58 -25.33
C LEU D 329 1.80 -21.11 -26.24
N HIS D 330 0.55 -21.03 -25.77
CA HIS D 330 -0.60 -21.38 -26.61
C HIS D 330 -0.55 -20.69 -27.99
N TYR D 331 -0.27 -19.38 -27.98
CA TYR D 331 -0.12 -18.60 -29.21
C TYR D 331 1.01 -19.14 -30.10
N LEU D 332 2.23 -19.20 -29.54
CA LEU D 332 3.43 -19.55 -30.29
C LEU D 332 3.42 -21.00 -30.77
N LEU D 333 3.04 -21.93 -29.90
CA LEU D 333 2.96 -23.37 -30.27
C LEU D 333 1.90 -23.66 -31.33
N SER D 334 0.88 -22.81 -31.43
CA SER D 334 -0.15 -23.04 -32.44
C SER D 334 0.31 -22.58 -33.83
N GLN D 335 1.45 -21.87 -33.90
CA GLN D 335 2.08 -21.46 -35.15
C GLN D 335 3.06 -22.53 -35.68
N GLU D 336 3.33 -22.52 -36.98
CA GLU D 336 4.32 -23.45 -37.53
C GLU D 336 5.73 -22.89 -37.32
N LEU D 337 6.18 -22.95 -36.08
CA LEU D 337 7.46 -22.45 -35.69
C LEU D 337 8.26 -23.58 -35.13
N ASP D 338 9.54 -23.60 -35.50
CA ASP D 338 10.47 -24.55 -34.94
C ASP D 338 10.73 -24.19 -33.48
N THR D 339 11.26 -25.17 -32.74
CA THR D 339 11.48 -25.07 -31.32
C THR D 339 12.39 -23.89 -30.94
N GLU D 340 13.46 -23.70 -31.71
CA GLU D 340 14.43 -22.63 -31.45
C GLU D 340 13.76 -21.25 -31.55
N THR D 341 12.90 -21.09 -32.56
CA THR D 341 12.19 -19.83 -32.77
C THR D 341 11.21 -19.51 -31.63
N ILE D 342 10.46 -20.50 -31.19
CA ILE D 342 9.54 -20.36 -30.06
C ILE D 342 10.28 -20.00 -28.77
N ARG D 343 11.41 -20.67 -28.55
CA ARG D 343 12.23 -20.41 -27.36
C ARG D 343 12.66 -18.95 -27.33
N LYS D 344 13.15 -18.48 -28.48
CA LYS D 344 13.60 -17.11 -28.64
C LYS D 344 12.49 -16.11 -28.37
N ALA D 345 11.30 -16.43 -28.88
CA ALA D 345 10.16 -15.53 -28.88
C ALA D 345 9.57 -15.39 -27.49
N MET D 346 9.74 -16.45 -26.70
CA MET D 346 9.28 -16.50 -25.31
C MET D 346 9.93 -15.43 -24.44
N SER D 347 11.21 -15.13 -24.71
CA SER D 347 11.98 -14.16 -23.92
C SER D 347 11.89 -12.73 -24.49
N GLN D 348 11.22 -12.59 -25.63
CA GLN D 348 11.07 -11.31 -26.32
C GLN D 348 9.73 -10.67 -25.93
N ASN D 349 9.71 -9.34 -25.81
CA ASN D 349 8.51 -8.60 -25.49
C ASN D 349 7.68 -8.44 -26.76
N LEU D 350 6.62 -9.24 -26.88
CA LEU D 350 5.76 -9.28 -28.08
C LEU D 350 4.59 -8.32 -28.00
N ARG D 351 4.08 -8.08 -26.79
CA ARG D 351 2.84 -7.33 -26.59
C ARG D 351 2.83 -6.50 -25.32
N GLY D 352 3.98 -6.30 -24.67
CA GLY D 352 4.03 -5.53 -23.43
C GLY D 352 3.96 -6.41 -22.18
N GLU D 353 4.08 -7.73 -22.35
CA GLU D 353 3.90 -8.66 -21.23
C GLU D 353 5.20 -8.84 -20.41
N LEU D 354 6.33 -8.39 -20.95
CA LEU D 354 7.57 -8.48 -20.21
C LEU D 354 8.45 -7.24 -20.34
N THR D 355 9.39 -7.10 -19.41
CA THR D 355 10.30 -5.94 -19.39
C THR D 355 11.68 -6.35 -19.89
N PRO D 356 12.09 -5.85 -21.07
CA PRO D 356 13.41 -6.27 -21.54
C PRO D 356 14.57 -5.62 -20.76
N ASP D 357 15.73 -6.26 -20.83
CA ASP D 357 16.96 -5.76 -20.20
C ASP D 357 17.35 -4.38 -20.67
CL CL E . -5.77 12.37 -4.57
CL CL F . 4.57 6.91 11.87
N ASP G . 14.84 16.54 15.42
CA ASP G . 15.89 15.85 14.62
C ASP G . 16.29 16.73 13.45
O ASP G . 17.43 17.20 13.37
CB ASP G . 15.38 14.49 14.14
CG ASP G . 16.46 13.66 13.49
OD1 ASP G . 16.75 13.83 12.29
OXT ASP G . 15.48 17.00 12.55
N ASN H . 17.08 15.78 15.48
CA ASN H . 15.84 15.88 14.66
C ASN H . 16.04 16.62 13.33
O ASN H . 15.21 16.52 12.44
CB ASN H . 14.67 16.48 15.46
CG ASN H . 14.85 17.97 15.78
OD1 ASN H . 15.28 18.77 14.95
ND2 ASN H . 14.47 18.35 17.00
OXT ASN H . 17.03 17.34 13.15
N ASN I . -0.71 19.16 1.80
CA ASN I . -0.36 18.52 3.10
C ASN I . -0.36 19.60 4.17
O ASN I . 0.27 19.42 5.22
CB ASN I . 1.01 17.84 3.02
CG ASN I . 2.11 18.80 2.61
OD1 ASN I . 1.82 19.89 2.14
ND2 ASN I . 3.37 18.38 2.78
OXT ASN I . -0.99 20.63 3.96
C1 EDO J . 0.57 18.33 -1.62
O1 EDO J . 0.51 17.56 -0.41
C2 EDO J . -0.87 18.70 -1.98
O2 EDO J . -1.60 17.51 -2.35
C1 EDO K . -6.23 18.69 8.61
O1 EDO K . -5.42 18.53 7.45
C2 EDO K . -5.94 20.09 9.17
O2 EDO K . -4.52 20.11 9.43
CL CL L . -8.69 -11.12 -0.43
CL CL M . 10.05 -7.46 -6.63
N ASP N . 19.02 -18.37 -3.70
CA ASP N . 19.41 -17.79 -2.38
C ASP N . 18.76 -18.57 -1.25
O ASP N . 19.39 -19.44 -0.63
CB ASP N . 19.06 -16.30 -2.30
CG ASP N . 19.69 -15.62 -1.09
OD1 ASP N . 19.14 -15.75 0.02
OD2 ASP N . 20.76 -14.98 -1.28
OXT ASP N . 17.59 -18.38 -0.92
N ASN O . 21.37 -18.20 -2.36
CA ASN O . 19.91 -17.96 -2.22
C ASN O . 19.31 -18.70 -1.02
O ASN O . 18.08 -18.73 -0.86
CB ASN O . 19.17 -18.34 -3.51
CG ASN O . 19.16 -19.84 -3.77
OD1 ASN O . 18.94 -20.66 -2.87
ND2 ASN O . 19.33 -20.21 -5.03
OXT ASN O . 20.02 -19.27 -0.19
N ASN P . -1.59 -18.69 -2.65
CA ASN P . -0.36 -18.20 -3.38
C ASN P . 0.17 -19.33 -4.24
O ASN P . 1.37 -19.40 -4.56
CB ASN P . 0.70 -17.69 -2.37
CG ASN P . 1.19 -18.79 -1.42
OD1 ASN P . 0.60 -19.85 -1.31
ND2 ASN P . 2.30 -18.54 -0.76
OXT ASN P . -0.63 -20.23 -4.59
C1 EDO Q . -3.85 -17.94 0.40
O1 EDO Q . -4.67 -16.76 0.30
C2 EDO Q . -2.46 -17.53 0.84
O2 EDO Q . -1.79 -16.94 -0.25
C1 EDO R . 20.58 -5.04 29.02
O1 EDO R . 19.71 -6.18 29.08
C2 EDO R . 21.86 -5.46 28.31
O2 EDO R . 21.56 -6.00 27.00
C1 EDO S . -1.38 -17.68 -11.03
O1 EDO S . -1.61 -17.57 -9.61
C2 EDO S . -1.24 -19.18 -11.28
O2 EDO S . 0.09 -19.53 -10.88
N ASP T . -17.40 20.57 -1.73
CA ASP T . -18.29 19.41 -1.45
C ASP T . -18.55 19.26 0.06
O ASP T . -19.63 19.62 0.55
CB ASP T . -17.70 18.11 -2.03
CG ASP T . -18.68 16.95 -2.01
OD1 ASP T . -18.83 16.31 -0.95
OD2 ASP T . -19.29 16.65 -3.07
OXT ASP T . -17.68 18.82 0.82
N ASN U . -19.46 19.72 -1.92
CA ASN U . -18.29 19.44 -1.03
C ASN U . -18.68 19.27 0.43
O ASN U . -17.87 18.85 1.25
CB ASN U . -17.21 20.53 -1.18
CG ASN U . -17.63 21.88 -0.63
OD1 ASN U . -18.16 22.00 0.49
ND2 ASN U . -17.37 22.93 -1.40
OXT ASN U . -19.81 19.57 0.83
N ASN V . -1.64 15.44 11.50
CA ASN V . -1.95 15.78 10.08
C ASN V . -2.09 17.27 9.91
O ASN V . -2.77 17.73 8.99
CB ASN V . -3.22 15.06 9.59
CG ASN V . -4.44 15.44 10.38
OD1 ASN V . -4.33 16.01 11.46
ND2 ASN V . -5.61 15.07 9.87
OXT ASN V . -1.55 18.03 10.71
C1 EDO W . -2.62 12.45 13.21
O1 EDO W . -2.49 12.67 11.81
C2 EDO W . -1.24 12.72 13.83
O2 EDO W . -0.42 11.57 13.60
C1 EDO X . 3.47 20.11 6.05
O1 EDO X . 2.74 19.15 6.85
C2 EDO X . 3.11 21.49 6.63
O2 EDO X . 1.69 21.67 6.48
N ASP Y . -16.61 -18.37 -10.37
CA ASP Y . -17.13 -17.12 -10.98
C ASP Y . -16.52 -16.94 -12.37
O ASP Y . -17.23 -17.00 -13.38
CB ASP Y . -16.81 -15.91 -10.08
CG ASP Y . -17.50 -14.64 -10.53
OD1 ASP Y . -16.97 -13.95 -11.44
OD2 ASP Y . -18.58 -14.35 -9.96
OXT ASP Y . -15.31 -16.72 -12.52
N ASN Z . -18.55 -17.28 -11.20
CA ASN Z . -17.10 -17.01 -10.98
C ASN Z . -16.34 -16.71 -12.26
O ASN Z . -15.17 -16.30 -12.23
CB ASN Z . -16.44 -18.18 -10.25
CG ASN Z . -16.46 -19.47 -11.07
OD1 ASN Z . -16.15 -19.49 -12.26
ND2 ASN Z . -16.82 -20.56 -10.42
OXT ASN Z . -16.90 -16.89 -13.36
N ASN AA . 4.08 -15.33 -10.34
CA ASN AA . 2.86 -15.69 -9.53
C ASN AA . 2.53 -17.16 -9.65
O ASN AA . 1.41 -17.60 -9.38
CB ASN AA . 1.65 -14.84 -9.96
CG ASN AA . 1.30 -15.02 -11.43
OD1 ASN AA . 2.05 -15.61 -12.19
ND2 ASN AA . 0.16 -14.53 -11.81
OXT ASN AA . 3.40 -17.96 -10.05
C1 EDO BA . 6.11 -12.53 -12.10
O1 EDO BA . 6.76 -11.58 -11.24
C2 EDO BA . 4.63 -12.19 -12.18
O2 EDO BA . 4.01 -12.49 -10.94
C1 EDO CA . -14.50 -15.17 -5.99
O1 EDO CA . -13.10 -14.83 -5.91
C2 EDO CA . -14.78 -16.17 -7.13
O2 EDO CA . -14.10 -17.43 -6.96
C1 EDO DA . -2.82 4.43 -30.82
O1 EDO DA . -1.72 3.49 -30.70
C2 EDO DA . -3.21 4.99 -29.44
O2 EDO DA . -3.44 3.94 -28.48
C1 EDO EA . -20.20 12.72 -25.59
O1 EDO EA . -19.47 12.78 -24.34
C2 EDO EA . -21.64 12.26 -25.39
O2 EDO EA . -21.72 10.81 -25.31
C1 EDO FA . 4.14 -21.56 -4.27
O1 EDO FA . 2.80 -21.64 -4.81
C2 EDO FA . 4.22 -20.25 -3.49
O2 EDO FA . 4.36 -19.16 -4.45
#